data_5QSL
# 
_entry.id   5QSL 
# 
_audit_conform.dict_name       mmcif_pdbx.dic 
_audit_conform.dict_version    5.387 
_audit_conform.dict_location   http://mmcif.pdb.org/dictionaries/ascii/mmcif_pdbx.dic 
# 
loop_
_database_2.database_id 
_database_2.database_code 
_database_2.pdbx_database_accession 
_database_2.pdbx_DOI 
PDB   5QSL         pdb_00005qsl 10.2210/pdb5qsl/pdb 
WWPDB D_1001402354 ?            ?                   
# 
loop_
_pdbx_audit_revision_history.ordinal 
_pdbx_audit_revision_history.data_content_type 
_pdbx_audit_revision_history.major_revision 
_pdbx_audit_revision_history.minor_revision 
_pdbx_audit_revision_history.revision_date 
1 'Structure model' 1 0 2019-07-10 
2 'Structure model' 1 1 2019-08-07 
3 'Structure model' 1 2 2024-03-06 
# 
_pdbx_audit_revision_details.ordinal             1 
_pdbx_audit_revision_details.revision_ordinal    1 
_pdbx_audit_revision_details.data_content_type   'Structure model' 
_pdbx_audit_revision_details.provider            repository 
_pdbx_audit_revision_details.type                'Initial release' 
_pdbx_audit_revision_details.description         ? 
_pdbx_audit_revision_details.details             ? 
# 
loop_
_pdbx_audit_revision_group.ordinal 
_pdbx_audit_revision_group.revision_ordinal 
_pdbx_audit_revision_group.data_content_type 
_pdbx_audit_revision_group.group 
1 2 'Structure model' 'Author supporting evidence' 
2 2 'Structure model' 'Data collection'            
3 2 'Structure model' 'Structure summary'          
4 3 'Structure model' 'Data collection'            
5 3 'Structure model' 'Database references'        
6 3 'Structure model' 'Derived calculations'       
# 
loop_
_pdbx_audit_revision_category.ordinal 
_pdbx_audit_revision_category.revision_ordinal 
_pdbx_audit_revision_category.data_content_type 
_pdbx_audit_revision_category.category 
1 2 'Structure model' pdbx_entity_instance_feature 
2 2 'Structure model' pdbx_entry_details           
3 3 'Structure model' chem_comp_atom               
4 3 'Structure model' chem_comp_bond               
5 3 'Structure model' database_2                   
6 3 'Structure model' pdbx_struct_conn_angle       
7 3 'Structure model' struct_conn                  
# 
loop_
_pdbx_audit_revision_item.ordinal 
_pdbx_audit_revision_item.revision_ordinal 
_pdbx_audit_revision_item.data_content_type 
_pdbx_audit_revision_item.item 
1  3 'Structure model' '_database_2.pdbx_DOI'                        
2  3 'Structure model' '_database_2.pdbx_database_accession'         
3  3 'Structure model' '_pdbx_struct_conn_angle.ptnr1_auth_comp_id'  
4  3 'Structure model' '_pdbx_struct_conn_angle.ptnr1_auth_seq_id'   
5  3 'Structure model' '_pdbx_struct_conn_angle.ptnr1_label_alt_id'  
6  3 'Structure model' '_pdbx_struct_conn_angle.ptnr1_label_asym_id' 
7  3 'Structure model' '_pdbx_struct_conn_angle.ptnr1_label_atom_id' 
8  3 'Structure model' '_pdbx_struct_conn_angle.ptnr1_label_comp_id' 
9  3 'Structure model' '_pdbx_struct_conn_angle.ptnr1_label_seq_id'  
10 3 'Structure model' '_pdbx_struct_conn_angle.ptnr1_symmetry'      
11 3 'Structure model' '_pdbx_struct_conn_angle.ptnr2_auth_seq_id'   
12 3 'Structure model' '_pdbx_struct_conn_angle.ptnr2_label_asym_id' 
13 3 'Structure model' '_pdbx_struct_conn_angle.ptnr3_auth_comp_id'  
14 3 'Structure model' '_pdbx_struct_conn_angle.ptnr3_auth_seq_id'   
15 3 'Structure model' '_pdbx_struct_conn_angle.ptnr3_label_alt_id'  
16 3 'Structure model' '_pdbx_struct_conn_angle.ptnr3_label_asym_id' 
17 3 'Structure model' '_pdbx_struct_conn_angle.ptnr3_label_atom_id' 
18 3 'Structure model' '_pdbx_struct_conn_angle.ptnr3_label_comp_id' 
19 3 'Structure model' '_pdbx_struct_conn_angle.ptnr3_label_seq_id'  
20 3 'Structure model' '_pdbx_struct_conn_angle.ptnr3_symmetry'      
21 3 'Structure model' '_pdbx_struct_conn_angle.value'               
22 3 'Structure model' '_struct_conn.pdbx_dist_value'                
23 3 'Structure model' '_struct_conn.pdbx_ptnr1_label_alt_id'        
24 3 'Structure model' '_struct_conn.ptnr1_auth_comp_id'             
25 3 'Structure model' '_struct_conn.ptnr1_auth_seq_id'              
26 3 'Structure model' '_struct_conn.ptnr1_label_asym_id'            
27 3 'Structure model' '_struct_conn.ptnr1_label_atom_id'            
28 3 'Structure model' '_struct_conn.ptnr1_label_comp_id'            
29 3 'Structure model' '_struct_conn.ptnr1_label_seq_id'             
30 3 'Structure model' '_struct_conn.ptnr2_auth_comp_id'             
31 3 'Structure model' '_struct_conn.ptnr2_auth_seq_id'              
32 3 'Structure model' '_struct_conn.ptnr2_label_asym_id'            
33 3 'Structure model' '_struct_conn.ptnr2_label_atom_id'            
34 3 'Structure model' '_struct_conn.ptnr2_label_comp_id'            
35 3 'Structure model' '_struct_conn.ptnr2_symmetry'                 
# 
_pdbx_database_status.entry_id                        5QSL 
_pdbx_database_status.status_code                     REL 
_pdbx_database_status.status_code_sf                  REL 
_pdbx_database_status.status_code_mr                  ? 
_pdbx_database_status.status_code_cs                  ? 
_pdbx_database_status.recvd_initial_deposition_date   2019-05-25 
_pdbx_database_status.deposit_site                    RCSB 
_pdbx_database_status.process_site                    RCSB 
_pdbx_database_status.SG_entry                        ? 
_pdbx_database_status.pdb_format_compatible           Y 
_pdbx_database_status.methods_development_category    ? 
_pdbx_database_status.status_code_nmr_data            ? 
# 
loop_
_audit_author.name 
_audit_author.pdbx_ordinal 
'Newman, J.A.'        1  
'Gavard, A.E.'        2  
'Fernandez-Cid, A.'   3  
'Sherestha, L.'       4  
'Burgess-Brown, N.A.' 5  
'von Delft, F.'       6  
'Arrowsmith, C.H.'    7  
'Edwards, A.'         8  
'Bountra, C.'         9  
'Gileadi, O.'         10 
# 
_citation.id                        primary 
_citation.title                     'PanDDA analysis group deposition' 
_citation.journal_abbrev            'To Be Published' 
_citation.journal_volume            ? 
_citation.page_first                ? 
_citation.page_last                 ? 
_citation.year                      ? 
_citation.journal_id_ASTM           ? 
_citation.country                   ? 
_citation.journal_id_ISSN           ? 
_citation.journal_id_CSD            0353 
_citation.book_publisher            ? 
_citation.pdbx_database_id_PubMed   ? 
_citation.pdbx_database_id_DOI      ? 
# 
loop_
_citation_author.citation_id 
_citation_author.name 
_citation_author.identifier_ORCID 
_citation_author.ordinal 
primary 'Newman, J.A.'        ? 1  
primary 'Gavard, A.E.'        ? 2  
primary 'Fernandez-Cid, A.'   ? 3  
primary 'Sherestha, L.'       ? 4  
primary 'Burgess-Brown, N.A.' ? 5  
primary 'von Delft, F.'       ? 6  
primary 'Arrowsmith, C.H.'    ? 7  
primary 'Edwards, A.'         ? 8  
primary 'Bountra, C.'         ? 9  
primary 'Gileadi, O.'         ? 10 
# 
loop_
_entity.id 
_entity.type 
_entity.src_method 
_entity.pdbx_description 
_entity.formula_weight 
_entity.pdbx_number_of_molecules 
_entity.pdbx_ec 
_entity.pdbx_mutation 
_entity.pdbx_fragment 
_entity.details 
1 polymer     man 'T-box transcription factor T'   19597.586 1  ? ? ? ? 
2 non-polymer syn 'CADMIUM ION'                    112.411   6  ? ? ? ? 
3 non-polymer syn N-methyl-1H-indole-7-carboxamide 174.199   1  ? ? ? ? 
4 water       nat water                            18.015    71 ? ? ? ? 
# 
_entity_name_com.entity_id   1 
_entity_name_com.name        'Brachyury protein,Protein T' 
# 
_entity_poly.entity_id                      1 
_entity_poly.type                           'polypeptide(L)' 
_entity_poly.nstd_linkage                   no 
_entity_poly.nstd_monomer                   no 
_entity_poly.pdbx_seq_one_letter_code       
;GELRVGLEESELWLRFKELTNEMIVTKNGRRMFPVLKVNVSGLDPNAMYSFLLDFVAADNHRWKYVNGEWVPGGKPEPQA
PSCVYIHPDSPNFGAHWMKAPVSFSKVKLTNKLNGGGQIMLNSLHKYEPRIHIVRVGGPQRMITSHCFPETQFIAVTAYQ
NEEITALKIKYN
;
_entity_poly.pdbx_seq_one_letter_code_can   
;GELRVGLEESELWLRFKELTNEMIVTKNGRRMFPVLKVNVSGLDPNAMYSFLLDFVAADNHRWKYVNGEWVPGGKPEPQA
PSCVYIHPDSPNFGAHWMKAPVSFSKVKLTNKLNGGGQIMLNSLHKYEPRIHIVRVGGPQRMITSHCFPETQFIAVTAYQ
NEEITALKIKYN
;
_entity_poly.pdbx_strand_id                 A 
_entity_poly.pdbx_target_identifier         ? 
# 
loop_
_pdbx_entity_nonpoly.entity_id 
_pdbx_entity_nonpoly.name 
_pdbx_entity_nonpoly.comp_id 
2 'CADMIUM ION'                    CD  
3 N-methyl-1H-indole-7-carboxamide O2A 
4 water                            HOH 
# 
loop_
_entity_poly_seq.entity_id 
_entity_poly_seq.num 
_entity_poly_seq.mon_id 
_entity_poly_seq.hetero 
1 1   GLY n 
1 2   GLU n 
1 3   LEU n 
1 4   ARG n 
1 5   VAL n 
1 6   GLY n 
1 7   LEU n 
1 8   GLU n 
1 9   GLU n 
1 10  SER n 
1 11  GLU n 
1 12  LEU n 
1 13  TRP n 
1 14  LEU n 
1 15  ARG n 
1 16  PHE n 
1 17  LYS n 
1 18  GLU n 
1 19  LEU n 
1 20  THR n 
1 21  ASN n 
1 22  GLU n 
1 23  MET n 
1 24  ILE n 
1 25  VAL n 
1 26  THR n 
1 27  LYS n 
1 28  ASN n 
1 29  GLY n 
1 30  ARG n 
1 31  ARG n 
1 32  MET n 
1 33  PHE n 
1 34  PRO n 
1 35  VAL n 
1 36  LEU n 
1 37  LYS n 
1 38  VAL n 
1 39  ASN n 
1 40  VAL n 
1 41  SER n 
1 42  GLY n 
1 43  LEU n 
1 44  ASP n 
1 45  PRO n 
1 46  ASN n 
1 47  ALA n 
1 48  MET n 
1 49  TYR n 
1 50  SER n 
1 51  PHE n 
1 52  LEU n 
1 53  LEU n 
1 54  ASP n 
1 55  PHE n 
1 56  VAL n 
1 57  ALA n 
1 58  ALA n 
1 59  ASP n 
1 60  ASN n 
1 61  HIS n 
1 62  ARG n 
1 63  TRP n 
1 64  LYS n 
1 65  TYR n 
1 66  VAL n 
1 67  ASN n 
1 68  GLY n 
1 69  GLU n 
1 70  TRP n 
1 71  VAL n 
1 72  PRO n 
1 73  GLY n 
1 74  GLY n 
1 75  LYS n 
1 76  PRO n 
1 77  GLU n 
1 78  PRO n 
1 79  GLN n 
1 80  ALA n 
1 81  PRO n 
1 82  SER n 
1 83  CYS n 
1 84  VAL n 
1 85  TYR n 
1 86  ILE n 
1 87  HIS n 
1 88  PRO n 
1 89  ASP n 
1 90  SER n 
1 91  PRO n 
1 92  ASN n 
1 93  PHE n 
1 94  GLY n 
1 95  ALA n 
1 96  HIS n 
1 97  TRP n 
1 98  MET n 
1 99  LYS n 
1 100 ALA n 
1 101 PRO n 
1 102 VAL n 
1 103 SER n 
1 104 PHE n 
1 105 SER n 
1 106 LYS n 
1 107 VAL n 
1 108 LYS n 
1 109 LEU n 
1 110 THR n 
1 111 ASN n 
1 112 LYS n 
1 113 LEU n 
1 114 ASN n 
1 115 GLY n 
1 116 GLY n 
1 117 GLY n 
1 118 GLN n 
1 119 ILE n 
1 120 MET n 
1 121 LEU n 
1 122 ASN n 
1 123 SER n 
1 124 LEU n 
1 125 HIS n 
1 126 LYS n 
1 127 TYR n 
1 128 GLU n 
1 129 PRO n 
1 130 ARG n 
1 131 ILE n 
1 132 HIS n 
1 133 ILE n 
1 134 VAL n 
1 135 ARG n 
1 136 VAL n 
1 137 GLY n 
1 138 GLY n 
1 139 PRO n 
1 140 GLN n 
1 141 ARG n 
1 142 MET n 
1 143 ILE n 
1 144 THR n 
1 145 SER n 
1 146 HIS n 
1 147 CYS n 
1 148 PHE n 
1 149 PRO n 
1 150 GLU n 
1 151 THR n 
1 152 GLN n 
1 153 PHE n 
1 154 ILE n 
1 155 ALA n 
1 156 VAL n 
1 157 THR n 
1 158 ALA n 
1 159 TYR n 
1 160 GLN n 
1 161 ASN n 
1 162 GLU n 
1 163 GLU n 
1 164 ILE n 
1 165 THR n 
1 166 ALA n 
1 167 LEU n 
1 168 LYS n 
1 169 ILE n 
1 170 LYS n 
1 171 TYR n 
1 172 ASN n 
# 
_entity_src_gen.entity_id                          1 
_entity_src_gen.pdbx_src_id                        1 
_entity_src_gen.pdbx_alt_source_flag               sample 
_entity_src_gen.pdbx_seq_type                      'Biological sequence' 
_entity_src_gen.pdbx_beg_seq_num                   1 
_entity_src_gen.pdbx_end_seq_num                   172 
_entity_src_gen.gene_src_common_name               Human 
_entity_src_gen.gene_src_genus                     ? 
_entity_src_gen.pdbx_gene_src_gene                 'TBXT, T' 
_entity_src_gen.gene_src_species                   ? 
_entity_src_gen.gene_src_strain                    ? 
_entity_src_gen.gene_src_tissue                    ? 
_entity_src_gen.gene_src_tissue_fraction           ? 
_entity_src_gen.gene_src_details                   ? 
_entity_src_gen.pdbx_gene_src_fragment             ? 
_entity_src_gen.pdbx_gene_src_scientific_name      'Homo sapiens' 
_entity_src_gen.pdbx_gene_src_ncbi_taxonomy_id     9606 
_entity_src_gen.pdbx_gene_src_variant              ? 
_entity_src_gen.pdbx_gene_src_cell_line            ? 
_entity_src_gen.pdbx_gene_src_atcc                 ? 
_entity_src_gen.pdbx_gene_src_organ                ? 
_entity_src_gen.pdbx_gene_src_organelle            ? 
_entity_src_gen.pdbx_gene_src_cell                 ? 
_entity_src_gen.pdbx_gene_src_cellular_location    ? 
_entity_src_gen.host_org_common_name               ? 
_entity_src_gen.pdbx_host_org_scientific_name      'Escherichia coli' 
_entity_src_gen.pdbx_host_org_ncbi_taxonomy_id     562 
_entity_src_gen.host_org_genus                     ? 
_entity_src_gen.pdbx_host_org_gene                 ? 
_entity_src_gen.pdbx_host_org_organ                ? 
_entity_src_gen.host_org_species                   ? 
_entity_src_gen.pdbx_host_org_tissue               ? 
_entity_src_gen.pdbx_host_org_tissue_fraction      ? 
_entity_src_gen.pdbx_host_org_strain               ? 
_entity_src_gen.pdbx_host_org_variant              ? 
_entity_src_gen.pdbx_host_org_cell_line            ? 
_entity_src_gen.pdbx_host_org_atcc                 ? 
_entity_src_gen.pdbx_host_org_culture_collection   ? 
_entity_src_gen.pdbx_host_org_cell                 ? 
_entity_src_gen.pdbx_host_org_organelle            ? 
_entity_src_gen.pdbx_host_org_cellular_location    ? 
_entity_src_gen.pdbx_host_org_vector_type          ? 
_entity_src_gen.pdbx_host_org_vector               ? 
_entity_src_gen.host_org_details                   ? 
_entity_src_gen.expression_system_id               ? 
_entity_src_gen.plasmid_name                       ? 
_entity_src_gen.plasmid_details                    ? 
_entity_src_gen.pdbx_description                   ? 
# 
loop_
_chem_comp.id 
_chem_comp.type 
_chem_comp.mon_nstd_flag 
_chem_comp.name 
_chem_comp.pdbx_synonyms 
_chem_comp.formula 
_chem_comp.formula_weight 
ALA 'L-peptide linking' y ALANINE                          ? 'C3 H7 N O2'     89.093  
ARG 'L-peptide linking' y ARGININE                         ? 'C6 H15 N4 O2 1' 175.209 
ASN 'L-peptide linking' y ASPARAGINE                       ? 'C4 H8 N2 O3'    132.118 
ASP 'L-peptide linking' y 'ASPARTIC ACID'                  ? 'C4 H7 N O4'     133.103 
CD  non-polymer         . 'CADMIUM ION'                    ? 'Cd 2'           112.411 
CYS 'L-peptide linking' y CYSTEINE                         ? 'C3 H7 N O2 S'   121.158 
GLN 'L-peptide linking' y GLUTAMINE                        ? 'C5 H10 N2 O3'   146.144 
GLU 'L-peptide linking' y 'GLUTAMIC ACID'                  ? 'C5 H9 N O4'     147.129 
GLY 'peptide linking'   y GLYCINE                          ? 'C2 H5 N O2'     75.067  
HIS 'L-peptide linking' y HISTIDINE                        ? 'C6 H10 N3 O2 1' 156.162 
HOH non-polymer         . WATER                            ? 'H2 O'           18.015  
ILE 'L-peptide linking' y ISOLEUCINE                       ? 'C6 H13 N O2'    131.173 
LEU 'L-peptide linking' y LEUCINE                          ? 'C6 H13 N O2'    131.173 
LYS 'L-peptide linking' y LYSINE                           ? 'C6 H15 N2 O2 1' 147.195 
MET 'L-peptide linking' y METHIONINE                       ? 'C5 H11 N O2 S'  149.211 
O2A non-polymer         . N-methyl-1H-indole-7-carboxamide ? 'C10 H10 N2 O'   174.199 
PHE 'L-peptide linking' y PHENYLALANINE                    ? 'C9 H11 N O2'    165.189 
PRO 'L-peptide linking' y PROLINE                          ? 'C5 H9 N O2'     115.130 
SER 'L-peptide linking' y SERINE                           ? 'C3 H7 N O3'     105.093 
THR 'L-peptide linking' y THREONINE                        ? 'C4 H9 N O3'     119.119 
TRP 'L-peptide linking' y TRYPTOPHAN                       ? 'C11 H12 N2 O2'  204.225 
TYR 'L-peptide linking' y TYROSINE                         ? 'C9 H11 N O3'    181.189 
VAL 'L-peptide linking' y VALINE                           ? 'C5 H11 N O2'    117.146 
# 
loop_
_pdbx_poly_seq_scheme.asym_id 
_pdbx_poly_seq_scheme.entity_id 
_pdbx_poly_seq_scheme.seq_id 
_pdbx_poly_seq_scheme.mon_id 
_pdbx_poly_seq_scheme.ndb_seq_num 
_pdbx_poly_seq_scheme.pdb_seq_num 
_pdbx_poly_seq_scheme.auth_seq_num 
_pdbx_poly_seq_scheme.pdb_mon_id 
_pdbx_poly_seq_scheme.auth_mon_id 
_pdbx_poly_seq_scheme.pdb_strand_id 
_pdbx_poly_seq_scheme.pdb_ins_code 
_pdbx_poly_seq_scheme.hetero 
A 1 1   GLY 1   40  ?   ?   ?   A . n 
A 1 2   GLU 2   41  41  GLU GLU A . n 
A 1 3   LEU 3   42  42  LEU LEU A . n 
A 1 4   ARG 4   43  43  ARG ARG A . n 
A 1 5   VAL 5   44  44  VAL VAL A . n 
A 1 6   GLY 6   45  45  GLY GLY A . n 
A 1 7   LEU 7   46  46  LEU LEU A . n 
A 1 8   GLU 8   47  47  GLU GLU A . n 
A 1 9   GLU 9   48  48  GLU GLU A . n 
A 1 10  SER 10  49  49  SER SER A . n 
A 1 11  GLU 11  50  50  GLU GLU A . n 
A 1 12  LEU 12  51  51  LEU LEU A . n 
A 1 13  TRP 13  52  52  TRP TRP A . n 
A 1 14  LEU 14  53  53  LEU LEU A . n 
A 1 15  ARG 15  54  54  ARG ARG A . n 
A 1 16  PHE 16  55  55  PHE PHE A . n 
A 1 17  LYS 17  56  56  LYS LYS A . n 
A 1 18  GLU 18  57  57  GLU GLU A . n 
A 1 19  LEU 19  58  58  LEU LEU A . n 
A 1 20  THR 20  59  59  THR THR A . n 
A 1 21  ASN 21  60  60  ASN ASN A . n 
A 1 22  GLU 22  61  61  GLU GLU A . n 
A 1 23  MET 23  62  62  MET MET A . n 
A 1 24  ILE 24  63  63  ILE ILE A . n 
A 1 25  VAL 25  64  64  VAL VAL A . n 
A 1 26  THR 26  65  65  THR THR A . n 
A 1 27  LYS 27  66  66  LYS LYS A . n 
A 1 28  ASN 28  67  67  ASN ASN A . n 
A 1 29  GLY 29  68  68  GLY GLY A . n 
A 1 30  ARG 30  69  69  ARG ARG A . n 
A 1 31  ARG 31  70  70  ARG ARG A . n 
A 1 32  MET 32  71  71  MET MET A . n 
A 1 33  PHE 33  72  72  PHE PHE A . n 
A 1 34  PRO 34  73  73  PRO PRO A . n 
A 1 35  VAL 35  74  74  VAL VAL A . n 
A 1 36  LEU 36  75  75  LEU LEU A . n 
A 1 37  LYS 37  76  76  LYS LYS A . n 
A 1 38  VAL 38  77  77  VAL VAL A . n 
A 1 39  ASN 39  78  78  ASN ASN A . n 
A 1 40  VAL 40  79  79  VAL VAL A . n 
A 1 41  SER 41  80  80  SER SER A . n 
A 1 42  GLY 42  81  81  GLY GLY A . n 
A 1 43  LEU 43  82  82  LEU LEU A . n 
A 1 44  ASP 44  83  83  ASP ASP A . n 
A 1 45  PRO 45  84  84  PRO PRO A . n 
A 1 46  ASN 46  85  85  ASN ASN A . n 
A 1 47  ALA 47  86  86  ALA ALA A . n 
A 1 48  MET 48  87  87  MET MET A . n 
A 1 49  TYR 49  88  88  TYR TYR A . n 
A 1 50  SER 50  89  89  SER SER A . n 
A 1 51  PHE 51  90  90  PHE PHE A . n 
A 1 52  LEU 52  91  91  LEU LEU A . n 
A 1 53  LEU 53  92  92  LEU LEU A . n 
A 1 54  ASP 54  93  93  ASP ASP A . n 
A 1 55  PHE 55  94  94  PHE PHE A . n 
A 1 56  VAL 56  95  95  VAL VAL A . n 
A 1 57  ALA 57  96  96  ALA ALA A . n 
A 1 58  ALA 58  97  97  ALA ALA A . n 
A 1 59  ASP 59  98  98  ASP ASP A . n 
A 1 60  ASN 60  99  99  ASN ASN A . n 
A 1 61  HIS 61  100 100 HIS HIS A . n 
A 1 62  ARG 62  101 101 ARG ARG A . n 
A 1 63  TRP 63  102 102 TRP TRP A . n 
A 1 64  LYS 64  103 103 LYS LYS A . n 
A 1 65  TYR 65  104 104 TYR TYR A . n 
A 1 66  VAL 66  105 105 VAL VAL A . n 
A 1 67  ASN 67  106 106 ASN ASN A . n 
A 1 68  GLY 68  107 107 GLY GLY A . n 
A 1 69  GLU 69  108 108 GLU GLU A . n 
A 1 70  TRP 70  109 109 TRP TRP A . n 
A 1 71  VAL 71  110 110 VAL VAL A . n 
A 1 72  PRO 72  111 111 PRO PRO A . n 
A 1 73  GLY 73  112 112 GLY GLY A . n 
A 1 74  GLY 74  113 113 GLY GLY A . n 
A 1 75  LYS 75  114 114 LYS LYS A . n 
A 1 76  PRO 76  115 115 PRO PRO A . n 
A 1 77  GLU 77  116 116 GLU GLU A . n 
A 1 78  PRO 78  117 117 PRO PRO A . n 
A 1 79  GLN 79  118 118 GLN GLN A . n 
A 1 80  ALA 80  119 119 ALA ALA A . n 
A 1 81  PRO 81  120 120 PRO PRO A . n 
A 1 82  SER 82  121 121 SER SER A . n 
A 1 83  CYS 83  122 122 CYS CYS A . n 
A 1 84  VAL 84  123 123 VAL VAL A . n 
A 1 85  TYR 85  124 124 TYR TYR A . n 
A 1 86  ILE 86  125 125 ILE ILE A . n 
A 1 87  HIS 87  126 126 HIS HIS A . n 
A 1 88  PRO 88  127 127 PRO PRO A . n 
A 1 89  ASP 89  128 128 ASP ASP A . n 
A 1 90  SER 90  129 129 SER SER A . n 
A 1 91  PRO 91  130 130 PRO PRO A . n 
A 1 92  ASN 92  131 131 ASN ASN A . n 
A 1 93  PHE 93  132 132 PHE PHE A . n 
A 1 94  GLY 94  133 133 GLY GLY A . n 
A 1 95  ALA 95  134 134 ALA ALA A . n 
A 1 96  HIS 96  135 135 HIS HIS A . n 
A 1 97  TRP 97  136 136 TRP TRP A . n 
A 1 98  MET 98  137 137 MET MET A . n 
A 1 99  LYS 99  138 138 LYS LYS A . n 
A 1 100 ALA 100 139 139 ALA ALA A . n 
A 1 101 PRO 101 140 140 PRO PRO A . n 
A 1 102 VAL 102 141 141 VAL VAL A . n 
A 1 103 SER 103 142 142 SER SER A . n 
A 1 104 PHE 104 143 143 PHE PHE A . n 
A 1 105 SER 105 144 144 SER SER A . n 
A 1 106 LYS 106 145 145 LYS LYS A . n 
A 1 107 VAL 107 146 146 VAL VAL A . n 
A 1 108 LYS 108 147 147 LYS LYS A . n 
A 1 109 LEU 109 148 148 LEU LEU A . n 
A 1 110 THR 110 149 149 THR THR A . n 
A 1 111 ASN 111 150 150 ASN ASN A . n 
A 1 112 LYS 112 151 151 LYS LYS A . n 
A 1 113 LEU 113 152 152 LEU LEU A . n 
A 1 114 ASN 114 153 153 ASN ASN A . n 
A 1 115 GLY 115 154 154 GLY GLY A . n 
A 1 116 GLY 116 155 155 GLY GLY A . n 
A 1 117 GLY 117 156 156 GLY GLY A . n 
A 1 118 GLN 118 157 157 GLN GLN A . n 
A 1 119 ILE 119 158 158 ILE ILE A . n 
A 1 120 MET 120 159 159 MET MET A . n 
A 1 121 LEU 121 160 160 LEU LEU A . n 
A 1 122 ASN 122 161 161 ASN ASN A . n 
A 1 123 SER 123 162 162 SER SER A . n 
A 1 124 LEU 124 163 163 LEU LEU A . n 
A 1 125 HIS 125 164 164 HIS HIS A . n 
A 1 126 LYS 126 165 165 LYS LYS A . n 
A 1 127 TYR 127 166 166 TYR TYR A . n 
A 1 128 GLU 128 167 167 GLU GLU A . n 
A 1 129 PRO 129 168 168 PRO PRO A . n 
A 1 130 ARG 130 169 169 ARG ARG A . n 
A 1 131 ILE 131 170 170 ILE ILE A . n 
A 1 132 HIS 132 171 171 HIS HIS A . n 
A 1 133 ILE 133 172 172 ILE ILE A . n 
A 1 134 VAL 134 173 173 VAL VAL A . n 
A 1 135 ARG 135 174 174 ARG ARG A . n 
A 1 136 VAL 136 175 175 VAL VAL A . n 
A 1 137 GLY 137 176 176 GLY GLY A . n 
A 1 138 GLY 138 177 177 GLY GLY A . n 
A 1 139 PRO 139 178 178 PRO PRO A . n 
A 1 140 GLN 140 179 179 GLN GLN A . n 
A 1 141 ARG 141 180 180 ARG ARG A . n 
A 1 142 MET 142 181 181 MET MET A . n 
A 1 143 ILE 143 182 182 ILE ILE A . n 
A 1 144 THR 144 183 183 THR THR A . n 
A 1 145 SER 145 184 184 SER SER A . n 
A 1 146 HIS 146 185 185 HIS HIS A . n 
A 1 147 CYS 147 186 186 CYS CYS A . n 
A 1 148 PHE 148 187 187 PHE PHE A . n 
A 1 149 PRO 149 188 188 PRO PRO A . n 
A 1 150 GLU 150 189 189 GLU GLU A . n 
A 1 151 THR 151 190 190 THR THR A . n 
A 1 152 GLN 152 191 191 GLN GLN A . n 
A 1 153 PHE 153 192 192 PHE PHE A . n 
A 1 154 ILE 154 193 193 ILE ILE A . n 
A 1 155 ALA 155 194 194 ALA ALA A . n 
A 1 156 VAL 156 195 195 VAL VAL A . n 
A 1 157 THR 157 196 196 THR THR A . n 
A 1 158 ALA 158 197 197 ALA ALA A . n 
A 1 159 TYR 159 198 198 TYR TYR A . n 
A 1 160 GLN 160 199 199 GLN GLN A . n 
A 1 161 ASN 161 200 200 ASN ASN A . n 
A 1 162 GLU 162 201 201 GLU GLU A . n 
A 1 163 GLU 163 202 202 GLU GLU A . n 
A 1 164 ILE 164 203 203 ILE ILE A . n 
A 1 165 THR 165 204 204 THR THR A . n 
A 1 166 ALA 166 205 205 ALA ALA A . n 
A 1 167 LEU 167 206 206 LEU LEU A . n 
A 1 168 LYS 168 207 207 LYS LYS A . n 
A 1 169 ILE 169 208 208 ILE ILE A . n 
A 1 170 LYS 170 209 209 LYS LYS A . n 
A 1 171 TYR 171 210 210 TYR TYR A . n 
A 1 172 ASN 172 211 211 ASN ASN A . n 
# 
loop_
_pdbx_nonpoly_scheme.asym_id 
_pdbx_nonpoly_scheme.entity_id 
_pdbx_nonpoly_scheme.mon_id 
_pdbx_nonpoly_scheme.ndb_seq_num 
_pdbx_nonpoly_scheme.pdb_seq_num 
_pdbx_nonpoly_scheme.auth_seq_num 
_pdbx_nonpoly_scheme.pdb_mon_id 
_pdbx_nonpoly_scheme.auth_mon_id 
_pdbx_nonpoly_scheme.pdb_strand_id 
_pdbx_nonpoly_scheme.pdb_ins_code 
B 2 CD  1  301 1  CD  CD  A . 
C 2 CD  1  302 2  CD  CD  A . 
D 2 CD  1  303 3  CD  CD  A . 
E 2 CD  1  304 4  CD  CD  A . 
F 2 CD  1  305 5  CD  CD  A . 
G 2 CD  1  306 6  CD  CD  A . 
H 3 O2A 1  307 1  O2A LIG A . 
I 4 HOH 1  401 79 HOH HOH A . 
I 4 HOH 2  402 52 HOH HOH A . 
I 4 HOH 3  403 21 HOH HOH A . 
I 4 HOH 4  404 60 HOH HOH A . 
I 4 HOH 5  405 65 HOH HOH A . 
I 4 HOH 6  406 71 HOH HOH A . 
I 4 HOH 7  407 41 HOH HOH A . 
I 4 HOH 8  408 44 HOH HOH A . 
I 4 HOH 9  409 50 HOH HOH A . 
I 4 HOH 10 410 1  HOH HOH A . 
I 4 HOH 11 411 16 HOH HOH A . 
I 4 HOH 12 412 48 HOH HOH A . 
I 4 HOH 13 413 1  HOH HOH A . 
I 4 HOH 14 414 53 HOH HOH A . 
I 4 HOH 15 415 31 HOH HOH A . 
I 4 HOH 16 416 75 HOH HOH A . 
I 4 HOH 17 417 4  HOH HOH A . 
I 4 HOH 18 418 52 HOH HOH A . 
I 4 HOH 19 419 24 HOH HOH A . 
I 4 HOH 20 420 14 HOH HOH A . 
I 4 HOH 21 421 58 HOH HOH A . 
I 4 HOH 22 422 54 HOH HOH A . 
I 4 HOH 23 423 61 HOH HOH A . 
I 4 HOH 24 424 67 HOH HOH A . 
I 4 HOH 25 425 18 HOH HOH A . 
I 4 HOH 26 426 33 HOH HOH A . 
I 4 HOH 27 427 45 HOH HOH A . 
I 4 HOH 28 428 6  HOH HOH A . 
I 4 HOH 29 429 51 HOH HOH A . 
I 4 HOH 30 430 14 HOH HOH A . 
I 4 HOH 31 431 8  HOH HOH A . 
I 4 HOH 32 432 73 HOH HOH A . 
I 4 HOH 33 433 69 HOH HOH A . 
I 4 HOH 34 434 57 HOH HOH A . 
I 4 HOH 35 435 11 HOH HOH A . 
I 4 HOH 36 436 70 HOH HOH A . 
I 4 HOH 37 437 47 HOH HOH A . 
I 4 HOH 38 438 28 HOH HOH A . 
I 4 HOH 39 439 32 HOH HOH A . 
I 4 HOH 40 440 55 HOH HOH A . 
I 4 HOH 41 441 49 HOH HOH A . 
I 4 HOH 42 442 8  HOH HOH A . 
I 4 HOH 43 443 2  HOH HOH A . 
I 4 HOH 44 444 45 HOH HOH A . 
I 4 HOH 45 445 77 HOH HOH A . 
I 4 HOH 46 446 19 HOH HOH A . 
I 4 HOH 47 447 12 HOH HOH A . 
I 4 HOH 48 448 66 HOH HOH A . 
I 4 HOH 49 449 4  HOH HOH A . 
I 4 HOH 50 450 64 HOH HOH A . 
I 4 HOH 51 451 23 HOH HOH A . 
I 4 HOH 52 452 46 HOH HOH A . 
I 4 HOH 53 453 5  HOH HOH A . 
I 4 HOH 54 454 7  HOH HOH A . 
I 4 HOH 55 455 56 HOH HOH A . 
I 4 HOH 56 456 3  HOH HOH A . 
I 4 HOH 57 457 3  HOH HOH A . 
I 4 HOH 58 458 18 HOH HOH A . 
I 4 HOH 59 459 10 HOH HOH A . 
I 4 HOH 60 460 10 HOH HOH A . 
I 4 HOH 61 461 30 HOH HOH A . 
I 4 HOH 62 462 6  HOH HOH A . 
I 4 HOH 63 463 72 HOH HOH A . 
I 4 HOH 64 464 59 HOH HOH A . 
I 4 HOH 65 465 13 HOH HOH A . 
I 4 HOH 66 466 62 HOH HOH A . 
I 4 HOH 67 467 17 HOH HOH A . 
I 4 HOH 68 468 43 HOH HOH A . 
I 4 HOH 69 469 16 HOH HOH A . 
I 4 HOH 70 470 78 HOH HOH A . 
I 4 HOH 71 471 17 HOH HOH A . 
# 
loop_
_pdbx_unobs_or_zero_occ_atoms.id 
_pdbx_unobs_or_zero_occ_atoms.PDB_model_num 
_pdbx_unobs_or_zero_occ_atoms.polymer_flag 
_pdbx_unobs_or_zero_occ_atoms.occupancy_flag 
_pdbx_unobs_or_zero_occ_atoms.auth_asym_id 
_pdbx_unobs_or_zero_occ_atoms.auth_comp_id 
_pdbx_unobs_or_zero_occ_atoms.auth_seq_id 
_pdbx_unobs_or_zero_occ_atoms.PDB_ins_code 
_pdbx_unobs_or_zero_occ_atoms.auth_atom_id 
_pdbx_unobs_or_zero_occ_atoms.label_alt_id 
_pdbx_unobs_or_zero_occ_atoms.label_asym_id 
_pdbx_unobs_or_zero_occ_atoms.label_comp_id 
_pdbx_unobs_or_zero_occ_atoms.label_seq_id 
_pdbx_unobs_or_zero_occ_atoms.label_atom_id 
1 1 Y 1 A ARG 43 ? CG  ? A ARG 4 CG  
2 1 Y 1 A ARG 43 ? CD  ? A ARG 4 CD  
3 1 Y 1 A ARG 43 ? NE  ? A ARG 4 NE  
4 1 Y 1 A ARG 43 ? CZ  ? A ARG 4 CZ  
5 1 Y 1 A ARG 43 ? NH1 ? A ARG 4 NH1 
6 1 Y 1 A ARG 43 ? NH2 ? A ARG 4 NH2 
# 
loop_
_software.pdbx_ordinal 
_software.name 
_software.version 
_software.date 
_software.type 
_software.contact_author 
_software.contact_author_email 
_software.classification 
_software.location 
_software.language 
_software.citation_id 
1 REFMAC      5.8.0238 ?               program 'Garib N. Murshudov' garib@ysbl.york.ac.uk    refinement        
http://www.ccp4.ac.uk/dist/html/refmac5.html        Fortran_77 ? 
2 Aimless     0.7.1    27/03/18        program 'Phil Evans'         ?                        'data scaling'    
http://www.mrc-lmb.cam.ac.uk/harry/pre/aimless.html ?          ? 
3 PDB_EXTRACT 3.23     'SEP. 23, 2016' package PDB                  deposit@deposit.rcsb.org 'data extraction' 
http://sw-tools.pdb.org/apps/PDB_EXTRACT/           C++        ? 
4 XDS         .        ?               program ?                    ?                        'data reduction'  ? ?          ? 
5 REFMAC      .        ?               program ?                    ?                        phasing           ? ?          ? 
# 
_cell.entry_id           5QSL 
_cell.length_a           59.902 
_cell.length_b           59.902 
_cell.length_c           109.696 
_cell.angle_alpha        90.000 
_cell.angle_beta         90.000 
_cell.angle_gamma        90.000 
_cell.Z_PDB              8 
_cell.pdbx_unique_axis   ? 
# 
_symmetry.entry_id                         5QSL 
_symmetry.Int_Tables_number                91 
_symmetry.space_group_name_H-M             'P 41 2 2' 
_symmetry.pdbx_full_space_group_name_H-M   ? 
_symmetry.cell_setting                     ? 
# 
_exptl.crystals_number   1 
_exptl.entry_id          5QSL 
_exptl.method            'X-RAY DIFFRACTION' 
# 
_exptl_crystal.id                    1 
_exptl_crystal.pdbx_mosaicity        0.000 
_exptl_crystal.pdbx_mosaicity_esd    ? 
_exptl_crystal.density_Matthews      2.51 
_exptl_crystal.density_diffrn        ? 
_exptl_crystal.density_meas          ? 
_exptl_crystal.density_meas_temp     ? 
_exptl_crystal.density_percent_sol   51.01 
_exptl_crystal.size_max              ? 
_exptl_crystal.size_mid              ? 
_exptl_crystal.size_min              ? 
_exptl_crystal.size_rad              ? 
_exptl_crystal.description           ? 
_exptl_crystal.preparation           ? 
# 
_exptl_crystal_grow.crystal_id      1 
_exptl_crystal_grow.method          'VAPOR DIFFUSION, SITTING DROP' 
_exptl_crystal_grow.pH              4.5 
_exptl_crystal_grow.temp            298 
_exptl_crystal_grow.pdbx_details    '0.1 M CdCl, 0.1 M Acetate pH 4.5, 32% PEG 400' 
_exptl_crystal_grow.temp_details    ? 
_exptl_crystal_grow.pdbx_pH_range   ? 
# 
_diffrn.id                               1 
_diffrn.ambient_temp                     100 
_diffrn.crystal_id                       1 
_diffrn.ambient_temp_details             ? 
_diffrn.pdbx_serial_crystal_experiment   ? 
# 
_diffrn_detector.detector               PIXEL 
_diffrn_detector.type                   'DECTRIS PILATUS 6M' 
_diffrn_detector.pdbx_collection_date   2018-07-21 
_diffrn_detector.diffrn_id              1 
_diffrn_detector.details                ? 
# 
_diffrn_radiation.diffrn_id                        1 
_diffrn_radiation.wavelength_id                    1 
_diffrn_radiation.pdbx_diffrn_protocol             'SINGLE WAVELENGTH' 
_diffrn_radiation.pdbx_monochromatic_or_laue_m_l   M 
_diffrn_radiation.monochromator                    ? 
_diffrn_radiation.pdbx_scattering_type             x-ray 
# 
_diffrn_radiation_wavelength.id           1 
_diffrn_radiation_wavelength.wavelength   0.91587 
_diffrn_radiation_wavelength.wt           1.0 
# 
_diffrn_source.diffrn_id                   1 
_diffrn_source.source                      SYNCHROTRON 
_diffrn_source.type                        'DIAMOND BEAMLINE I04-1' 
_diffrn_source.pdbx_wavelength_list        0.91587 
_diffrn_source.pdbx_synchrotron_site       Diamond 
_diffrn_source.pdbx_synchrotron_beamline   I04-1 
_diffrn_source.pdbx_wavelength             ? 
# 
_reflns.entry_id                     5QSL 
_reflns.pdbx_diffrn_id               1 
_reflns.pdbx_ordinal                 1 
_reflns.observed_criterion_sigma_I   ? 
_reflns.observed_criterion_sigma_F   ? 
_reflns.d_resolution_low             59.900 
_reflns.d_resolution_high            1.960 
_reflns.number_obs                   14992 
_reflns.number_all                   ? 
_reflns.percent_possible_obs         99.700 
_reflns.pdbx_Rmerge_I_obs            0.198 
_reflns.pdbx_Rsym_value              ? 
_reflns.pdbx_netI_over_sigmaI        7.400 
_reflns.B_iso_Wilson_estimate        ? 
_reflns.pdbx_redundancy              11.600 
_reflns.pdbx_Rrim_I_all              0.208 
_reflns.pdbx_Rpim_I_all              0.061 
_reflns.pdbx_CC_half                 0.996 
_reflns.pdbx_netI_over_av_sigmaI     ? 
_reflns.pdbx_number_measured_all     174189 
_reflns.pdbx_scaling_rejects         449 
_reflns.pdbx_chi_squared             ? 
_reflns.Rmerge_F_all                 ? 
_reflns.Rmerge_F_obs                 ? 
_reflns.observed_criterion_F_max     ? 
_reflns.observed_criterion_F_min     ? 
_reflns.observed_criterion_I_max     ? 
_reflns.observed_criterion_I_min     ? 
_reflns.pdbx_d_res_high_opt          ? 
_reflns.pdbx_d_res_low_opt           ? 
_reflns.details                      ? 
# 
loop_
_reflns_shell.pdbx_diffrn_id 
_reflns_shell.pdbx_ordinal 
_reflns_shell.d_res_high 
_reflns_shell.d_res_low 
_reflns_shell.number_measured_obs 
_reflns_shell.number_measured_all 
_reflns_shell.number_unique_obs 
_reflns_shell.pdbx_rejects 
_reflns_shell.Rmerge_I_obs 
_reflns_shell.meanI_over_sigI_obs 
_reflns_shell.pdbx_Rsym_value 
_reflns_shell.pdbx_chi_squared 
_reflns_shell.pdbx_redundancy 
_reflns_shell.percent_possible_obs 
_reflns_shell.pdbx_netI_over_sigmaI_obs 
_reflns_shell.number_possible 
_reflns_shell.number_unique_all 
_reflns_shell.Rmerge_F_all 
_reflns_shell.Rmerge_F_obs 
_reflns_shell.Rmerge_I_all 
_reflns_shell.meanI_over_sigI_all 
_reflns_shell.percent_possible_all 
_reflns_shell.pdbx_Rrim_I_all 
_reflns_shell.pdbx_Rpim_I_all 
_reflns_shell.pdbx_CC_half 
1 1 1.960 2.010  ? 13140 ? ? 2.595 ? ? ? 12.200 ? 0.900  ? 1078 ? ? ? ? 99.700 2.710 0.773 0.667 
1 2 8.770 59.900 ? 2344  ? ? 0.077 ? ? ? 10.500 ? 23.700 ? 223  ? ? ? ? 99.900 0.081 0.024 0.999 
# 
_refine.entry_id                                 5QSL 
_refine.pdbx_refine_id                           'X-RAY DIFFRACTION' 
_refine.ls_d_res_high                            2.2000 
_refine.ls_d_res_low                             52.6300 
_refine.pdbx_ls_sigma_F                          0.000 
_refine.pdbx_data_cutoff_high_absF               ? 
_refine.pdbx_data_cutoff_low_absF                ? 
_refine.ls_percent_reflns_obs                    96.6900 
_refine.ls_number_reflns_obs                     9868 
_refine.ls_number_reflns_all                     ? 
_refine.pdbx_ls_cross_valid_method               THROUGHOUT 
_refine.ls_matrix_type                           ? 
_refine.pdbx_R_Free_selection_details            RANDOM 
_refine.details                                  
'HYDROGENS HAVE BEEN ADDED IN THE RIDING POSITIONS U VALUES      : REFINED INDIVIDUALLY' 
_refine.ls_R_factor_all                          ? 
_refine.ls_R_factor_obs                          0.2462 
_refine.ls_R_factor_R_work                       0.2430 
_refine.ls_wR_factor_R_work                      ? 
_refine.ls_R_factor_R_free                       0.3050 
_refine.ls_wR_factor_R_free                      ? 
_refine.ls_percent_reflns_R_free                 4.8000 
_refine.ls_number_reflns_R_free                  502 
_refine.ls_number_reflns_R_work                  ? 
_refine.ls_R_factor_R_free_error                 ? 
_refine.B_iso_mean                               44.4120 
_refine.solvent_model_param_bsol                 ? 
_refine.solvent_model_param_ksol                 ? 
_refine.pdbx_isotropic_thermal_model             ? 
_refine.aniso_B[1][1]                            1.4300 
_refine.aniso_B[2][2]                            1.4300 
_refine.aniso_B[3][3]                            -2.8500 
_refine.aniso_B[1][2]                            -0.0000 
_refine.aniso_B[1][3]                            -0.0000 
_refine.aniso_B[2][3]                            -0.0000 
_refine.correlation_coeff_Fo_to_Fc               0.9410 
_refine.correlation_coeff_Fo_to_Fc_free          0.9060 
_refine.overall_SU_R_Cruickshank_DPI             ? 
_refine.pdbx_overall_SU_R_free_Cruickshank_DPI   ? 
_refine.pdbx_overall_SU_R_Blow_DPI               ? 
_refine.pdbx_overall_SU_R_free_Blow_DPI          ? 
_refine.overall_SU_R_free                        ? 
_refine.pdbx_overall_ESU_R                       0.3320 
_refine.pdbx_overall_ESU_R_Free                  0.2660 
_refine.overall_SU_ML                            0.2250 
_refine.overall_SU_B                             9.8060 
_refine.solvent_model_details                    MASK 
_refine.pdbx_solvent_vdw_probe_radii             1.2000 
_refine.pdbx_solvent_ion_probe_radii             0.8000 
_refine.pdbx_solvent_shrinkage_radii             0.8000 
_refine.ls_number_parameters                     ? 
_refine.ls_number_restraints                     ? 
_refine.pdbx_starting_model                      6f58 
_refine.pdbx_method_to_determine_struct          'FOURIER SYNTHESIS' 
_refine.pdbx_stereochemistry_target_values       'MAXIMUM LIKELIHOOD' 
_refine.pdbx_stereochem_target_val_spec_case     ? 
_refine.overall_FOM_work_R_set                   ? 
_refine.B_iso_max                                120.050 
_refine.B_iso_min                                1.060 
_refine.pdbx_overall_phase_error                 ? 
_refine.occupancy_max                            ? 
_refine.occupancy_min                            ? 
_refine.pdbx_diffrn_id                           1 
_refine.pdbx_TLS_residual_ADP_flag               ? 
_refine.pdbx_ls_sigma_I                          ? 
_refine.pdbx_data_cutoff_high_rms_absF           ? 
_refine.ls_R_factor_R_free_error_details         ? 
# 
_refine_hist.cycle_id                         final 
_refine_hist.pdbx_refine_id                   'X-RAY DIFFRACTION' 
_refine_hist.d_res_high                       2.2000 
_refine_hist.d_res_low                        52.6300 
_refine_hist.pdbx_number_atoms_ligand         18 
_refine_hist.number_atoms_solvent             71 
_refine_hist.number_atoms_total               1458 
_refine_hist.pdbx_number_residues_total       172 
_refine_hist.pdbx_B_iso_mean_ligand           47.07 
_refine_hist.pdbx_B_iso_mean_solvent          41.82 
_refine_hist.pdbx_number_atoms_protein        1369 
_refine_hist.pdbx_number_atoms_nucleic_acid   0 
# 
loop_
_refine_ls_restr.pdbx_refine_id 
_refine_ls_restr.type 
_refine_ls_restr.number 
_refine_ls_restr.dev_ideal 
_refine_ls_restr.dev_ideal_target 
_refine_ls_restr.weight 
_refine_ls_restr.pdbx_restraint_function 
'X-RAY DIFFRACTION' r_bond_refined_d       1429 0.009  0.013  ? ? 
'X-RAY DIFFRACTION' r_bond_other_d         1312 0.001  0.017  ? ? 
'X-RAY DIFFRACTION' r_angle_refined_deg    1940 1.615  1.643  ? ? 
'X-RAY DIFFRACTION' r_angle_other_deg      3052 1.229  1.571  ? ? 
'X-RAY DIFFRACTION' r_dihedral_angle_1_deg 172  9.123  5.000  ? ? 
'X-RAY DIFFRACTION' r_dihedral_angle_2_deg 72   30.537 22.500 ? ? 
'X-RAY DIFFRACTION' r_dihedral_angle_3_deg 240  19.275 15.000 ? ? 
'X-RAY DIFFRACTION' r_dihedral_angle_4_deg 7    14.643 15.000 ? ? 
'X-RAY DIFFRACTION' r_chiral_restr         176  0.072  0.200  ? ? 
'X-RAY DIFFRACTION' r_gen_planes_refined   1593 0.008  0.020  ? ? 
'X-RAY DIFFRACTION' r_gen_planes_other     302  0.001  0.020  ? ? 
'X-RAY DIFFRACTION' r_mcbond_it            688  4.412  4.590  ? ? 
'X-RAY DIFFRACTION' r_mcbond_other         687  4.409  4.589  ? ? 
'X-RAY DIFFRACTION' r_mcangle_it           860  6.344  6.868  ? ? 
# 
_refine_ls_shell.d_res_high                       2.2000 
_refine_ls_shell.d_res_low                        2.2570 
_refine_ls_shell.pdbx_total_number_of_bins_used   20 
_refine_ls_shell.percent_reflns_obs               98.2800 
_refine_ls_shell.number_reflns_R_work             708 
_refine_ls_shell.R_factor_all                     ? 
_refine_ls_shell.R_factor_R_work                  0.3430 
_refine_ls_shell.R_factor_R_free                  0.4810 
_refine_ls_shell.percent_reflns_R_free            ? 
_refine_ls_shell.number_reflns_R_free             34 
_refine_ls_shell.R_factor_R_free_error            ? 
_refine_ls_shell.number_reflns_all                742 
_refine_ls_shell.number_reflns_obs                ? 
_refine_ls_shell.pdbx_refine_id                   'X-RAY DIFFRACTION' 
_refine_ls_shell.R_factor_obs                     ? 
# 
_struct.entry_id                  5QSL 
_struct.title                     
'PanDDA analysis group deposition -- Crystal Structure of human Brachyury in complex with Z1273312153' 
_struct.pdbx_model_details        ? 
_struct.pdbx_CASP_flag            ? 
_struct.pdbx_model_type_details   ? 
# 
_struct_keywords.entry_id        5QSL 
_struct_keywords.text            'SGC - Diamond I04-1 fragment screening, PanDDA, XChemExplorer, TRANSCRIPTION' 
_struct_keywords.pdbx_keywords   TRANSCRIPTION 
# 
loop_
_struct_asym.id 
_struct_asym.pdbx_blank_PDB_chainid_flag 
_struct_asym.pdbx_modified 
_struct_asym.entity_id 
_struct_asym.details 
A N N 1 ? 
B N N 2 ? 
C N N 2 ? 
D N N 2 ? 
E N N 2 ? 
F N N 2 ? 
G N N 2 ? 
H N N 3 ? 
I N N 4 ? 
# 
_struct_ref.id                         1 
_struct_ref.db_name                    UNP 
_struct_ref.db_code                    TBXT_HUMAN 
_struct_ref.pdbx_db_accession          O15178 
_struct_ref.pdbx_db_isoform            ? 
_struct_ref.entity_id                  1 
_struct_ref.pdbx_seq_one_letter_code   
;ELRVGLEESELWLRFKELTNEMIVTKNGRRMFPVLKVNVSGLDPNAMYSFLLDFVAADNHRWKYVNGEWVPGGKPEPQAP
SCVYIHPDSPNFGAHWMKAPVSFSKVKLTNKLNGGGQIMLNSLHKYEPRIHIVRVGGPQRMITSHCFPETQFIAVTAYQN
EEITALKIKYN
;
_struct_ref.pdbx_align_begin           41 
# 
_struct_ref_seq.align_id                      1 
_struct_ref_seq.ref_id                        1 
_struct_ref_seq.pdbx_PDB_id_code              5QSL 
_struct_ref_seq.pdbx_strand_id                A 
_struct_ref_seq.seq_align_beg                 2 
_struct_ref_seq.pdbx_seq_align_beg_ins_code   ? 
_struct_ref_seq.seq_align_end                 172 
_struct_ref_seq.pdbx_seq_align_end_ins_code   ? 
_struct_ref_seq.pdbx_db_accession             O15178 
_struct_ref_seq.db_align_beg                  41 
_struct_ref_seq.pdbx_db_align_beg_ins_code    ? 
_struct_ref_seq.db_align_end                  211 
_struct_ref_seq.pdbx_db_align_end_ins_code    ? 
_struct_ref_seq.pdbx_auth_seq_align_beg       41 
_struct_ref_seq.pdbx_auth_seq_align_end       211 
# 
_struct_ref_seq_dif.align_id                     1 
_struct_ref_seq_dif.pdbx_pdb_id_code             5QSL 
_struct_ref_seq_dif.mon_id                       GLY 
_struct_ref_seq_dif.pdbx_pdb_strand_id           A 
_struct_ref_seq_dif.seq_num                      1 
_struct_ref_seq_dif.pdbx_pdb_ins_code            ? 
_struct_ref_seq_dif.pdbx_seq_db_name             UNP 
_struct_ref_seq_dif.pdbx_seq_db_accession_code   O15178 
_struct_ref_seq_dif.db_mon_id                    ? 
_struct_ref_seq_dif.pdbx_seq_db_seq_num          ? 
_struct_ref_seq_dif.details                      'expression tag' 
_struct_ref_seq_dif.pdbx_auth_seq_num            40 
_struct_ref_seq_dif.pdbx_ordinal                 1 
# 
_pdbx_struct_assembly.id                   1 
_pdbx_struct_assembly.details              author_and_software_defined_assembly 
_pdbx_struct_assembly.method_details       PISA 
_pdbx_struct_assembly.oligomeric_details   monomeric 
_pdbx_struct_assembly.oligomeric_count     1 
# 
_pdbx_struct_assembly_gen.assembly_id       1 
_pdbx_struct_assembly_gen.oper_expression   1 
_pdbx_struct_assembly_gen.asym_id_list      A,B,C,D,E,F,G,H,I 
# 
_pdbx_struct_oper_list.id                   1 
_pdbx_struct_oper_list.type                 'identity operation' 
_pdbx_struct_oper_list.name                 1_555 
_pdbx_struct_oper_list.symmetry_operation   x,y,z 
_pdbx_struct_oper_list.matrix[1][1]         1.0000000000 
_pdbx_struct_oper_list.matrix[1][2]         0.0000000000 
_pdbx_struct_oper_list.matrix[1][3]         0.0000000000 
_pdbx_struct_oper_list.vector[1]            0.0000000000 
_pdbx_struct_oper_list.matrix[2][1]         0.0000000000 
_pdbx_struct_oper_list.matrix[2][2]         1.0000000000 
_pdbx_struct_oper_list.matrix[2][3]         0.0000000000 
_pdbx_struct_oper_list.vector[2]            0.0000000000 
_pdbx_struct_oper_list.matrix[3][1]         0.0000000000 
_pdbx_struct_oper_list.matrix[3][2]         0.0000000000 
_pdbx_struct_oper_list.matrix[3][3]         1.0000000000 
_pdbx_struct_oper_list.vector[3]            0.0000000000 
# 
loop_
_struct_conf.conf_type_id 
_struct_conf.id 
_struct_conf.pdbx_PDB_helix_id 
_struct_conf.beg_label_comp_id 
_struct_conf.beg_label_asym_id 
_struct_conf.beg_label_seq_id 
_struct_conf.pdbx_beg_PDB_ins_code 
_struct_conf.end_label_comp_id 
_struct_conf.end_label_asym_id 
_struct_conf.end_label_seq_id 
_struct_conf.pdbx_end_PDB_ins_code 
_struct_conf.beg_auth_comp_id 
_struct_conf.beg_auth_asym_id 
_struct_conf.beg_auth_seq_id 
_struct_conf.end_auth_comp_id 
_struct_conf.end_auth_asym_id 
_struct_conf.end_auth_seq_id 
_struct_conf.pdbx_PDB_helix_class 
_struct_conf.details 
_struct_conf.pdbx_PDB_helix_length 
HELX_P HELX_P1 AA1 GLU A 9   ? GLU A 18  ? GLU A 48  GLU A 57  1 ? 10 
HELX_P HELX_P2 AA2 GLY A 94  ? ALA A 100 ? GLY A 133 ALA A 139 1 ? 7  
HELX_P HELX_P3 AA3 PRO A 149 ? GLN A 152 ? PRO A 188 GLN A 191 5 ? 4  
HELX_P HELX_P4 AA4 ASN A 161 ? TYR A 171 ? ASN A 200 TYR A 210 1 ? 11 
# 
_struct_conf_type.id          HELX_P 
_struct_conf_type.criteria    ? 
_struct_conf_type.reference   ? 
# 
loop_
_struct_conn.id 
_struct_conn.conn_type_id 
_struct_conn.pdbx_leaving_atom_flag 
_struct_conn.pdbx_PDB_id 
_struct_conn.ptnr1_label_asym_id 
_struct_conn.ptnr1_label_comp_id 
_struct_conn.ptnr1_label_seq_id 
_struct_conn.ptnr1_label_atom_id 
_struct_conn.pdbx_ptnr1_label_alt_id 
_struct_conn.pdbx_ptnr1_PDB_ins_code 
_struct_conn.pdbx_ptnr1_standard_comp_id 
_struct_conn.ptnr1_symmetry 
_struct_conn.ptnr2_label_asym_id 
_struct_conn.ptnr2_label_comp_id 
_struct_conn.ptnr2_label_seq_id 
_struct_conn.ptnr2_label_atom_id 
_struct_conn.pdbx_ptnr2_label_alt_id 
_struct_conn.pdbx_ptnr2_PDB_ins_code 
_struct_conn.ptnr1_auth_asym_id 
_struct_conn.ptnr1_auth_comp_id 
_struct_conn.ptnr1_auth_seq_id 
_struct_conn.ptnr2_auth_asym_id 
_struct_conn.ptnr2_auth_comp_id 
_struct_conn.ptnr2_auth_seq_id 
_struct_conn.ptnr2_symmetry 
_struct_conn.pdbx_ptnr3_label_atom_id 
_struct_conn.pdbx_ptnr3_label_seq_id 
_struct_conn.pdbx_ptnr3_label_comp_id 
_struct_conn.pdbx_ptnr3_label_asym_id 
_struct_conn.pdbx_ptnr3_label_alt_id 
_struct_conn.pdbx_ptnr3_PDB_ins_code 
_struct_conn.details 
_struct_conn.pdbx_dist_value 
_struct_conn.pdbx_value_order 
_struct_conn.pdbx_role 
metalc1  metalc ? ? A HIS 61  NE2 ? ? ? 1_555 E CD  . CD ? ? A HIS 100 A CD  304 1_555 ? ? ? ? ? ? ? 2.361 ? ? 
metalc2  metalc ? ? A CYS 83  SG  ? ? ? 1_555 D CD  . CD ? ? A CYS 122 A CD  303 1_555 ? ? ? ? ? ? ? 2.824 ? ? 
metalc3  metalc ? ? A CYS 83  SG  ? ? ? 1_555 F CD  . CD ? ? A CYS 122 A CD  305 1_555 ? ? ? ? ? ? ? 2.541 ? ? 
metalc4  metalc ? ? A GLU 128 OE1 ? ? ? 1_555 B CD  . CD ? ? A GLU 167 A CD  301 1_555 ? ? ? ? ? ? ? 2.403 ? ? 
metalc5  metalc ? ? A GLU 128 OE1 ? ? ? 1_555 B CD  . CD ? ? A GLU 167 A CD  301 5_655 ? ? ? ? ? ? ? 2.403 ? ? 
metalc6  metalc ? ? A GLU 128 OE1 ? ? ? 1_555 C CD  . CD ? ? A GLU 167 A CD  302 1_555 ? ? ? ? ? ? ? 2.567 ? ? 
metalc7  metalc ? ? A GLU 128 OE2 ? ? ? 1_555 C CD  . CD ? ? A GLU 167 A CD  302 1_555 ? ? ? ? ? ? ? 2.437 ? ? 
metalc8  metalc ? ? A CYS 147 SG  A ? ? 1_555 B CD  . CD ? ? A CYS 186 A CD  301 1_555 ? ? ? ? ? ? ? 2.700 ? ? 
metalc9  metalc ? ? A CYS 147 SG  B ? ? 1_555 B CD  . CD ? ? A CYS 186 A CD  301 1_555 ? ? ? ? ? ? ? 2.784 ? ? 
metalc10 metalc ? ? A CYS 147 SG  A ? ? 1_555 B CD  . CD ? ? A CYS 186 A CD  301 5_655 ? ? ? ? ? ? ? 2.700 ? ? 
metalc11 metalc ? ? A CYS 147 SG  B ? ? 1_555 B CD  . CD ? ? A CYS 186 A CD  301 5_655 ? ? ? ? ? ? ? 2.784 ? ? 
metalc12 metalc ? ? A CYS 147 SG  A ? ? 1_555 C CD  . CD ? ? A CYS 186 A CD  302 5_655 ? ? ? ? ? ? ? 2.088 ? ? 
metalc13 metalc ? ? A CYS 147 SG  B ? ? 1_555 C CD  . CD ? ? A CYS 186 A CD  302 5_655 ? ? ? ? ? ? ? 2.308 ? ? 
metalc14 metalc ? ? C CD  .   CD  ? ? ? 1_555 I HOH . O  ? ? A CD  302 A HOH 449 5_655 ? ? ? ? ? ? ? 2.243 ? ? 
metalc15 metalc ? ? C CD  .   CD  ? ? ? 1_555 I HOH . O  ? ? A CD  302 A HOH 457 5_655 ? ? ? ? ? ? ? 2.465 ? ? 
metalc16 metalc ? ? D CD  .   CD  ? ? ? 1_555 I HOH . O  ? ? A CD  303 A HOH 445 1_555 ? ? ? ? ? ? ? 2.623 ? ? 
metalc17 metalc ? ? D CD  .   CD  ? ? ? 1_555 I HOH . O  ? ? A CD  303 A HOH 471 1_555 ? ? ? ? ? ? ? 2.508 ? ? 
metalc18 metalc ? ? E CD  .   CD  ? ? ? 1_555 I HOH . O  ? ? A CD  304 A HOH 453 1_555 ? ? ? ? ? ? ? 2.010 ? ? 
metalc19 metalc ? ? E CD  .   CD  ? ? ? 1_555 I HOH . O  ? ? A CD  304 A HOH 454 5_655 ? ? ? ? ? ? ? 2.688 ? ? 
metalc20 metalc ? ? E CD  .   CD  ? ? ? 1_555 I HOH . O  ? ? A CD  304 A HOH 462 5_655 ? ? ? ? ? ? ? 2.315 ? ? 
metalc21 metalc ? ? F CD  .   CD  ? ? ? 1_555 I HOH . O  ? ? A CD  305 A HOH 447 1_555 ? ? ? ? ? ? ? 2.572 ? ? 
# 
_struct_conn_type.id          metalc 
_struct_conn_type.criteria    ? 
_struct_conn_type.reference   ? 
# 
loop_
_pdbx_struct_conn_angle.id 
_pdbx_struct_conn_angle.ptnr1_label_atom_id 
_pdbx_struct_conn_angle.ptnr1_label_alt_id 
_pdbx_struct_conn_angle.ptnr1_label_asym_id 
_pdbx_struct_conn_angle.ptnr1_label_comp_id 
_pdbx_struct_conn_angle.ptnr1_label_seq_id 
_pdbx_struct_conn_angle.ptnr1_auth_atom_id 
_pdbx_struct_conn_angle.ptnr1_auth_asym_id 
_pdbx_struct_conn_angle.ptnr1_auth_comp_id 
_pdbx_struct_conn_angle.ptnr1_auth_seq_id 
_pdbx_struct_conn_angle.ptnr1_PDB_ins_code 
_pdbx_struct_conn_angle.ptnr1_symmetry 
_pdbx_struct_conn_angle.ptnr2_label_atom_id 
_pdbx_struct_conn_angle.ptnr2_label_alt_id 
_pdbx_struct_conn_angle.ptnr2_label_asym_id 
_pdbx_struct_conn_angle.ptnr2_label_comp_id 
_pdbx_struct_conn_angle.ptnr2_label_seq_id 
_pdbx_struct_conn_angle.ptnr2_auth_atom_id 
_pdbx_struct_conn_angle.ptnr2_auth_asym_id 
_pdbx_struct_conn_angle.ptnr2_auth_comp_id 
_pdbx_struct_conn_angle.ptnr2_auth_seq_id 
_pdbx_struct_conn_angle.ptnr2_PDB_ins_code 
_pdbx_struct_conn_angle.ptnr2_symmetry 
_pdbx_struct_conn_angle.ptnr3_label_atom_id 
_pdbx_struct_conn_angle.ptnr3_label_alt_id 
_pdbx_struct_conn_angle.ptnr3_label_asym_id 
_pdbx_struct_conn_angle.ptnr3_label_comp_id 
_pdbx_struct_conn_angle.ptnr3_label_seq_id 
_pdbx_struct_conn_angle.ptnr3_auth_atom_id 
_pdbx_struct_conn_angle.ptnr3_auth_asym_id 
_pdbx_struct_conn_angle.ptnr3_auth_comp_id 
_pdbx_struct_conn_angle.ptnr3_auth_seq_id 
_pdbx_struct_conn_angle.ptnr3_PDB_ins_code 
_pdbx_struct_conn_angle.ptnr3_symmetry 
_pdbx_struct_conn_angle.value 
_pdbx_struct_conn_angle.value_esd 
1  NE2 ? A HIS 61  ? A HIS 100 ? 1_555 CD ? E CD . ? A CD 304 ? 1_555 O   ? I HOH .   ? A HOH 453 ? 1_555 105.7 ? 
2  NE2 ? A HIS 61  ? A HIS 100 ? 1_555 CD ? E CD . ? A CD 304 ? 1_555 O   ? I HOH .   ? A HOH 454 ? 5_655 88.6  ? 
3  O   ? I HOH .   ? A HOH 453 ? 1_555 CD ? E CD . ? A CD 304 ? 1_555 O   ? I HOH .   ? A HOH 454 ? 5_655 111.4 ? 
4  NE2 ? A HIS 61  ? A HIS 100 ? 1_555 CD ? E CD . ? A CD 304 ? 1_555 O   ? I HOH .   ? A HOH 462 ? 5_655 114.8 ? 
5  O   ? I HOH .   ? A HOH 453 ? 1_555 CD ? E CD . ? A CD 304 ? 1_555 O   ? I HOH .   ? A HOH 462 ? 5_655 117.8 ? 
6  O   ? I HOH .   ? A HOH 454 ? 5_655 CD ? E CD . ? A CD 304 ? 1_555 O   ? I HOH .   ? A HOH 462 ? 5_655 114.6 ? 
7  SG  ? A CYS 83  ? A CYS 122 ? 1_555 CD ? D CD . ? A CD 303 ? 1_555 O   ? I HOH .   ? A HOH 445 ? 1_555 95.0  ? 
8  SG  ? A CYS 83  ? A CYS 122 ? 1_555 CD ? D CD . ? A CD 303 ? 1_555 O   ? I HOH .   ? A HOH 471 ? 1_555 86.9  ? 
9  O   ? I HOH .   ? A HOH 445 ? 1_555 CD ? D CD . ? A CD 303 ? 1_555 O   ? I HOH .   ? A HOH 471 ? 1_555 168.4 ? 
10 SG  ? A CYS 83  ? A CYS 122 ? 1_555 CD ? F CD . ? A CD 305 ? 1_555 O   ? I HOH .   ? A HOH 447 ? 1_555 105.7 ? 
11 OE1 ? A GLU 128 ? A GLU 167 ? 1_555 CD ? B CD . ? A CD 301 ? 1_555 OE1 ? A GLU 128 ? A GLU 167 ? 1_555 0.0   ? 
12 OE1 ? A GLU 128 ? A GLU 167 ? 1_555 CD ? B CD . ? A CD 301 ? 1_555 SG  A A CYS 147 ? A CYS 186 ? 1_555 112.1 ? 
13 OE1 ? A GLU 128 ? A GLU 167 ? 1_555 CD ? B CD . ? A CD 301 ? 1_555 SG  A A CYS 147 ? A CYS 186 ? 1_555 112.1 ? 
14 OE1 ? A GLU 128 ? A GLU 167 ? 1_555 CD ? B CD . ? A CD 301 ? 1_555 SG  B A CYS 147 ? A CYS 186 ? 1_555 102.1 ? 
15 OE1 ? A GLU 128 ? A GLU 167 ? 1_555 CD ? B CD . ? A CD 301 ? 1_555 SG  B A CYS 147 ? A CYS 186 ? 1_555 102.1 ? 
16 SG  A A CYS 147 ? A CYS 186 ? 1_555 CD ? B CD . ? A CD 301 ? 1_555 SG  B A CYS 147 ? A CYS 186 ? 1_555 44.3  ? 
17 OE1 ? A GLU 128 ? A GLU 167 ? 1_555 CD ? B CD . ? A CD 301 ? 1_555 SG  A A CYS 147 ? A CYS 186 ? 1_555 112.1 ? 
18 OE1 ? A GLU 128 ? A GLU 167 ? 1_555 CD ? B CD . ? A CD 301 ? 1_555 SG  A A CYS 147 ? A CYS 186 ? 1_555 112.1 ? 
19 SG  A A CYS 147 ? A CYS 186 ? 1_555 CD ? B CD . ? A CD 301 ? 1_555 SG  A A CYS 147 ? A CYS 186 ? 1_555 0.0   ? 
20 SG  B A CYS 147 ? A CYS 186 ? 1_555 CD ? B CD . ? A CD 301 ? 1_555 SG  A A CYS 147 ? A CYS 186 ? 1_555 44.3  ? 
21 OE1 ? A GLU 128 ? A GLU 167 ? 1_555 CD ? B CD . ? A CD 301 ? 1_555 SG  B A CYS 147 ? A CYS 186 ? 1_555 102.1 ? 
22 OE1 ? A GLU 128 ? A GLU 167 ? 1_555 CD ? B CD . ? A CD 301 ? 1_555 SG  B A CYS 147 ? A CYS 186 ? 1_555 102.1 ? 
23 SG  A A CYS 147 ? A CYS 186 ? 1_555 CD ? B CD . ? A CD 301 ? 1_555 SG  B A CYS 147 ? A CYS 186 ? 1_555 44.3  ? 
24 SG  B A CYS 147 ? A CYS 186 ? 1_555 CD ? B CD . ? A CD 301 ? 1_555 SG  B A CYS 147 ? A CYS 186 ? 1_555 0.0   ? 
25 SG  A A CYS 147 ? A CYS 186 ? 1_555 CD ? B CD . ? A CD 301 ? 1_555 SG  B A CYS 147 ? A CYS 186 ? 1_555 44.3  ? 
26 OE1 ? A GLU 128 ? A GLU 167 ? 1_555 CD ? C CD . ? A CD 302 ? 1_555 OE2 ? A GLU 128 ? A GLU 167 ? 1_555 52.9  ? 
27 OE1 ? A GLU 128 ? A GLU 167 ? 1_555 CD ? C CD . ? A CD 302 ? 1_555 SG  A A CYS 147 ? A CYS 186 ? 1_555 37.8  ? 
28 OE2 ? A GLU 128 ? A GLU 167 ? 1_555 CD ? C CD . ? A CD 302 ? 1_555 SG  A A CYS 147 ? A CYS 186 ? 1_555 75.7  ? 
29 OE1 ? A GLU 128 ? A GLU 167 ? 1_555 CD ? C CD . ? A CD 302 ? 1_555 SG  B A CYS 147 ? A CYS 186 ? 1_555 53.4  ? 
30 OE2 ? A GLU 128 ? A GLU 167 ? 1_555 CD ? C CD . ? A CD 302 ? 1_555 SG  B A CYS 147 ? A CYS 186 ? 1_555 76.8  ? 
31 SG  A A CYS 147 ? A CYS 186 ? 1_555 CD ? C CD . ? A CD 302 ? 1_555 SG  B A CYS 147 ? A CYS 186 ? 1_555 19.3  ? 
32 OE1 ? A GLU 128 ? A GLU 167 ? 1_555 CD ? C CD . ? A CD 302 ? 1_555 O   ? I HOH .   ? A HOH 449 ? 5_655 151.1 ? 
33 OE2 ? A GLU 128 ? A GLU 167 ? 1_555 CD ? C CD . ? A CD 302 ? 1_555 O   ? I HOH .   ? A HOH 449 ? 5_655 104.5 ? 
34 SG  A A CYS 147 ? A CYS 186 ? 1_555 CD ? C CD . ? A CD 302 ? 1_555 O   ? I HOH .   ? A HOH 449 ? 5_655 127.5 ? 
35 SG  B A CYS 147 ? A CYS 186 ? 1_555 CD ? C CD . ? A CD 302 ? 1_555 O   ? I HOH .   ? A HOH 449 ? 5_655 108.3 ? 
36 OE1 ? A GLU 128 ? A GLU 167 ? 1_555 CD ? C CD . ? A CD 302 ? 1_555 O   ? I HOH .   ? A HOH 457 ? 5_655 100.2 ? 
37 OE2 ? A GLU 128 ? A GLU 167 ? 1_555 CD ? C CD . ? A CD 302 ? 1_555 O   ? I HOH .   ? A HOH 457 ? 5_655 110.2 ? 
38 SG  A A CYS 147 ? A CYS 186 ? 1_555 CD ? C CD . ? A CD 302 ? 1_555 O   ? I HOH .   ? A HOH 457 ? 5_655 124.2 ? 
39 SG  B A CYS 147 ? A CYS 186 ? 1_555 CD ? C CD . ? A CD 302 ? 1_555 O   ? I HOH .   ? A HOH 457 ? 5_655 142.5 ? 
40 O   ? I HOH .   ? A HOH 449 ? 5_655 CD ? C CD . ? A CD 302 ? 1_555 O   ? I HOH .   ? A HOH 457 ? 5_655 105.3 ? 
# 
loop_
_struct_mon_prot_cis.pdbx_id 
_struct_mon_prot_cis.label_comp_id 
_struct_mon_prot_cis.label_seq_id 
_struct_mon_prot_cis.label_asym_id 
_struct_mon_prot_cis.label_alt_id 
_struct_mon_prot_cis.pdbx_PDB_ins_code 
_struct_mon_prot_cis.auth_comp_id 
_struct_mon_prot_cis.auth_seq_id 
_struct_mon_prot_cis.auth_asym_id 
_struct_mon_prot_cis.pdbx_label_comp_id_2 
_struct_mon_prot_cis.pdbx_label_seq_id_2 
_struct_mon_prot_cis.pdbx_label_asym_id_2 
_struct_mon_prot_cis.pdbx_PDB_ins_code_2 
_struct_mon_prot_cis.pdbx_auth_comp_id_2 
_struct_mon_prot_cis.pdbx_auth_seq_id_2 
_struct_mon_prot_cis.pdbx_auth_asym_id_2 
_struct_mon_prot_cis.pdbx_PDB_model_num 
_struct_mon_prot_cis.pdbx_omega_angle 
1 PHE 33 A . ? PHE 72  A PRO 34 A ? PRO 73  A 1 -13.44 
2 SER 90 A . ? SER 129 A PRO 91 A ? PRO 130 A 1 -18.29 
# 
loop_
_struct_sheet.id 
_struct_sheet.type 
_struct_sheet.number_strands 
_struct_sheet.details 
AA1 ? 3 ? 
AA2 ? 5 ? 
AA3 ? 4 ? 
AA4 ? 3 ? 
AA5 ? 2 ? 
# 
loop_
_struct_sheet_order.sheet_id 
_struct_sheet_order.range_id_1 
_struct_sheet_order.range_id_2 
_struct_sheet_order.offset 
_struct_sheet_order.sense 
AA1 1 2 ? anti-parallel 
AA1 2 3 ? anti-parallel 
AA2 1 2 ? parallel      
AA2 2 3 ? anti-parallel 
AA2 3 4 ? anti-parallel 
AA2 4 5 ? anti-parallel 
AA3 1 2 ? anti-parallel 
AA3 2 3 ? anti-parallel 
AA3 3 4 ? anti-parallel 
AA4 1 2 ? anti-parallel 
AA4 2 3 ? parallel      
AA5 1 2 ? anti-parallel 
# 
loop_
_struct_sheet_range.sheet_id 
_struct_sheet_range.id 
_struct_sheet_range.beg_label_comp_id 
_struct_sheet_range.beg_label_asym_id 
_struct_sheet_range.beg_label_seq_id 
_struct_sheet_range.pdbx_beg_PDB_ins_code 
_struct_sheet_range.end_label_comp_id 
_struct_sheet_range.end_label_asym_id 
_struct_sheet_range.end_label_seq_id 
_struct_sheet_range.pdbx_end_PDB_ins_code 
_struct_sheet_range.beg_auth_comp_id 
_struct_sheet_range.beg_auth_asym_id 
_struct_sheet_range.beg_auth_seq_id 
_struct_sheet_range.end_auth_comp_id 
_struct_sheet_range.end_auth_asym_id 
_struct_sheet_range.end_auth_seq_id 
AA1 1 ARG A 4   ? LEU A 7   ? ARG A 43  LEU A 46  
AA1 2 LYS A 37  ? SER A 41  ? LYS A 76  SER A 80  
AA1 3 VAL A 102 ? SER A 103 ? VAL A 141 SER A 142 
AA2 1 GLU A 22  ? ILE A 24  ? GLU A 61  ILE A 63  
AA2 2 PHE A 153 ? VAL A 156 ? PHE A 192 VAL A 195 
AA2 3 LYS A 126 ? VAL A 136 ? LYS A 165 VAL A 175 
AA2 4 MET A 48  ? ALA A 57  ? MET A 87  ALA A 96  
AA2 5 ASN A 92  ? PHE A 93  ? ASN A 131 PHE A 132 
AA3 1 TYR A 85  ? ILE A 86  ? TYR A 124 ILE A 125 
AA3 2 MET A 48  ? ALA A 57  ? MET A 87  ALA A 96  
AA3 3 LYS A 126 ? VAL A 136 ? LYS A 165 VAL A 175 
AA3 4 MET A 142 ? CYS A 147 ? MET A 181 CYS A 186 
AA4 1 ARG A 30  ? ARG A 31  ? ARG A 69  ARG A 70  
AA4 2 LYS A 108 ? THR A 110 ? LYS A 147 THR A 149 
AA4 3 ILE A 119 ? MET A 120 ? ILE A 158 MET A 159 
AA5 1 TRP A 63  ? VAL A 66  ? TRP A 102 VAL A 105 
AA5 2 GLU A 69  ? PRO A 72  ? GLU A 108 PRO A 111 
# 
loop_
_pdbx_struct_sheet_hbond.sheet_id 
_pdbx_struct_sheet_hbond.range_id_1 
_pdbx_struct_sheet_hbond.range_id_2 
_pdbx_struct_sheet_hbond.range_1_label_atom_id 
_pdbx_struct_sheet_hbond.range_1_label_comp_id 
_pdbx_struct_sheet_hbond.range_1_label_asym_id 
_pdbx_struct_sheet_hbond.range_1_label_seq_id 
_pdbx_struct_sheet_hbond.range_1_PDB_ins_code 
_pdbx_struct_sheet_hbond.range_1_auth_atom_id 
_pdbx_struct_sheet_hbond.range_1_auth_comp_id 
_pdbx_struct_sheet_hbond.range_1_auth_asym_id 
_pdbx_struct_sheet_hbond.range_1_auth_seq_id 
_pdbx_struct_sheet_hbond.range_2_label_atom_id 
_pdbx_struct_sheet_hbond.range_2_label_comp_id 
_pdbx_struct_sheet_hbond.range_2_label_asym_id 
_pdbx_struct_sheet_hbond.range_2_label_seq_id 
_pdbx_struct_sheet_hbond.range_2_PDB_ins_code 
_pdbx_struct_sheet_hbond.range_2_auth_atom_id 
_pdbx_struct_sheet_hbond.range_2_auth_comp_id 
_pdbx_struct_sheet_hbond.range_2_auth_asym_id 
_pdbx_struct_sheet_hbond.range_2_auth_seq_id 
AA1 1 2 N ARG A 4   ? N ARG A 43  O SER A 41  ? O SER A 80  
AA1 2 3 N VAL A 38  ? N VAL A 77  O VAL A 102 ? O VAL A 141 
AA2 1 2 N MET A 23  ? N MET A 62  O VAL A 156 ? O VAL A 195 
AA2 2 3 O PHE A 153 ? O PHE A 192 N TYR A 127 ? N TYR A 166 
AA2 3 4 O GLU A 128 ? O GLU A 167 N VAL A 56  ? N VAL A 95  
AA2 4 5 N TYR A 49  ? N TYR A 88  O ASN A 92  ? O ASN A 131 
AA3 1 2 O TYR A 85  ? O TYR A 124 N LEU A 53  ? N LEU A 92  
AA3 2 3 N VAL A 56  ? N VAL A 95  O GLU A 128 ? O GLU A 167 
AA3 3 4 N ILE A 133 ? N ILE A 172 O THR A 144 ? O THR A 183 
AA4 1 2 N ARG A 30  ? N ARG A 69  O LEU A 109 ? O LEU A 148 
AA4 2 3 N LYS A 108 ? N LYS A 147 O ILE A 119 ? O ILE A 158 
AA5 1 2 N VAL A 66  ? N VAL A 105 O GLU A 69  ? O GLU A 108 
# 
loop_
_struct_site.id 
_struct_site.pdbx_evidence_code 
_struct_site.pdbx_auth_asym_id 
_struct_site.pdbx_auth_comp_id 
_struct_site.pdbx_auth_seq_id 
_struct_site.pdbx_auth_ins_code 
_struct_site.pdbx_num_residues 
_struct_site.details 
AC1 Software A CD  301 ? 8 'binding site for residue CD A 301'  
AC2 Software A CD  302 ? 6 'binding site for residue CD A 302'  
AC3 Software A CD  303 ? 3 'binding site for residue CD A 303'  
AC4 Software A CD  304 ? 5 'binding site for residue CD A 304'  
AC5 Software A CD  305 ? 3 'binding site for residue CD A 305'  
AC6 Software A CD  306 ? 2 'binding site for residue CD A 306'  
AC7 Software A O2A 307 ? 8 'binding site for residue O2A A 307' 
# 
loop_
_struct_site_gen.id 
_struct_site_gen.site_id 
_struct_site_gen.pdbx_num_res 
_struct_site_gen.label_comp_id 
_struct_site_gen.label_asym_id 
_struct_site_gen.label_seq_id 
_struct_site_gen.pdbx_auth_ins_code 
_struct_site_gen.auth_comp_id 
_struct_site_gen.auth_asym_id 
_struct_site_gen.auth_seq_id 
_struct_site_gen.label_atom_id 
_struct_site_gen.label_alt_id 
_struct_site_gen.symmetry 
_struct_site_gen.details 
1  AC1 8 GLU A 128 ? GLU A 167 . ? 1_555 ? 
2  AC1 8 GLU A 128 ? GLU A 167 . ? 5_655 ? 
3  AC1 8 CYS A 147 ? CYS A 186 . ? 5_655 ? 
4  AC1 8 CYS A 147 ? CYS A 186 . ? 1_555 ? 
5  AC1 8 CD  C .   ? CD  A 302 . ? 5_655 ? 
6  AC1 8 CD  C .   ? CD  A 302 . ? 1_555 ? 
7  AC1 8 HOH I .   ? HOH A 410 . ? 5_655 ? 
8  AC1 8 HOH I .   ? HOH A 410 . ? 1_555 ? 
9  AC2 6 GLU A 128 ? GLU A 167 . ? 1_555 ? 
10 AC2 6 CYS A 147 ? CYS A 186 . ? 5_655 ? 
11 AC2 6 CD  B .   ? CD  A 301 . ? 5_655 ? 
12 AC2 6 CD  B .   ? CD  A 301 . ? 1_555 ? 
13 AC2 6 HOH I .   ? HOH A 449 . ? 5_655 ? 
14 AC2 6 HOH I .   ? HOH A 457 . ? 5_655 ? 
15 AC3 3 CYS A 83  ? CYS A 122 . ? 1_555 ? 
16 AC3 3 HOH I .   ? HOH A 445 . ? 1_555 ? 
17 AC3 3 HOH I .   ? HOH A 471 . ? 1_555 ? 
18 AC4 5 LEU A 52  ? LEU A 91  . ? 5_655 ? 
19 AC4 5 HIS A 61  ? HIS A 100 . ? 1_555 ? 
20 AC4 5 HOH I .   ? HOH A 453 . ? 1_555 ? 
21 AC4 5 HOH I .   ? HOH A 454 . ? 5_655 ? 
22 AC4 5 HOH I .   ? HOH A 462 . ? 5_655 ? 
23 AC5 3 CYS A 83  ? CYS A 122 . ? 1_555 ? 
24 AC5 3 HOH I .   ? HOH A 447 . ? 1_555 ? 
25 AC5 3 HOH I .   ? HOH A 471 . ? 1_555 ? 
26 AC6 2 HIS A 96  ? HIS A 135 . ? 1_555 ? 
27 AC6 2 LYS A 99  ? LYS A 138 . ? 1_555 ? 
28 AC7 8 PRO A 78  ? PRO A 117 . ? 1_555 ? 
29 AC7 8 GLN A 79  ? GLN A 118 . ? 1_555 ? 
30 AC7 8 ALA A 80  ? ALA A 119 . ? 1_555 ? 
31 AC7 8 PRO A 81  ? PRO A 120 . ? 1_555 ? 
32 AC7 8 SER A 82  ? SER A 121 . ? 1_555 ? 
33 AC7 8 MET A 120 ? MET A 159 . ? 1_555 ? 
34 AC7 8 LEU A 121 ? LEU A 160 . ? 1_555 ? 
35 AC7 8 ASN A 122 ? ASN A 161 . ? 1_555 ? 
# 
_pdbx_validate_symm_contact.id                1 
_pdbx_validate_symm_contact.PDB_model_num     1 
_pdbx_validate_symm_contact.auth_atom_id_1    O 
_pdbx_validate_symm_contact.auth_asym_id_1    A 
_pdbx_validate_symm_contact.auth_comp_id_1    HOH 
_pdbx_validate_symm_contact.auth_seq_id_1     455 
_pdbx_validate_symm_contact.PDB_ins_code_1    ? 
_pdbx_validate_symm_contact.label_alt_id_1    ? 
_pdbx_validate_symm_contact.site_symmetry_1   1_555 
_pdbx_validate_symm_contact.auth_atom_id_2    O 
_pdbx_validate_symm_contact.auth_asym_id_2    A 
_pdbx_validate_symm_contact.auth_comp_id_2    HOH 
_pdbx_validate_symm_contact.auth_seq_id_2     455 
_pdbx_validate_symm_contact.PDB_ins_code_2    ? 
_pdbx_validate_symm_contact.label_alt_id_2    ? 
_pdbx_validate_symm_contact.site_symmetry_2   5_655 
_pdbx_validate_symm_contact.dist              1.89 
# 
loop_
_pdbx_validate_torsion.id 
_pdbx_validate_torsion.PDB_model_num 
_pdbx_validate_torsion.auth_comp_id 
_pdbx_validate_torsion.auth_asym_id 
_pdbx_validate_torsion.auth_seq_id 
_pdbx_validate_torsion.PDB_ins_code 
_pdbx_validate_torsion.label_alt_id 
_pdbx_validate_torsion.phi 
_pdbx_validate_torsion.psi 
1 1 THR A 59  ? ? 76.48   105.78 
2 1 SER A 121 ? ? -49.01  158.25 
3 1 PHE A 143 ? ? -107.39 42.70  
4 1 LEU A 152 ? ? -23.25  94.11  
5 1 SER A 162 ? ? -32.99  129.18 
# 
_pdbx_validate_peptide_omega.id               1 
_pdbx_validate_peptide_omega.PDB_model_num    1 
_pdbx_validate_peptide_omega.auth_comp_id_1   LYS 
_pdbx_validate_peptide_omega.auth_asym_id_1   A 
_pdbx_validate_peptide_omega.auth_seq_id_1    151 
_pdbx_validate_peptide_omega.PDB_ins_code_1   ? 
_pdbx_validate_peptide_omega.label_alt_id_1   ? 
_pdbx_validate_peptide_omega.auth_comp_id_2   LEU 
_pdbx_validate_peptide_omega.auth_asym_id_2   A 
_pdbx_validate_peptide_omega.auth_seq_id_2    152 
_pdbx_validate_peptide_omega.PDB_ins_code_2   ? 
_pdbx_validate_peptide_omega.label_alt_id_2   ? 
_pdbx_validate_peptide_omega.omega            147.71 
# 
loop_
_pdbx_struct_special_symmetry.id 
_pdbx_struct_special_symmetry.PDB_model_num 
_pdbx_struct_special_symmetry.auth_asym_id 
_pdbx_struct_special_symmetry.auth_comp_id 
_pdbx_struct_special_symmetry.auth_seq_id 
_pdbx_struct_special_symmetry.PDB_ins_code 
_pdbx_struct_special_symmetry.label_asym_id 
_pdbx_struct_special_symmetry.label_comp_id 
_pdbx_struct_special_symmetry.label_seq_id 
1 1 A CD  301 ? B CD  . 
2 1 A HOH 427 ? I HOH . 
# 
_phasing.method   MR 
# 
_pdbx_entry_details.entry_id                 5QSL 
_pdbx_entry_details.has_ligand_of_interest   Y 
_pdbx_entry_details.compound_details         ? 
_pdbx_entry_details.source_details           ? 
_pdbx_entry_details.nonpolymer_details       ? 
_pdbx_entry_details.sequence_details         ? 
# 
_pdbx_distant_solvent_atoms.id                                1 
_pdbx_distant_solvent_atoms.PDB_model_num                     1 
_pdbx_distant_solvent_atoms.auth_atom_id                      O 
_pdbx_distant_solvent_atoms.label_alt_id                      ? 
_pdbx_distant_solvent_atoms.auth_asym_id                      A 
_pdbx_distant_solvent_atoms.auth_comp_id                      HOH 
_pdbx_distant_solvent_atoms.auth_seq_id                       471 
_pdbx_distant_solvent_atoms.PDB_ins_code                      ? 
_pdbx_distant_solvent_atoms.neighbor_macromolecule_distance   6.08 
_pdbx_distant_solvent_atoms.neighbor_ligand_distance          . 
# 
_pdbx_unobs_or_zero_occ_residues.id               1 
_pdbx_unobs_or_zero_occ_residues.PDB_model_num    1 
_pdbx_unobs_or_zero_occ_residues.polymer_flag     Y 
_pdbx_unobs_or_zero_occ_residues.occupancy_flag   1 
_pdbx_unobs_or_zero_occ_residues.auth_asym_id     A 
_pdbx_unobs_or_zero_occ_residues.auth_comp_id     GLY 
_pdbx_unobs_or_zero_occ_residues.auth_seq_id      40 
_pdbx_unobs_or_zero_occ_residues.PDB_ins_code     ? 
_pdbx_unobs_or_zero_occ_residues.label_asym_id    A 
_pdbx_unobs_or_zero_occ_residues.label_comp_id    GLY 
_pdbx_unobs_or_zero_occ_residues.label_seq_id     1 
# 
loop_
_chem_comp_atom.comp_id 
_chem_comp_atom.atom_id 
_chem_comp_atom.type_symbol 
_chem_comp_atom.pdbx_aromatic_flag 
_chem_comp_atom.pdbx_stereo_config 
_chem_comp_atom.pdbx_ordinal 
ALA N    N  N N 1   
ALA CA   C  N S 2   
ALA C    C  N N 3   
ALA O    O  N N 4   
ALA CB   C  N N 5   
ALA OXT  O  N N 6   
ALA H    H  N N 7   
ALA H2   H  N N 8   
ALA HA   H  N N 9   
ALA HB1  H  N N 10  
ALA HB2  H  N N 11  
ALA HB3  H  N N 12  
ALA HXT  H  N N 13  
ARG N    N  N N 14  
ARG CA   C  N S 15  
ARG C    C  N N 16  
ARG O    O  N N 17  
ARG CB   C  N N 18  
ARG CG   C  N N 19  
ARG CD   C  N N 20  
ARG NE   N  N N 21  
ARG CZ   C  N N 22  
ARG NH1  N  N N 23  
ARG NH2  N  N N 24  
ARG OXT  O  N N 25  
ARG H    H  N N 26  
ARG H2   H  N N 27  
ARG HA   H  N N 28  
ARG HB2  H  N N 29  
ARG HB3  H  N N 30  
ARG HG2  H  N N 31  
ARG HG3  H  N N 32  
ARG HD2  H  N N 33  
ARG HD3  H  N N 34  
ARG HE   H  N N 35  
ARG HH11 H  N N 36  
ARG HH12 H  N N 37  
ARG HH21 H  N N 38  
ARG HH22 H  N N 39  
ARG HXT  H  N N 40  
ASN N    N  N N 41  
ASN CA   C  N S 42  
ASN C    C  N N 43  
ASN O    O  N N 44  
ASN CB   C  N N 45  
ASN CG   C  N N 46  
ASN OD1  O  N N 47  
ASN ND2  N  N N 48  
ASN OXT  O  N N 49  
ASN H    H  N N 50  
ASN H2   H  N N 51  
ASN HA   H  N N 52  
ASN HB2  H  N N 53  
ASN HB3  H  N N 54  
ASN HD21 H  N N 55  
ASN HD22 H  N N 56  
ASN HXT  H  N N 57  
ASP N    N  N N 58  
ASP CA   C  N S 59  
ASP C    C  N N 60  
ASP O    O  N N 61  
ASP CB   C  N N 62  
ASP CG   C  N N 63  
ASP OD1  O  N N 64  
ASP OD2  O  N N 65  
ASP OXT  O  N N 66  
ASP H    H  N N 67  
ASP H2   H  N N 68  
ASP HA   H  N N 69  
ASP HB2  H  N N 70  
ASP HB3  H  N N 71  
ASP HD2  H  N N 72  
ASP HXT  H  N N 73  
CD  CD   CD N N 74  
CYS N    N  N N 75  
CYS CA   C  N R 76  
CYS C    C  N N 77  
CYS O    O  N N 78  
CYS CB   C  N N 79  
CYS SG   S  N N 80  
CYS OXT  O  N N 81  
CYS H    H  N N 82  
CYS H2   H  N N 83  
CYS HA   H  N N 84  
CYS HB2  H  N N 85  
CYS HB3  H  N N 86  
CYS HG   H  N N 87  
CYS HXT  H  N N 88  
GLN N    N  N N 89  
GLN CA   C  N S 90  
GLN C    C  N N 91  
GLN O    O  N N 92  
GLN CB   C  N N 93  
GLN CG   C  N N 94  
GLN CD   C  N N 95  
GLN OE1  O  N N 96  
GLN NE2  N  N N 97  
GLN OXT  O  N N 98  
GLN H    H  N N 99  
GLN H2   H  N N 100 
GLN HA   H  N N 101 
GLN HB2  H  N N 102 
GLN HB3  H  N N 103 
GLN HG2  H  N N 104 
GLN HG3  H  N N 105 
GLN HE21 H  N N 106 
GLN HE22 H  N N 107 
GLN HXT  H  N N 108 
GLU N    N  N N 109 
GLU CA   C  N S 110 
GLU C    C  N N 111 
GLU O    O  N N 112 
GLU CB   C  N N 113 
GLU CG   C  N N 114 
GLU CD   C  N N 115 
GLU OE1  O  N N 116 
GLU OE2  O  N N 117 
GLU OXT  O  N N 118 
GLU H    H  N N 119 
GLU H2   H  N N 120 
GLU HA   H  N N 121 
GLU HB2  H  N N 122 
GLU HB3  H  N N 123 
GLU HG2  H  N N 124 
GLU HG3  H  N N 125 
GLU HE2  H  N N 126 
GLU HXT  H  N N 127 
GLY N    N  N N 128 
GLY CA   C  N N 129 
GLY C    C  N N 130 
GLY O    O  N N 131 
GLY OXT  O  N N 132 
GLY H    H  N N 133 
GLY H2   H  N N 134 
GLY HA2  H  N N 135 
GLY HA3  H  N N 136 
GLY HXT  H  N N 137 
HIS N    N  N N 138 
HIS CA   C  N S 139 
HIS C    C  N N 140 
HIS O    O  N N 141 
HIS CB   C  N N 142 
HIS CG   C  Y N 143 
HIS ND1  N  Y N 144 
HIS CD2  C  Y N 145 
HIS CE1  C  Y N 146 
HIS NE2  N  Y N 147 
HIS OXT  O  N N 148 
HIS H    H  N N 149 
HIS H2   H  N N 150 
HIS HA   H  N N 151 
HIS HB2  H  N N 152 
HIS HB3  H  N N 153 
HIS HD1  H  N N 154 
HIS HD2  H  N N 155 
HIS HE1  H  N N 156 
HIS HE2  H  N N 157 
HIS HXT  H  N N 158 
HOH O    O  N N 159 
HOH H1   H  N N 160 
HOH H2   H  N N 161 
ILE N    N  N N 162 
ILE CA   C  N S 163 
ILE C    C  N N 164 
ILE O    O  N N 165 
ILE CB   C  N S 166 
ILE CG1  C  N N 167 
ILE CG2  C  N N 168 
ILE CD1  C  N N 169 
ILE OXT  O  N N 170 
ILE H    H  N N 171 
ILE H2   H  N N 172 
ILE HA   H  N N 173 
ILE HB   H  N N 174 
ILE HG12 H  N N 175 
ILE HG13 H  N N 176 
ILE HG21 H  N N 177 
ILE HG22 H  N N 178 
ILE HG23 H  N N 179 
ILE HD11 H  N N 180 
ILE HD12 H  N N 181 
ILE HD13 H  N N 182 
ILE HXT  H  N N 183 
LEU N    N  N N 184 
LEU CA   C  N S 185 
LEU C    C  N N 186 
LEU O    O  N N 187 
LEU CB   C  N N 188 
LEU CG   C  N N 189 
LEU CD1  C  N N 190 
LEU CD2  C  N N 191 
LEU OXT  O  N N 192 
LEU H    H  N N 193 
LEU H2   H  N N 194 
LEU HA   H  N N 195 
LEU HB2  H  N N 196 
LEU HB3  H  N N 197 
LEU HG   H  N N 198 
LEU HD11 H  N N 199 
LEU HD12 H  N N 200 
LEU HD13 H  N N 201 
LEU HD21 H  N N 202 
LEU HD22 H  N N 203 
LEU HD23 H  N N 204 
LEU HXT  H  N N 205 
LYS N    N  N N 206 
LYS CA   C  N S 207 
LYS C    C  N N 208 
LYS O    O  N N 209 
LYS CB   C  N N 210 
LYS CG   C  N N 211 
LYS CD   C  N N 212 
LYS CE   C  N N 213 
LYS NZ   N  N N 214 
LYS OXT  O  N N 215 
LYS H    H  N N 216 
LYS H2   H  N N 217 
LYS HA   H  N N 218 
LYS HB2  H  N N 219 
LYS HB3  H  N N 220 
LYS HG2  H  N N 221 
LYS HG3  H  N N 222 
LYS HD2  H  N N 223 
LYS HD3  H  N N 224 
LYS HE2  H  N N 225 
LYS HE3  H  N N 226 
LYS HZ1  H  N N 227 
LYS HZ2  H  N N 228 
LYS HZ3  H  N N 229 
LYS HXT  H  N N 230 
MET N    N  N N 231 
MET CA   C  N S 232 
MET C    C  N N 233 
MET O    O  N N 234 
MET CB   C  N N 235 
MET CG   C  N N 236 
MET SD   S  N N 237 
MET CE   C  N N 238 
MET OXT  O  N N 239 
MET H    H  N N 240 
MET H2   H  N N 241 
MET HA   H  N N 242 
MET HB2  H  N N 243 
MET HB3  H  N N 244 
MET HG2  H  N N 245 
MET HG3  H  N N 246 
MET HE1  H  N N 247 
MET HE2  H  N N 248 
MET HE3  H  N N 249 
MET HXT  H  N N 250 
O2A N1   N  N N 251 
O2A C4   C  Y N 252 
O2A C5   C  Y N 253 
O2A C6   C  Y N 254 
O2A C7   C  Y N 255 
O2A C8   C  Y N 256 
O2A C10  C  Y N 257 
O2A C1   C  N N 258 
O2A C2   C  N N 259 
O2A O1   O  N N 260 
O2A C3   C  Y N 261 
O2A C9   C  Y N 262 
O2A N2   N  Y N 263 
O2A H1   H  N N 264 
O2A H2   H  N N 265 
O2A H3   H  N N 266 
O2A H4   H  N N 267 
O2A H5   H  N N 268 
O2A H6   H  N N 269 
O2A H7   H  N N 270 
O2A H8   H  N N 271 
O2A H9   H  N N 272 
O2A H10  H  N N 273 
PHE N    N  N N 274 
PHE CA   C  N S 275 
PHE C    C  N N 276 
PHE O    O  N N 277 
PHE CB   C  N N 278 
PHE CG   C  Y N 279 
PHE CD1  C  Y N 280 
PHE CD2  C  Y N 281 
PHE CE1  C  Y N 282 
PHE CE2  C  Y N 283 
PHE CZ   C  Y N 284 
PHE OXT  O  N N 285 
PHE H    H  N N 286 
PHE H2   H  N N 287 
PHE HA   H  N N 288 
PHE HB2  H  N N 289 
PHE HB3  H  N N 290 
PHE HD1  H  N N 291 
PHE HD2  H  N N 292 
PHE HE1  H  N N 293 
PHE HE2  H  N N 294 
PHE HZ   H  N N 295 
PHE HXT  H  N N 296 
PRO N    N  N N 297 
PRO CA   C  N S 298 
PRO C    C  N N 299 
PRO O    O  N N 300 
PRO CB   C  N N 301 
PRO CG   C  N N 302 
PRO CD   C  N N 303 
PRO OXT  O  N N 304 
PRO H    H  N N 305 
PRO HA   H  N N 306 
PRO HB2  H  N N 307 
PRO HB3  H  N N 308 
PRO HG2  H  N N 309 
PRO HG3  H  N N 310 
PRO HD2  H  N N 311 
PRO HD3  H  N N 312 
PRO HXT  H  N N 313 
SER N    N  N N 314 
SER CA   C  N S 315 
SER C    C  N N 316 
SER O    O  N N 317 
SER CB   C  N N 318 
SER OG   O  N N 319 
SER OXT  O  N N 320 
SER H    H  N N 321 
SER H2   H  N N 322 
SER HA   H  N N 323 
SER HB2  H  N N 324 
SER HB3  H  N N 325 
SER HG   H  N N 326 
SER HXT  H  N N 327 
THR N    N  N N 328 
THR CA   C  N S 329 
THR C    C  N N 330 
THR O    O  N N 331 
THR CB   C  N R 332 
THR OG1  O  N N 333 
THR CG2  C  N N 334 
THR OXT  O  N N 335 
THR H    H  N N 336 
THR H2   H  N N 337 
THR HA   H  N N 338 
THR HB   H  N N 339 
THR HG1  H  N N 340 
THR HG21 H  N N 341 
THR HG22 H  N N 342 
THR HG23 H  N N 343 
THR HXT  H  N N 344 
TRP N    N  N N 345 
TRP CA   C  N S 346 
TRP C    C  N N 347 
TRP O    O  N N 348 
TRP CB   C  N N 349 
TRP CG   C  Y N 350 
TRP CD1  C  Y N 351 
TRP CD2  C  Y N 352 
TRP NE1  N  Y N 353 
TRP CE2  C  Y N 354 
TRP CE3  C  Y N 355 
TRP CZ2  C  Y N 356 
TRP CZ3  C  Y N 357 
TRP CH2  C  Y N 358 
TRP OXT  O  N N 359 
TRP H    H  N N 360 
TRP H2   H  N N 361 
TRP HA   H  N N 362 
TRP HB2  H  N N 363 
TRP HB3  H  N N 364 
TRP HD1  H  N N 365 
TRP HE1  H  N N 366 
TRP HE3  H  N N 367 
TRP HZ2  H  N N 368 
TRP HZ3  H  N N 369 
TRP HH2  H  N N 370 
TRP HXT  H  N N 371 
TYR N    N  N N 372 
TYR CA   C  N S 373 
TYR C    C  N N 374 
TYR O    O  N N 375 
TYR CB   C  N N 376 
TYR CG   C  Y N 377 
TYR CD1  C  Y N 378 
TYR CD2  C  Y N 379 
TYR CE1  C  Y N 380 
TYR CE2  C  Y N 381 
TYR CZ   C  Y N 382 
TYR OH   O  N N 383 
TYR OXT  O  N N 384 
TYR H    H  N N 385 
TYR H2   H  N N 386 
TYR HA   H  N N 387 
TYR HB2  H  N N 388 
TYR HB3  H  N N 389 
TYR HD1  H  N N 390 
TYR HD2  H  N N 391 
TYR HE1  H  N N 392 
TYR HE2  H  N N 393 
TYR HH   H  N N 394 
TYR HXT  H  N N 395 
VAL N    N  N N 396 
VAL CA   C  N S 397 
VAL C    C  N N 398 
VAL O    O  N N 399 
VAL CB   C  N N 400 
VAL CG1  C  N N 401 
VAL CG2  C  N N 402 
VAL OXT  O  N N 403 
VAL H    H  N N 404 
VAL H2   H  N N 405 
VAL HA   H  N N 406 
VAL HB   H  N N 407 
VAL HG11 H  N N 408 
VAL HG12 H  N N 409 
VAL HG13 H  N N 410 
VAL HG21 H  N N 411 
VAL HG22 H  N N 412 
VAL HG23 H  N N 413 
VAL HXT  H  N N 414 
# 
loop_
_chem_comp_bond.comp_id 
_chem_comp_bond.atom_id_1 
_chem_comp_bond.atom_id_2 
_chem_comp_bond.value_order 
_chem_comp_bond.pdbx_aromatic_flag 
_chem_comp_bond.pdbx_stereo_config 
_chem_comp_bond.pdbx_ordinal 
ALA N   CA   sing N N 1   
ALA N   H    sing N N 2   
ALA N   H2   sing N N 3   
ALA CA  C    sing N N 4   
ALA CA  CB   sing N N 5   
ALA CA  HA   sing N N 6   
ALA C   O    doub N N 7   
ALA C   OXT  sing N N 8   
ALA CB  HB1  sing N N 9   
ALA CB  HB2  sing N N 10  
ALA CB  HB3  sing N N 11  
ALA OXT HXT  sing N N 12  
ARG N   CA   sing N N 13  
ARG N   H    sing N N 14  
ARG N   H2   sing N N 15  
ARG CA  C    sing N N 16  
ARG CA  CB   sing N N 17  
ARG CA  HA   sing N N 18  
ARG C   O    doub N N 19  
ARG C   OXT  sing N N 20  
ARG CB  CG   sing N N 21  
ARG CB  HB2  sing N N 22  
ARG CB  HB3  sing N N 23  
ARG CG  CD   sing N N 24  
ARG CG  HG2  sing N N 25  
ARG CG  HG3  sing N N 26  
ARG CD  NE   sing N N 27  
ARG CD  HD2  sing N N 28  
ARG CD  HD3  sing N N 29  
ARG NE  CZ   sing N N 30  
ARG NE  HE   sing N N 31  
ARG CZ  NH1  sing N N 32  
ARG CZ  NH2  doub N N 33  
ARG NH1 HH11 sing N N 34  
ARG NH1 HH12 sing N N 35  
ARG NH2 HH21 sing N N 36  
ARG NH2 HH22 sing N N 37  
ARG OXT HXT  sing N N 38  
ASN N   CA   sing N N 39  
ASN N   H    sing N N 40  
ASN N   H2   sing N N 41  
ASN CA  C    sing N N 42  
ASN CA  CB   sing N N 43  
ASN CA  HA   sing N N 44  
ASN C   O    doub N N 45  
ASN C   OXT  sing N N 46  
ASN CB  CG   sing N N 47  
ASN CB  HB2  sing N N 48  
ASN CB  HB3  sing N N 49  
ASN CG  OD1  doub N N 50  
ASN CG  ND2  sing N N 51  
ASN ND2 HD21 sing N N 52  
ASN ND2 HD22 sing N N 53  
ASN OXT HXT  sing N N 54  
ASP N   CA   sing N N 55  
ASP N   H    sing N N 56  
ASP N   H2   sing N N 57  
ASP CA  C    sing N N 58  
ASP CA  CB   sing N N 59  
ASP CA  HA   sing N N 60  
ASP C   O    doub N N 61  
ASP C   OXT  sing N N 62  
ASP CB  CG   sing N N 63  
ASP CB  HB2  sing N N 64  
ASP CB  HB3  sing N N 65  
ASP CG  OD1  doub N N 66  
ASP CG  OD2  sing N N 67  
ASP OD2 HD2  sing N N 68  
ASP OXT HXT  sing N N 69  
CYS N   CA   sing N N 70  
CYS N   H    sing N N 71  
CYS N   H2   sing N N 72  
CYS CA  C    sing N N 73  
CYS CA  CB   sing N N 74  
CYS CA  HA   sing N N 75  
CYS C   O    doub N N 76  
CYS C   OXT  sing N N 77  
CYS CB  SG   sing N N 78  
CYS CB  HB2  sing N N 79  
CYS CB  HB3  sing N N 80  
CYS SG  HG   sing N N 81  
CYS OXT HXT  sing N N 82  
GLN N   CA   sing N N 83  
GLN N   H    sing N N 84  
GLN N   H2   sing N N 85  
GLN CA  C    sing N N 86  
GLN CA  CB   sing N N 87  
GLN CA  HA   sing N N 88  
GLN C   O    doub N N 89  
GLN C   OXT  sing N N 90  
GLN CB  CG   sing N N 91  
GLN CB  HB2  sing N N 92  
GLN CB  HB3  sing N N 93  
GLN CG  CD   sing N N 94  
GLN CG  HG2  sing N N 95  
GLN CG  HG3  sing N N 96  
GLN CD  OE1  doub N N 97  
GLN CD  NE2  sing N N 98  
GLN NE2 HE21 sing N N 99  
GLN NE2 HE22 sing N N 100 
GLN OXT HXT  sing N N 101 
GLU N   CA   sing N N 102 
GLU N   H    sing N N 103 
GLU N   H2   sing N N 104 
GLU CA  C    sing N N 105 
GLU CA  CB   sing N N 106 
GLU CA  HA   sing N N 107 
GLU C   O    doub N N 108 
GLU C   OXT  sing N N 109 
GLU CB  CG   sing N N 110 
GLU CB  HB2  sing N N 111 
GLU CB  HB3  sing N N 112 
GLU CG  CD   sing N N 113 
GLU CG  HG2  sing N N 114 
GLU CG  HG3  sing N N 115 
GLU CD  OE1  doub N N 116 
GLU CD  OE2  sing N N 117 
GLU OE2 HE2  sing N N 118 
GLU OXT HXT  sing N N 119 
GLY N   CA   sing N N 120 
GLY N   H    sing N N 121 
GLY N   H2   sing N N 122 
GLY CA  C    sing N N 123 
GLY CA  HA2  sing N N 124 
GLY CA  HA3  sing N N 125 
GLY C   O    doub N N 126 
GLY C   OXT  sing N N 127 
GLY OXT HXT  sing N N 128 
HIS N   CA   sing N N 129 
HIS N   H    sing N N 130 
HIS N   H2   sing N N 131 
HIS CA  C    sing N N 132 
HIS CA  CB   sing N N 133 
HIS CA  HA   sing N N 134 
HIS C   O    doub N N 135 
HIS C   OXT  sing N N 136 
HIS CB  CG   sing N N 137 
HIS CB  HB2  sing N N 138 
HIS CB  HB3  sing N N 139 
HIS CG  ND1  sing Y N 140 
HIS CG  CD2  doub Y N 141 
HIS ND1 CE1  doub Y N 142 
HIS ND1 HD1  sing N N 143 
HIS CD2 NE2  sing Y N 144 
HIS CD2 HD2  sing N N 145 
HIS CE1 NE2  sing Y N 146 
HIS CE1 HE1  sing N N 147 
HIS NE2 HE2  sing N N 148 
HIS OXT HXT  sing N N 149 
HOH O   H1   sing N N 150 
HOH O   H2   sing N N 151 
ILE N   CA   sing N N 152 
ILE N   H    sing N N 153 
ILE N   H2   sing N N 154 
ILE CA  C    sing N N 155 
ILE CA  CB   sing N N 156 
ILE CA  HA   sing N N 157 
ILE C   O    doub N N 158 
ILE C   OXT  sing N N 159 
ILE CB  CG1  sing N N 160 
ILE CB  CG2  sing N N 161 
ILE CB  HB   sing N N 162 
ILE CG1 CD1  sing N N 163 
ILE CG1 HG12 sing N N 164 
ILE CG1 HG13 sing N N 165 
ILE CG2 HG21 sing N N 166 
ILE CG2 HG22 sing N N 167 
ILE CG2 HG23 sing N N 168 
ILE CD1 HD11 sing N N 169 
ILE CD1 HD12 sing N N 170 
ILE CD1 HD13 sing N N 171 
ILE OXT HXT  sing N N 172 
LEU N   CA   sing N N 173 
LEU N   H    sing N N 174 
LEU N   H2   sing N N 175 
LEU CA  C    sing N N 176 
LEU CA  CB   sing N N 177 
LEU CA  HA   sing N N 178 
LEU C   O    doub N N 179 
LEU C   OXT  sing N N 180 
LEU CB  CG   sing N N 181 
LEU CB  HB2  sing N N 182 
LEU CB  HB3  sing N N 183 
LEU CG  CD1  sing N N 184 
LEU CG  CD2  sing N N 185 
LEU CG  HG   sing N N 186 
LEU CD1 HD11 sing N N 187 
LEU CD1 HD12 sing N N 188 
LEU CD1 HD13 sing N N 189 
LEU CD2 HD21 sing N N 190 
LEU CD2 HD22 sing N N 191 
LEU CD2 HD23 sing N N 192 
LEU OXT HXT  sing N N 193 
LYS N   CA   sing N N 194 
LYS N   H    sing N N 195 
LYS N   H2   sing N N 196 
LYS CA  C    sing N N 197 
LYS CA  CB   sing N N 198 
LYS CA  HA   sing N N 199 
LYS C   O    doub N N 200 
LYS C   OXT  sing N N 201 
LYS CB  CG   sing N N 202 
LYS CB  HB2  sing N N 203 
LYS CB  HB3  sing N N 204 
LYS CG  CD   sing N N 205 
LYS CG  HG2  sing N N 206 
LYS CG  HG3  sing N N 207 
LYS CD  CE   sing N N 208 
LYS CD  HD2  sing N N 209 
LYS CD  HD3  sing N N 210 
LYS CE  NZ   sing N N 211 
LYS CE  HE2  sing N N 212 
LYS CE  HE3  sing N N 213 
LYS NZ  HZ1  sing N N 214 
LYS NZ  HZ2  sing N N 215 
LYS NZ  HZ3  sing N N 216 
LYS OXT HXT  sing N N 217 
MET N   CA   sing N N 218 
MET N   H    sing N N 219 
MET N   H2   sing N N 220 
MET CA  C    sing N N 221 
MET CA  CB   sing N N 222 
MET CA  HA   sing N N 223 
MET C   O    doub N N 224 
MET C   OXT  sing N N 225 
MET CB  CG   sing N N 226 
MET CB  HB2  sing N N 227 
MET CB  HB3  sing N N 228 
MET CG  SD   sing N N 229 
MET CG  HG2  sing N N 230 
MET CG  HG3  sing N N 231 
MET SD  CE   sing N N 232 
MET CE  HE1  sing N N 233 
MET CE  HE2  sing N N 234 
MET CE  HE3  sing N N 235 
MET OXT HXT  sing N N 236 
O2A C1  N1   sing N N 237 
O2A N1  C2   sing N N 238 
O2A O1  C2   doub N N 239 
O2A C2  C3   sing N N 240 
O2A C4  C3   doub Y N 241 
O2A C4  C5   sing Y N 242 
O2A C3  C10  sing Y N 243 
O2A C5  C6   doub Y N 244 
O2A C10 N2   sing Y N 245 
O2A C10 C7   doub Y N 246 
O2A N2  C9   sing Y N 247 
O2A C6  C7   sing Y N 248 
O2A C7  C8   sing Y N 249 
O2A C9  C8   doub Y N 250 
O2A N1  H1   sing N N 251 
O2A C4  H2   sing N N 252 
O2A C5  H3   sing N N 253 
O2A C6  H4   sing N N 254 
O2A C8  H5   sing N N 255 
O2A C1  H6   sing N N 256 
O2A C1  H7   sing N N 257 
O2A C1  H8   sing N N 258 
O2A C9  H9   sing N N 259 
O2A N2  H10  sing N N 260 
PHE N   CA   sing N N 261 
PHE N   H    sing N N 262 
PHE N   H2   sing N N 263 
PHE CA  C    sing N N 264 
PHE CA  CB   sing N N 265 
PHE CA  HA   sing N N 266 
PHE C   O    doub N N 267 
PHE C   OXT  sing N N 268 
PHE CB  CG   sing N N 269 
PHE CB  HB2  sing N N 270 
PHE CB  HB3  sing N N 271 
PHE CG  CD1  doub Y N 272 
PHE CG  CD2  sing Y N 273 
PHE CD1 CE1  sing Y N 274 
PHE CD1 HD1  sing N N 275 
PHE CD2 CE2  doub Y N 276 
PHE CD2 HD2  sing N N 277 
PHE CE1 CZ   doub Y N 278 
PHE CE1 HE1  sing N N 279 
PHE CE2 CZ   sing Y N 280 
PHE CE2 HE2  sing N N 281 
PHE CZ  HZ   sing N N 282 
PHE OXT HXT  sing N N 283 
PRO N   CA   sing N N 284 
PRO N   CD   sing N N 285 
PRO N   H    sing N N 286 
PRO CA  C    sing N N 287 
PRO CA  CB   sing N N 288 
PRO CA  HA   sing N N 289 
PRO C   O    doub N N 290 
PRO C   OXT  sing N N 291 
PRO CB  CG   sing N N 292 
PRO CB  HB2  sing N N 293 
PRO CB  HB3  sing N N 294 
PRO CG  CD   sing N N 295 
PRO CG  HG2  sing N N 296 
PRO CG  HG3  sing N N 297 
PRO CD  HD2  sing N N 298 
PRO CD  HD3  sing N N 299 
PRO OXT HXT  sing N N 300 
SER N   CA   sing N N 301 
SER N   H    sing N N 302 
SER N   H2   sing N N 303 
SER CA  C    sing N N 304 
SER CA  CB   sing N N 305 
SER CA  HA   sing N N 306 
SER C   O    doub N N 307 
SER C   OXT  sing N N 308 
SER CB  OG   sing N N 309 
SER CB  HB2  sing N N 310 
SER CB  HB3  sing N N 311 
SER OG  HG   sing N N 312 
SER OXT HXT  sing N N 313 
THR N   CA   sing N N 314 
THR N   H    sing N N 315 
THR N   H2   sing N N 316 
THR CA  C    sing N N 317 
THR CA  CB   sing N N 318 
THR CA  HA   sing N N 319 
THR C   O    doub N N 320 
THR C   OXT  sing N N 321 
THR CB  OG1  sing N N 322 
THR CB  CG2  sing N N 323 
THR CB  HB   sing N N 324 
THR OG1 HG1  sing N N 325 
THR CG2 HG21 sing N N 326 
THR CG2 HG22 sing N N 327 
THR CG2 HG23 sing N N 328 
THR OXT HXT  sing N N 329 
TRP N   CA   sing N N 330 
TRP N   H    sing N N 331 
TRP N   H2   sing N N 332 
TRP CA  C    sing N N 333 
TRP CA  CB   sing N N 334 
TRP CA  HA   sing N N 335 
TRP C   O    doub N N 336 
TRP C   OXT  sing N N 337 
TRP CB  CG   sing N N 338 
TRP CB  HB2  sing N N 339 
TRP CB  HB3  sing N N 340 
TRP CG  CD1  doub Y N 341 
TRP CG  CD2  sing Y N 342 
TRP CD1 NE1  sing Y N 343 
TRP CD1 HD1  sing N N 344 
TRP CD2 CE2  doub Y N 345 
TRP CD2 CE3  sing Y N 346 
TRP NE1 CE2  sing Y N 347 
TRP NE1 HE1  sing N N 348 
TRP CE2 CZ2  sing Y N 349 
TRP CE3 CZ3  doub Y N 350 
TRP CE3 HE3  sing N N 351 
TRP CZ2 CH2  doub Y N 352 
TRP CZ2 HZ2  sing N N 353 
TRP CZ3 CH2  sing Y N 354 
TRP CZ3 HZ3  sing N N 355 
TRP CH2 HH2  sing N N 356 
TRP OXT HXT  sing N N 357 
TYR N   CA   sing N N 358 
TYR N   H    sing N N 359 
TYR N   H2   sing N N 360 
TYR CA  C    sing N N 361 
TYR CA  CB   sing N N 362 
TYR CA  HA   sing N N 363 
TYR C   O    doub N N 364 
TYR C   OXT  sing N N 365 
TYR CB  CG   sing N N 366 
TYR CB  HB2  sing N N 367 
TYR CB  HB3  sing N N 368 
TYR CG  CD1  doub Y N 369 
TYR CG  CD2  sing Y N 370 
TYR CD1 CE1  sing Y N 371 
TYR CD1 HD1  sing N N 372 
TYR CD2 CE2  doub Y N 373 
TYR CD2 HD2  sing N N 374 
TYR CE1 CZ   doub Y N 375 
TYR CE1 HE1  sing N N 376 
TYR CE2 CZ   sing Y N 377 
TYR CE2 HE2  sing N N 378 
TYR CZ  OH   sing N N 379 
TYR OH  HH   sing N N 380 
TYR OXT HXT  sing N N 381 
VAL N   CA   sing N N 382 
VAL N   H    sing N N 383 
VAL N   H2   sing N N 384 
VAL CA  C    sing N N 385 
VAL CA  CB   sing N N 386 
VAL CA  HA   sing N N 387 
VAL C   O    doub N N 388 
VAL C   OXT  sing N N 389 
VAL CB  CG1  sing N N 390 
VAL CB  CG2  sing N N 391 
VAL CB  HB   sing N N 392 
VAL CG1 HG11 sing N N 393 
VAL CG1 HG12 sing N N 394 
VAL CG1 HG13 sing N N 395 
VAL CG2 HG21 sing N N 396 
VAL CG2 HG22 sing N N 397 
VAL CG2 HG23 sing N N 398 
VAL OXT HXT  sing N N 399 
# 
_pdbx_deposit_group.group_id            G_1002082 
_pdbx_deposit_group.group_description   
;Human Brachyury screened against the DSI-poised Fragment Library by X-ray Crystallography at the XChem facility of Diamond Light Source beamline I04-1
;
_pdbx_deposit_group.group_title         'PanDDA analysis group deposition' 
_pdbx_deposit_group.group_type          'changed state' 
# 
_pdbx_entity_instance_feature.ordinal        1 
_pdbx_entity_instance_feature.comp_id        O2A 
_pdbx_entity_instance_feature.asym_id        ? 
_pdbx_entity_instance_feature.seq_num        ? 
_pdbx_entity_instance_feature.auth_comp_id   O2A 
_pdbx_entity_instance_feature.auth_asym_id   ? 
_pdbx_entity_instance_feature.auth_seq_num   ? 
_pdbx_entity_instance_feature.feature_type   'SUBJECT OF INVESTIGATION' 
_pdbx_entity_instance_feature.details        ? 
# 
_atom_sites.entry_id                    5QSL 
_atom_sites.fract_transf_matrix[1][1]   0.00941650 
_atom_sites.fract_transf_matrix[1][2]   -0.00870692 
_atom_sites.fract_transf_matrix[1][3]   -0.01068685 
_atom_sites.fract_transf_matrix[2][1]   -0.00458783 
_atom_sites.fract_transf_matrix[2][2]   -0.01418400 
_atom_sites.fract_transf_matrix[2][3]   0.00751368 
_atom_sites.fract_transf_matrix[3][1]   -0.00709823 
_atom_sites.fract_transf_matrix[3][2]   -0.00071057 
_atom_sites.fract_transf_matrix[3][3]   -0.00567554 
_atom_sites.fract_transf_vector[1]      0.345691 
_atom_sites.fract_transf_vector[2]      -0.012700 
_atom_sites.fract_transf_vector[3]      0.060728 
# 
loop_
_atom_type.symbol 
C  
CD 
N  
O  
S  
# 
loop_
_atom_site.group_PDB 
_atom_site.id 
_atom_site.type_symbol 
_atom_site.label_atom_id 
_atom_site.label_alt_id 
_atom_site.label_comp_id 
_atom_site.label_asym_id 
_atom_site.label_entity_id 
_atom_site.label_seq_id 
_atom_site.pdbx_PDB_ins_code 
_atom_site.Cartn_x 
_atom_site.Cartn_y 
_atom_site.Cartn_z 
_atom_site.occupancy 
_atom_site.B_iso_or_equiv 
_atom_site.pdbx_formal_charge 
_atom_site.auth_seq_id 
_atom_site.auth_comp_id 
_atom_site.auth_asym_id 
_atom_site.auth_atom_id 
_atom_site.pdbx_PDB_model_num 
ATOM   1    N  N   . GLU A 1 2   ? 9.360   1.488   -22.698 1.00 82.11  ? 41  GLU A N   1 
ATOM   2    C  CA  . GLU A 1 2   ? 9.184   0.977   -21.288 1.00 80.82  ? 41  GLU A CA  1 
ATOM   3    C  C   . GLU A 1 2   ? 7.788   1.378   -20.766 1.00 69.53  ? 41  GLU A C   1 
ATOM   4    O  O   . GLU A 1 2   ? 7.322   2.506   -21.047 1.00 65.54  ? 41  GLU A O   1 
ATOM   5    C  CB  . GLU A 1 2   ? 10.304  1.481   -20.351 1.00 82.90  ? 41  GLU A CB  1 
ATOM   6    C  CG  . GLU A 1 2   ? 11.347  0.430   -19.940 1.00 82.48  ? 41  GLU A CG  1 
ATOM   7    C  CD  . GLU A 1 2   ? 12.573  0.297   -20.835 1.00 80.61  ? 41  GLU A CD  1 
ATOM   8    O  OE1 . GLU A 1 2   ? 13.640  -0.140  -20.343 1.00 73.32  ? 41  GLU A OE1 1 
ATOM   9    O  OE2 . GLU A 1 2   ? 12.462  0.627   -22.028 1.00 86.98  ? 41  GLU A OE2 1 
ATOM   10   N  N   . LEU A 1 3   ? 7.136   0.434   -20.083 1.00 56.96  ? 42  LEU A N   1 
ATOM   11   C  CA  . LEU A 1 3   ? 6.106   0.630   -19.021 1.00 55.92  ? 42  LEU A CA  1 
ATOM   12   C  C   . LEU A 1 3   ? 6.682   1.531   -17.911 1.00 50.26  ? 42  LEU A C   1 
ATOM   13   O  O   . LEU A 1 3   ? 7.746   1.194   -17.443 1.00 50.74  ? 42  LEU A O   1 
ATOM   14   C  CB  . LEU A 1 3   ? 5.774   -0.780  -18.512 1.00 53.30  ? 42  LEU A CB  1 
ATOM   15   C  CG  . LEU A 1 3   ? 4.939   -0.905  -17.246 1.00 53.19  ? 42  LEU A CG  1 
ATOM   16   C  CD1 . LEU A 1 3   ? 3.896   0.204   -17.157 1.00 58.10  ? 42  LEU A CD1 1 
ATOM   17   C  CD2 . LEU A 1 3   ? 4.290   -2.282  -17.206 1.00 50.84  ? 42  LEU A CD2 1 
ATOM   18   N  N   . ARG A 1 4   ? 6.017   2.635   -17.534 1.00 47.60  ? 43  ARG A N   1 
ATOM   19   C  CA  . ARG A 1 4   ? 6.501   3.620   -16.521 1.00 45.79  ? 43  ARG A CA  1 
ATOM   20   C  C   . ARG A 1 4   ? 5.417   3.776   -15.430 1.00 48.43  ? 43  ARG A C   1 
ATOM   21   O  O   . ARG A 1 4   ? 4.198   3.796   -15.736 1.00 41.66  ? 43  ARG A O   1 
ATOM   22   C  CB  . ARG A 1 4   ? 6.941   4.923   -17.202 1.00 44.17  ? 43  ARG A CB  1 
ATOM   23   N  N   . VAL A 1 5   ? 5.831   3.775   -14.162 1.00 50.38  ? 44  VAL A N   1 
ATOM   24   C  CA  . VAL A 1 5   ? 4.924   3.659   -12.974 1.00 47.12  ? 44  VAL A CA  1 
ATOM   25   C  C   . VAL A 1 5   ? 5.364   4.681   -11.929 1.00 49.42  ? 44  VAL A C   1 
ATOM   26   O  O   . VAL A 1 5   ? 6.361   4.414   -11.255 1.00 52.49  ? 44  VAL A O   1 
ATOM   27   C  CB  . VAL A 1 5   ? 4.935   2.239   -12.365 1.00 43.12  ? 44  VAL A CB  1 
ATOM   28   C  CG1 . VAL A 1 5   ? 4.150   2.167   -11.071 1.00 48.22  ? 44  VAL A CG1 1 
ATOM   29   C  CG2 . VAL A 1 5   ? 4.403   1.196   -13.321 1.00 43.65  ? 44  VAL A CG2 1 
ATOM   30   N  N   . GLY A 1 6   ? 4.647   5.793   -11.792 1.00 53.23  ? 45  GLY A N   1 
ATOM   31   C  CA  . GLY A 1 6   ? 4.986   6.838   -10.809 1.00 57.14  ? 45  GLY A CA  1 
ATOM   32   C  C   . GLY A 1 6   ? 3.989   6.884   -9.662  1.00 51.17  ? 45  GLY A C   1 
ATOM   33   O  O   . GLY A 1 6   ? 2.940   6.241   -9.780  1.00 47.35  ? 45  GLY A O   1 
ATOM   34   N  N   . LEU A 1 7   ? 4.304   7.656   -8.616  1.00 40.51  ? 46  LEU A N   1 
ATOM   35   C  CA  . LEU A 1 7   ? 3.452   7.856   -7.425  1.00 41.30  ? 46  LEU A CA  1 
ATOM   36   C  C   . LEU A 1 7   ? 2.824   9.246   -7.517  1.00 45.00  ? 46  LEU A C   1 
ATOM   37   O  O   . LEU A 1 7   ? 3.589   10.231  -7.603  1.00 43.46  ? 46  LEU A O   1 
ATOM   38   C  CB  . LEU A 1 7   ? 4.326   7.708   -6.173  1.00 39.36  ? 46  LEU A CB  1 
ATOM   39   C  CG  . LEU A 1 7   ? 3.650   8.088   -4.867  1.00 34.35  ? 46  LEU A CG  1 
ATOM   40   C  CD1 . LEU A 1 7   ? 2.480   7.145   -4.613  1.00 33.76  ? 46  LEU A CD1 1 
ATOM   41   C  CD2 . LEU A 1 7   ? 4.653   8.076   -3.715  1.00 38.69  ? 46  LEU A CD2 1 
ATOM   42   N  N   . GLU A 1 8   ? 1.491   9.338   -7.491  1.00 46.11  ? 47  GLU A N   1 
ATOM   43   C  CA  . GLU A 1 8   ? 0.794   10.650  -7.506  1.00 48.48  ? 47  GLU A CA  1 
ATOM   44   C  C   . GLU A 1 8   ? 0.897   11.194  -6.075  1.00 47.59  ? 47  GLU A C   1 
ATOM   45   O  O   . GLU A 1 8   ? 0.934   10.368  -5.137  1.00 37.11  ? 47  GLU A O   1 
ATOM   46   C  CB  . GLU A 1 8   ? -0.642  10.520  -8.032  1.00 49.71  ? 47  GLU A CB  1 
ATOM   47   C  CG  . GLU A 1 8   ? -1.274  11.852  -8.391  1.00 56.58  ? 47  GLU A CG  1 
ATOM   48   C  CD  . GLU A 1 8   ? -0.696  12.454  -9.653  1.00 67.57  ? 47  GLU A CD  1 
ATOM   49   O  OE1 . GLU A 1 8   ? -0.908  11.832  -10.695 1.00 79.29  ? 47  GLU A OE1 1 
ATOM   50   O  OE2 . GLU A 1 8   ? -0.009  13.518  -9.594  1.00 71.94  ? 47  GLU A OE2 1 
ATOM   51   N  N   . GLU A 1 9   ? 0.992   12.517  -5.935  1.00 46.67  ? 48  GLU A N   1 
ATOM   52   C  CA  . GLU A 1 9   ? 1.031   13.228  -4.637  1.00 49.56  ? 48  GLU A CA  1 
ATOM   53   C  C   . GLU A 1 9   ? 2.171   12.670  -3.772  1.00 48.55  ? 48  GLU A C   1 
ATOM   54   O  O   . GLU A 1 9   ? 1.986   12.583  -2.537  1.00 48.74  ? 48  GLU A O   1 
ATOM   55   C  CB  . GLU A 1 9   ? -0.324  13.092  -3.934  1.00 54.15  ? 48  GLU A CB  1 
ATOM   56   C  CG  . GLU A 1 9   ? -1.504  13.514  -4.797  1.00 60.51  ? 48  GLU A CG  1 
ATOM   57   C  CD  . GLU A 1 9   ? -2.860  13.602  -4.102  1.00 70.16  ? 48  GLU A CD  1 
ATOM   58   O  OE1 . GLU A 1 9   ? -2.924  13.928  -2.884  1.00 66.46  ? 48  GLU A OE1 1 
ATOM   59   O  OE2 . GLU A 1 9   ? -3.863  13.341  -4.790  1.00 74.83  ? 48  GLU A OE2 1 
ATOM   60   N  N   . SER A 1 10  ? 3.321   12.333  -4.364  1.00 42.81  ? 49  SER A N   1 
ATOM   61   C  CA  . SER A 1 10  ? 4.517   11.873  -3.607  1.00 43.42  ? 49  SER A CA  1 
ATOM   62   C  C   . SER A 1 10  ? 4.940   12.918  -2.568  1.00 44.96  ? 49  SER A C   1 
ATOM   63   O  O   . SER A 1 10  ? 5.472   12.510  -1.530  1.00 47.03  ? 49  SER A O   1 
ATOM   64   C  CB  . SER A 1 10  ? 5.668   11.515  -4.517  1.00 44.40  ? 49  SER A CB  1 
ATOM   65   O  OG  . SER A 1 10  ? 5.988   12.594  -5.370  1.00 45.08  ? 49  SER A OG  1 
ATOM   66   N  N   . GLU A 1 11  ? 4.724   14.212  -2.826  1.00 46.92  ? 50  GLU A N   1 
ATOM   67   C  CA  . GLU A 1 11  ? 5.131   15.290  -1.891  1.00 51.01  ? 50  GLU A CA  1 
ATOM   68   C  C   . GLU A 1 11  ? 4.311   15.149  -0.607  1.00 53.11  ? 50  GLU A C   1 
ATOM   69   O  O   . GLU A 1 11  ? 4.917   15.142  0.476   1.00 43.11  ? 50  GLU A O   1 
ATOM   70   C  CB  . GLU A 1 11  ? 4.960   16.665  -2.536  1.00 61.83  ? 50  GLU A CB  1 
ATOM   71   C  CG  . GLU A 1 11  ? 3.623   17.325  -2.247  1.00 69.15  ? 50  GLU A CG  1 
ATOM   72   C  CD  . GLU A 1 11  ? 3.650   18.816  -2.489  1.00 78.84  ? 50  GLU A CD  1 
ATOM   73   O  OE1 . GLU A 1 11  ? 3.428   19.573  -1.515  1.00 84.13  ? 50  GLU A OE1 1 
ATOM   74   O  OE2 . GLU A 1 11  ? 3.924   19.215  -3.644  1.00 86.80  ? 50  GLU A OE2 1 
ATOM   75   N  N   . LEU A 1 12  ? 2.988   14.990  -0.747  1.00 57.58  ? 51  LEU A N   1 
ATOM   76   C  CA  . LEU A 1 12  ? 2.061   14.698  0.376   1.00 52.05  ? 51  LEU A CA  1 
ATOM   77   C  C   . LEU A 1 12  ? 2.615   13.504  1.151   1.00 49.94  ? 51  LEU A C   1 
ATOM   78   O  O   . LEU A 1 12  ? 2.725   13.612  2.399   1.00 51.06  ? 51  LEU A O   1 
ATOM   79   C  CB  . LEU A 1 12  ? 0.642   14.430  -0.155  1.00 50.04  ? 51  LEU A CB  1 
ATOM   80   C  CG  . LEU A 1 12  ? -0.388  13.934  0.873   1.00 50.22  ? 51  LEU A CG  1 
ATOM   81   C  CD1 . LEU A 1 12  ? -0.586  14.923  2.005   1.00 50.76  ? 51  LEU A CD1 1 
ATOM   82   C  CD2 . LEU A 1 12  ? -1.727  13.613  0.225   1.00 50.28  ? 51  LEU A CD2 1 
ATOM   83   N  N   . TRP A 1 13  ? 2.947   12.417  0.439   1.00 48.44  ? 52  TRP A N   1 
ATOM   84   C  CA  . TRP A 1 13  ? 3.434   11.145  1.049   1.00 45.48  ? 52  TRP A CA  1 
ATOM   85   C  C   . TRP A 1 13  ? 4.753   11.386  1.777   1.00 44.33  ? 52  TRP A C   1 
ATOM   86   O  O   . TRP A 1 13  ? 4.887   10.880  2.878   1.00 44.53  ? 52  TRP A O   1 
ATOM   87   C  CB  . TRP A 1 13  ? 3.578   10.012  0.030   1.00 39.61  ? 52  TRP A CB  1 
ATOM   88   C  CG  . TRP A 1 13  ? 2.318   9.246   -0.233  1.00 36.93  ? 52  TRP A CG  1 
ATOM   89   C  CD1 . TRP A 1 13  ? 1.512   9.355   -1.326  1.00 35.35  ? 52  TRP A CD1 1 
ATOM   90   C  CD2 . TRP A 1 13  ? 1.732   8.235   0.602   1.00 36.86  ? 52  TRP A CD2 1 
ATOM   91   N  NE1 . TRP A 1 13  ? 0.449   8.503   -1.214  1.00 39.52  ? 52  TRP A NE1 1 
ATOM   92   C  CE2 . TRP A 1 13  ? 0.548   7.806   -0.040  1.00 38.76  ? 52  TRP A CE2 1 
ATOM   93   C  CE3 . TRP A 1 13  ? 2.079   7.663   1.827   1.00 34.15  ? 52  TRP A CE3 1 
ATOM   94   C  CZ2 . TRP A 1 13  ? -0.265  6.801   0.488   1.00 40.91  ? 52  TRP A CZ2 1 
ATOM   95   C  CZ3 . TRP A 1 13  ? 1.270   6.680   2.361   1.00 38.12  ? 52  TRP A CZ3 1 
ATOM   96   C  CH2 . TRP A 1 13  ? 0.094   6.276   1.719   1.00 41.04  ? 52  TRP A CH2 1 
ATOM   97   N  N   . LEU A 1 14  ? 5.687   12.098  1.149   1.00 52.82  ? 53  LEU A N   1 
ATOM   98   C  CA  . LEU A 1 14  ? 7.024   12.446  1.726   1.00 57.80  ? 53  LEU A CA  1 
ATOM   99   C  C   . LEU A 1 14  ? 6.854   13.199  3.071   1.00 56.97  ? 53  LEU A C   1 
ATOM   100  O  O   . LEU A 1 14  ? 7.636   12.966  4.008   1.00 49.67  ? 53  LEU A O   1 
ATOM   101  C  CB  . LEU A 1 14  ? 7.811   13.256  0.680   1.00 58.02  ? 53  LEU A CB  1 
ATOM   102  C  CG  . LEU A 1 14  ? 8.678   12.483  -0.339  1.00 67.68  ? 53  LEU A CG  1 
ATOM   103  C  CD1 . LEU A 1 14  ? 8.275   11.020  -0.527  1.00 80.10  ? 53  LEU A CD1 1 
ATOM   104  C  CD2 . LEU A 1 14  ? 8.683   13.174  -1.697  1.00 65.32  ? 53  LEU A CD2 1 
ATOM   105  N  N   . ARG A 1 15  ? 5.835   14.043  3.212   1.00 61.99  ? 54  ARG A N   1 
ATOM   106  C  CA  . ARG A 1 15  ? 5.583   14.784  4.478   1.00 60.05  ? 54  ARG A CA  1 
ATOM   107  C  C   . ARG A 1 15  ? 5.332   13.780  5.611   1.00 55.38  ? 54  ARG A C   1 
ATOM   108  O  O   . ARG A 1 15  ? 5.761   14.038  6.749   1.00 55.82  ? 54  ARG A O   1 
ATOM   109  C  CB  . ARG A 1 15  ? 4.409   15.745  4.297   1.00 69.85  ? 54  ARG A CB  1 
ATOM   110  C  CG  . ARG A 1 15  ? 4.685   16.875  3.316   1.00 75.97  ? 54  ARG A CG  1 
ATOM   111  C  CD  . ARG A 1 15  ? 5.353   18.066  3.970   1.00 82.62  ? 54  ARG A CD  1 
ATOM   112  N  NE  . ARG A 1 15  ? 4.547   18.615  5.054   1.00 89.64  ? 54  ARG A NE  1 
ATOM   113  C  CZ  . ARG A 1 15  ? 3.432   19.330  4.894   1.00 96.10  ? 54  ARG A CZ  1 
ATOM   114  N  NH1 . ARG A 1 15  ? 2.974   19.591  3.679   1.00 94.05  ? 54  ARG A NH1 1 
ATOM   115  N  NH2 . ARG A 1 15  ? 2.778   19.784  5.955   1.00 92.79  ? 54  ARG A NH2 1 
ATOM   116  N  N   . PHE A 1 16  ? 4.693   12.652  5.300   1.00 51.18  ? 55  PHE A N   1 
ATOM   117  C  CA  . PHE A 1 16  ? 4.396   11.572  6.278   1.00 49.02  ? 55  PHE A CA  1 
ATOM   118  C  C   . PHE A 1 16  ? 5.642   10.709  6.513   1.00 49.20  ? 55  PHE A C   1 
ATOM   119  O  O   . PHE A 1 16  ? 6.021   10.552  7.691   1.00 41.86  ? 55  PHE A O   1 
ATOM   120  C  CB  . PHE A 1 16  ? 3.245   10.704  5.796   1.00 45.80  ? 55  PHE A CB  1 
ATOM   121  C  CG  . PHE A 1 16  ? 1.897   11.361  5.869   1.00 50.27  ? 55  PHE A CG  1 
ATOM   122  C  CD1 . PHE A 1 16  ? 1.071   11.160  6.964   1.00 48.87  ? 55  PHE A CD1 1 
ATOM   123  C  CD2 . PHE A 1 16  ? 1.437   12.146  4.820   1.00 48.56  ? 55  PHE A CD2 1 
ATOM   124  C  CE1 . PHE A 1 16  ? -0.183  11.745  7.004   1.00 43.01  ? 55  PHE A CE1 1 
ATOM   125  C  CE2 . PHE A 1 16  ? 0.191   12.748  4.876   1.00 43.53  ? 55  PHE A CE2 1 
ATOM   126  C  CZ  . PHE A 1 16  ? -0.616  12.535  5.955   1.00 43.45  ? 55  PHE A CZ  1 
ATOM   127  N  N   . LYS A 1 17  ? 6.239   10.165  5.442   1.00 43.90  ? 56  LYS A N   1 
ATOM   128  C  CA  . LYS A 1 17  ? 7.494   9.368   5.519   1.00 47.98  ? 56  LYS A CA  1 
ATOM   129  C  C   . LYS A 1 17  ? 8.468   10.043  6.506   1.00 45.50  ? 56  LYS A C   1 
ATOM   130  O  O   . LYS A 1 17  ? 8.933   9.337   7.401   1.00 49.80  ? 56  LYS A O   1 
ATOM   131  C  CB  . LYS A 1 17  ? 8.087   9.166   4.123   1.00 46.55  ? 56  LYS A CB  1 
ATOM   132  C  CG  . LYS A 1 17  ? 9.406   8.416   4.080   1.00 47.07  ? 56  LYS A CG  1 
ATOM   133  C  CD  . LYS A 1 17  ? 9.256   6.925   4.014   1.00 46.28  ? 56  LYS A CD  1 
ATOM   134  C  CE  . LYS A 1 17  ? 10.577  6.212   4.185   1.00 44.77  ? 56  LYS A CE  1 
ATOM   135  N  NZ  . LYS A 1 17  ? 10.698  5.055   3.273   1.00 48.66  ? 56  LYS A NZ  1 
ATOM   136  N  N   . GLU A 1 18  ? 8.685   11.366  6.418   1.00 46.64  ? 57  GLU A N   1 
ATOM   137  C  CA  . GLU A 1 18  ? 9.628   12.147  7.281   1.00 48.86  ? 57  GLU A CA  1 
ATOM   138  C  C   . GLU A 1 18  ? 9.367   11.903  8.771   1.00 51.37  ? 57  GLU A C   1 
ATOM   139  O  O   . GLU A 1 18  ? 10.331  11.944  9.527   1.00 50.79  ? 57  GLU A O   1 
ATOM   140  C  CB  . GLU A 1 18  ? 9.534   13.652  7.035   1.00 52.05  ? 57  GLU A CB  1 
ATOM   141  C  CG  . GLU A 1 18  ? 10.503  14.164  5.974   1.00 55.08  ? 57  GLU A CG  1 
ATOM   142  C  CD  . GLU A 1 18  ? 10.026  15.421  5.254   1.00 67.78  ? 57  GLU A CD  1 
ATOM   143  O  OE1 . GLU A 1 18  ? 9.792   15.364  4.024   1.00 74.54  ? 57  GLU A OE1 1 
ATOM   144  O  OE2 . GLU A 1 18  ? 9.859   16.458  5.927   1.00 74.79  ? 57  GLU A OE2 1 
ATOM   145  N  N   . LEU A 1 19  ? 8.110   11.671  9.162   1.00 50.88  ? 58  LEU A N   1 
ATOM   146  C  CA  . LEU A 1 19  ? 7.654   11.551  10.570  1.00 44.97  ? 58  LEU A CA  1 
ATOM   147  C  C   . LEU A 1 19  ? 7.508   10.086  10.978  1.00 38.29  ? 58  LEU A C   1 
ATOM   148  O  O   . LEU A 1 19  ? 7.244   9.853   12.143  1.00 42.27  ? 58  LEU A O   1 
ATOM   149  C  CB  . LEU A 1 19  ? 6.306   12.265  10.704  1.00 51.97  ? 58  LEU A CB  1 
ATOM   150  C  CG  . LEU A 1 19  ? 6.272   13.705  10.202  1.00 52.00  ? 58  LEU A CG  1 
ATOM   151  C  CD1 . LEU A 1 19  ? 4.840   14.207  10.123  1.00 55.84  ? 58  LEU A CD1 1 
ATOM   152  C  CD2 . LEU A 1 19  ? 7.101   14.589  11.099  1.00 51.37  ? 58  LEU A CD2 1 
ATOM   153  N  N   . THR A 1 20  ? 7.656   9.136   10.060  1.00 41.31  ? 59  THR A N   1 
ATOM   154  C  CA  . THR A 1 20  ? 7.284   7.706   10.268  1.00 44.04  ? 59  THR A CA  1 
ATOM   155  C  C   . THR A 1 20  ? 5.765   7.552   10.170  1.00 38.70  ? 59  THR A C   1 
ATOM   156  O  O   . THR A 1 20  ? 5.040   7.959   11.096  1.00 35.42  ? 59  THR A O   1 
ATOM   157  C  CB  . THR A 1 20  ? 7.735   7.136   11.622  1.00 45.55  ? 59  THR A CB  1 
ATOM   158  O  OG1 . THR A 1 20  ? 9.113   7.443   11.825  1.00 48.21  ? 59  THR A OG1 1 
ATOM   159  C  CG2 . THR A 1 20  ? 7.518   5.642   11.704  1.00 43.69  ? 59  THR A CG2 1 
ATOM   160  N  N   . ASN A 1 21  ? 5.293   6.988   9.066   1.00 45.37  ? 60  ASN A N   1 
ATOM   161  C  CA  . ASN A 1 21  ? 3.847   6.951   8.748   1.00 39.71  ? 60  ASN A CA  1 
ATOM   162  C  C   . ASN A 1 21  ? 3.224   5.796   9.555   1.00 43.31  ? 60  ASN A C   1 
ATOM   163  O  O   . ASN A 1 21  ? 3.919   4.770   9.814   1.00 33.72  ? 60  ASN A O   1 
ATOM   164  C  CB  . ASN A 1 21  ? 3.694   6.945   7.232   1.00 45.09  ? 60  ASN A CB  1 
ATOM   165  C  CG  . ASN A 1 21  ? 2.302   7.311   6.777   1.00 50.12  ? 60  ASN A CG  1 
ATOM   166  O  OD1 . ASN A 1 21  ? 1.409   7.435   7.617   1.00 43.72  ? 60  ASN A OD1 1 
ATOM   167  N  ND2 . ASN A 1 21  ? 2.133   7.472   5.462   1.00 38.72  ? 60  ASN A ND2 1 
ATOM   168  N  N   . GLU A 1 22  ? 1.980   5.989   10.010  1.00 40.11  ? 61  GLU A N   1 
ATOM   169  C  CA  . GLU A 1 22  ? 1.197   4.960   10.739  1.00 41.50  ? 61  GLU A CA  1 
ATOM   170  C  C   . GLU A 1 22  ? -0.110  4.734   9.970   1.00 41.83  ? 61  GLU A C   1 
ATOM   171  O  O   . GLU A 1 22  ? -0.695  5.736   9.543   1.00 36.53  ? 61  GLU A O   1 
ATOM   172  C  CB  . GLU A 1 22  ? 0.946   5.439   12.171  1.00 43.07  ? 61  GLU A CB  1 
ATOM   173  C  CG  . GLU A 1 22  ? 2.202   5.905   12.901  1.00 42.64  ? 61  GLU A CG  1 
ATOM   174  C  CD  . GLU A 1 22  ? 1.948   6.387   14.313  1.00 44.55  ? 61  GLU A CD  1 
ATOM   175  O  OE1 . GLU A 1 22  ? 2.744   7.214   14.821  1.00 40.33  ? 61  GLU A OE1 1 
ATOM   176  O  OE2 . GLU A 1 22  ? 0.966   5.913   14.909  1.00 50.35  ? 61  GLU A OE2 1 
ATOM   177  N  N   . MET A 1 23  ? -0.541  3.497   9.726   1.00 40.53  ? 62  MET A N   1 
ATOM   178  C  CA  . MET A 1 23  ? -1.931  3.286   9.234   1.00 37.66  ? 62  MET A CA  1 
ATOM   179  C  C   . MET A 1 23  ? -2.670  2.537   10.323  1.00 41.48  ? 62  MET A C   1 
ATOM   180  O  O   . MET A 1 23  ? -2.092  1.549   10.827  1.00 41.85  ? 62  MET A O   1 
ATOM   181  C  CB  . MET A 1 23  ? -2.030  2.521   7.919   1.00 35.24  ? 62  MET A CB  1 
ATOM   182  C  CG  . MET A 1 23  ? -1.350  3.238   6.781   1.00 36.79  ? 62  MET A CG  1 
ATOM   183  S  SD  . MET A 1 23  ? -2.306  4.562   5.984   1.00 38.32  ? 62  MET A SD  1 
ATOM   184  C  CE  . MET A 1 23  ? -1.048  5.317   4.967   1.00 33.24  ? 62  MET A CE  1 
ATOM   185  N  N   . ILE A 1 24  ? -3.855  3.036   10.682  1.00 37.06  ? 63  ILE A N   1 
ATOM   186  C  CA  . ILE A 1 24  ? -4.797  2.363   11.615  1.00 41.91  ? 63  ILE A CA  1 
ATOM   187  C  C   . ILE A 1 24  ? -5.243  1.046   10.987  1.00 39.16  ? 63  ILE A C   1 
ATOM   188  O  O   . ILE A 1 24  ? -5.510  1.036   9.800   1.00 39.70  ? 63  ILE A O   1 
ATOM   189  C  CB  . ILE A 1 24  ? -6.011  3.254   11.904  1.00 46.21  ? 63  ILE A CB  1 
ATOM   190  C  CG1 . ILE A 1 24  ? -5.610  4.575   12.562  1.00 47.54  ? 63  ILE A CG1 1 
ATOM   191  C  CG2 . ILE A 1 24  ? -7.041  2.485   12.715  1.00 47.55  ? 63  ILE A CG2 1 
ATOM   192  C  CD1 . ILE A 1 24  ? -4.904  4.415   13.868  1.00 50.82  ? 63  ILE A CD1 1 
ATOM   193  N  N   . VAL A 1 25  ? -5.346  0.002   11.801  1.00 48.41  ? 64  VAL A N   1 
ATOM   194  C  CA  . VAL A 1 25  ? -5.887  -1.339  11.440  1.00 47.05  ? 64  VAL A CA  1 
ATOM   195  C  C   . VAL A 1 25  ? -6.940  -1.694  12.498  1.00 50.63  ? 64  VAL A C   1 
ATOM   196  O  O   . VAL A 1 25  ? -6.720  -1.359  13.665  1.00 58.90  ? 64  VAL A O   1 
ATOM   197  C  CB  . VAL A 1 25  ? -4.761  -2.388  11.334  1.00 45.54  ? 64  VAL A CB  1 
ATOM   198  C  CG1 . VAL A 1 25  ? -4.075  -2.357  9.972   1.00 51.19  ? 64  VAL A CG1 1 
ATOM   199  C  CG2 . VAL A 1 25  ? -3.729  -2.217  12.429  1.00 49.37  ? 64  VAL A CG2 1 
ATOM   200  N  N   . THR A 1 26  ? -8.039  -2.330  12.086  1.00 47.24  ? 65  THR A N   1 
ATOM   201  C  CA  . THR A 1 26  ? -9.295  -2.509  12.859  1.00 45.52  ? 65  THR A CA  1 
ATOM   202  C  C   . THR A 1 26  ? -9.863  -3.909  12.564  1.00 48.62  ? 65  THR A C   1 
ATOM   203  O  O   . THR A 1 26  ? -9.451  -4.547  11.576  1.00 43.31  ? 65  THR A O   1 
ATOM   204  C  CB  . THR A 1 26  ? -10.322 -1.406  12.540  1.00 41.33  ? 65  THR A CB  1 
ATOM   205  O  OG1 . THR A 1 26  ? -10.737 -1.612  11.194  1.00 42.85  ? 65  THR A OG1 1 
ATOM   206  C  CG2 . THR A 1 26  ? -9.797  0.010   12.641  1.00 38.41  ? 65  THR A CG2 1 
ATOM   207  N  N   . LYS A 1 27  ? -10.726 -4.401  13.450  1.00 53.32  ? 66  LYS A N   1 
ATOM   208  C  CA  . LYS A 1 27  ? -11.387 -5.718  13.340  1.00 55.61  ? 66  LYS A CA  1 
ATOM   209  C  C   . LYS A 1 27  ? -11.975 -5.833  11.931  1.00 56.47  ? 66  LYS A C   1 
ATOM   210  O  O   . LYS A 1 27  ? -11.679 -6.847  11.279  1.00 55.07  ? 66  LYS A O   1 
ATOM   211  C  CB  . LYS A 1 27  ? -12.422 -5.850  14.463  1.00 70.87  ? 66  LYS A CB  1 
ATOM   212  C  CG  . LYS A 1 27  ? -13.256 -7.126  14.480  1.00 79.50  ? 66  LYS A CG  1 
ATOM   213  C  CD  . LYS A 1 27  ? -14.255 -7.167  15.630  1.00 86.84  ? 66  LYS A CD  1 
ATOM   214  C  CE  . LYS A 1 27  ? -15.515 -6.352  15.395  1.00 89.61  ? 66  LYS A CE  1 
ATOM   215  N  NZ  . LYS A 1 27  ? -16.597 -7.177  14.810  1.00 92.67  ? 66  LYS A NZ  1 
ATOM   216  N  N   . ASN A 1 28  ? -12.738 -4.826  11.465  1.00 60.97  ? 67  ASN A N   1 
ATOM   217  C  CA  . ASN A 1 28  ? -13.543 -4.888  10.204  1.00 61.96  ? 67  ASN A CA  1 
ATOM   218  C  C   . ASN A 1 28  ? -12.729 -4.337  9.024   1.00 59.44  ? 67  ASN A C   1 
ATOM   219  O  O   . ASN A 1 28  ? -13.044 -4.684  7.849   1.00 56.55  ? 67  ASN A O   1 
ATOM   220  C  CB  . ASN A 1 28  ? -14.858 -4.093  10.253  1.00 62.77  ? 67  ASN A CB  1 
ATOM   221  C  CG  . ASN A 1 28  ? -15.663 -4.234  11.529  1.00 63.92  ? 67  ASN A CG  1 
ATOM   222  O  OD1 . ASN A 1 28  ? -15.696 -5.293  12.146  1.00 53.55  ? 67  ASN A OD1 1 
ATOM   223  N  ND2 . ASN A 1 28  ? -16.313 -3.153  11.938  1.00 71.81  ? 67  ASN A ND2 1 
ATOM   224  N  N   . GLY A 1 29  ? -11.770 -3.453  9.312   1.00 55.08  ? 68  GLY A N   1 
ATOM   225  C  CA  . GLY A 1 29  ? -10.872 -2.845  8.307   1.00 49.86  ? 68  GLY A CA  1 
ATOM   226  C  C   . GLY A 1 29  ? -11.064 -1.340  8.214   1.00 47.62  ? 68  GLY A C   1 
ATOM   227  O  O   . GLY A 1 29  ? -12.217 -0.906  8.127   1.00 42.99  ? 68  GLY A O   1 
ATOM   228  N  N   . ARG A 1 30  ? -9.968  -0.575  8.276   1.00 47.68  ? 69  ARG A N   1 
ATOM   229  C  CA  . ARG A 1 30  ? -9.921  0.898   8.066   1.00 47.21  ? 69  ARG A CA  1 
ATOM   230  C  C   . ARG A 1 30  ? -9.274  1.178   6.701   1.00 47.22  ? 69  ARG A C   1 
ATOM   231  O  O   . ARG A 1 30  ? -8.167  0.626   6.421   1.00 43.40  ? 69  ARG A O   1 
ATOM   232  C  CB  . ARG A 1 30  ? -9.145  1.578   9.199   1.00 48.54  ? 69  ARG A CB  1 
ATOM   233  C  CG  . ARG A 1 30  ? -9.119  3.102   9.148   1.00 57.19  ? 69  ARG A CG  1 
ATOM   234  C  CD  . ARG A 1 30  ? -10.464 3.792   9.286   1.00 58.53  ? 69  ARG A CD  1 
ATOM   235  N  NE  . ARG A 1 30  ? -11.226 3.204   10.376  1.00 56.67  ? 69  ARG A NE  1 
ATOM   236  C  CZ  . ARG A 1 30  ? -11.051 3.468   11.666  1.00 58.81  ? 69  ARG A CZ  1 
ATOM   237  N  NH1 . ARG A 1 30  ? -11.807 2.848   12.555  1.00 66.99  ? 69  ARG A NH1 1 
ATOM   238  N  NH2 . ARG A 1 30  ? -10.131 4.327   12.075  1.00 53.55  ? 69  ARG A NH2 1 
ATOM   239  N  N   . ARG A 1 31  ? -9.937  1.988   5.874   1.00 37.46  ? 70  ARG A N   1 
ATOM   240  C  CA  . ARG A 1 31  ? -9.360  2.452   4.599   1.00 44.91  ? 70  ARG A CA  1 
ATOM   241  C  C   . ARG A 1 31  ? -8.087  3.228   4.946   1.00 44.67  ? 70  ARG A C   1 
ATOM   242  O  O   . ARG A 1 31  ? -7.887  3.525   6.129   1.00 46.58  ? 70  ARG A O   1 
ATOM   243  C  CB  . ARG A 1 31  ? -10.388 3.266   3.805   1.00 46.81  ? 70  ARG A CB  1 
ATOM   244  C  CG  . ARG A 1 31  ? -11.423 2.393   3.104   1.00 50.12  ? 70  ARG A CG  1 
ATOM   245  C  CD  . ARG A 1 31  ? -12.608 3.202   2.613   1.00 56.28  ? 70  ARG A CD  1 
ATOM   246  N  NE  . ARG A 1 31  ? -12.186 4.131   1.573   1.00 67.22  ? 70  ARG A NE  1 
ATOM   247  C  CZ  . ARG A 1 31  ? -12.864 5.201   1.155   1.00 69.05  ? 70  ARG A CZ  1 
ATOM   248  N  NH1 . ARG A 1 31  ? -14.030 5.524   1.696   1.00 69.50  ? 70  ARG A NH1 1 
ATOM   249  N  NH2 . ARG A 1 31  ? -12.348 5.962   0.205   1.00 70.14  ? 70  ARG A NH2 1 
ATOM   250  N  N   . MET A 1 32  ? -7.260  3.492   3.940   1.00 44.74  ? 71  MET A N   1 
ATOM   251  C  CA  . MET A 1 32  ? -5.919  4.117   4.042   1.00 40.06  ? 71  MET A CA  1 
ATOM   252  C  C   . MET A 1 32  ? -6.052  5.623   3.829   1.00 38.43  ? 71  MET A C   1 
ATOM   253  O  O   . MET A 1 32  ? -6.830  6.051   2.975   1.00 38.84  ? 71  MET A O   1 
ATOM   254  C  CB  . MET A 1 32  ? -4.964  3.568   2.966   1.00 39.74  ? 71  MET A CB  1 
ATOM   255  C  CG  . MET A 1 32  ? -4.337  2.214   3.299   1.00 40.08  ? 71  MET A CG  1 
ATOM   256  S  SD  . MET A 1 32  ? -3.337  1.523   1.949   1.00 38.37  ? 71  MET A SD  1 
ATOM   257  C  CE  . MET A 1 32  ? -1.799  2.424   2.158   1.00 43.14  ? 71  MET A CE  1 
ATOM   258  N  N   . PHE A 1 33  ? -5.229  6.397   4.520   1.00 39.06  ? 72  PHE A N   1 
ATOM   259  C  CA  . PHE A 1 33  ? -4.985  7.815   4.173   1.00 36.24  ? 72  PHE A CA  1 
ATOM   260  C  C   . PHE A 1 33  ? -3.524  8.127   4.477   1.00 33.89  ? 72  PHE A C   1 
ATOM   261  O  O   . PHE A 1 33  ? -3.011  7.734   5.507   1.00 39.36  ? 72  PHE A O   1 
ATOM   262  C  CB  . PHE A 1 33  ? -5.974  8.782   4.845   1.00 35.64  ? 72  PHE A CB  1 
ATOM   263  C  CG  . PHE A 1 33  ? -5.715  10.180  4.359   1.00 39.00  ? 72  PHE A CG  1 
ATOM   264  C  CD1 . PHE A 1 33  ? -6.201  10.593  3.125   1.00 35.88  ? 72  PHE A CD1 1 
ATOM   265  C  CD2 . PHE A 1 33  ? -4.838  11.011  5.051   1.00 38.99  ? 72  PHE A CD2 1 
ATOM   266  C  CE1 . PHE A 1 33  ? -5.848  11.828  2.617   1.00 38.02  ? 72  PHE A CE1 1 
ATOM   267  C  CE2 . PHE A 1 33  ? -4.502  12.247  4.541   1.00 38.64  ? 72  PHE A CE2 1 
ATOM   268  C  CZ  . PHE A 1 33  ? -5.001  12.648  3.323   1.00 36.93  ? 72  PHE A CZ  1 
ATOM   269  N  N   . PRO A 1 34  ? -2.795  8.792   3.565   1.00 31.23  ? 73  PRO A N   1 
ATOM   270  C  CA  . PRO A 1 34  ? -3.259  8.973   2.192   1.00 33.21  ? 73  PRO A CA  1 
ATOM   271  C  C   . PRO A 1 34  ? -3.499  7.652   1.443   1.00 34.41  ? 73  PRO A C   1 
ATOM   272  O  O   . PRO A 1 34  ? -3.167  6.535   1.912   1.00 38.81  ? 73  PRO A O   1 
ATOM   273  C  CB  . PRO A 1 34  ? -2.135  9.780   1.507   1.00 36.39  ? 73  PRO A CB  1 
ATOM   274  C  CG  . PRO A 1 34  ? -1.358  10.408  2.666   1.00 35.18  ? 73  PRO A CG  1 
ATOM   275  C  CD  . PRO A 1 34  ? -1.477  9.392   3.790   1.00 35.25  ? 73  PRO A CD  1 
ATOM   276  N  N   . VAL A 1 35  ? -4.161  7.796   0.310   1.00 33.35  ? 74  VAL A N   1 
ATOM   277  C  CA  . VAL A 1 35  ? -4.590  6.686   -0.563  1.00 33.99  ? 74  VAL A CA  1 
ATOM   278  C  C   . VAL A 1 35  ? -3.458  6.517   -1.569  1.00 32.79  ? 74  VAL A C   1 
ATOM   279  O  O   . VAL A 1 35  ? -2.981  7.533   -2.049  1.00 34.02  ? 74  VAL A O   1 
ATOM   280  C  CB  . VAL A 1 35  ? -5.922  7.057   -1.254  1.00 37.42  ? 74  VAL A CB  1 
ATOM   281  C  CG1 . VAL A 1 35  ? -6.126  6.255   -2.507  1.00 38.22  ? 74  VAL A CG1 1 
ATOM   282  C  CG2 . VAL A 1 35  ? -7.128  6.936   -0.326  1.00 38.74  ? 74  VAL A CG2 1 
ATOM   283  N  N   . LEU A 1 36  ? -3.075  5.293   -1.898  1.00 36.66  ? 75  LEU A N   1 
ATOM   284  C  CA  . LEU A 1 36  ? -2.085  5.043   -2.976  1.00 39.08  ? 75  LEU A CA  1 
ATOM   285  C  C   . LEU A 1 36  ? -2.686  5.350   -4.357  1.00 38.97  ? 75  LEU A C   1 
ATOM   286  O  O   . LEU A 1 36  ? -3.630  4.639   -4.768  1.00 37.09  ? 75  LEU A O   1 
ATOM   287  C  CB  . LEU A 1 36  ? -1.611  3.594   -2.922  1.00 38.19  ? 75  LEU A CB  1 
ATOM   288  C  CG  . LEU A 1 36  ? -0.524  3.301   -3.949  1.00 37.44  ? 75  LEU A CG  1 
ATOM   289  C  CD1 . LEU A 1 36  ? 0.758   4.054   -3.598  1.00 39.83  ? 75  LEU A CD1 1 
ATOM   290  C  CD2 . LEU A 1 36  ? -0.307  1.805   -4.077  1.00 36.94  ? 75  LEU A CD2 1 
ATOM   291  N  N   . LYS A 1 37  ? -2.110  6.335   -5.060  1.00 41.63  ? 76  LYS A N   1 
ATOM   292  C  CA  . LYS A 1 37  ? -2.514  6.752   -6.424  1.00 43.86  ? 76  LYS A CA  1 
ATOM   293  C  C   . LYS A 1 37  ? -1.298  6.575   -7.323  1.00 44.37  ? 76  LYS A C   1 
ATOM   294  O  O   . LYS A 1 37  ? -0.227  7.032   -6.922  1.00 42.71  ? 76  LYS A O   1 
ATOM   295  C  CB  . LYS A 1 37  ? -3.029  8.191   -6.435  1.00 44.22  ? 76  LYS A CB  1 
ATOM   296  C  CG  . LYS A 1 37  ? -4.463  8.339   -5.956  1.00 49.73  ? 76  LYS A CG  1 
ATOM   297  C  CD  . LYS A 1 37  ? -4.821  9.717   -5.441  1.00 53.46  ? 76  LYS A CD  1 
ATOM   298  C  CE  . LYS A 1 37  ? -6.211  9.769   -4.857  1.00 53.96  ? 76  LYS A CE  1 
ATOM   299  N  NZ  . LYS A 1 37  ? -6.430  11.025  -4.109  1.00 57.46  ? 76  LYS A NZ  1 
ATOM   300  N  N   . VAL A 1 38  ? -1.467  5.893   -8.455  1.00 43.77  ? 77  VAL A N   1 
ATOM   301  C  CA  . VAL A 1 38  ? -0.329  5.522   -9.342  1.00 50.08  ? 77  VAL A CA  1 
ATOM   302  C  C   . VAL A 1 38  ? -0.625  5.977   -10.768 1.00 49.74  ? 77  VAL A C   1 
ATOM   303  O  O   . VAL A 1 38  ? -1.714  5.639   -11.290 1.00 44.58  ? 77  VAL A O   1 
ATOM   304  C  CB  . VAL A 1 38  ? -0.023  4.018   -9.266  1.00 49.25  ? 77  VAL A CB  1 
ATOM   305  C  CG1 . VAL A 1 38  ? 0.261   3.576   -7.835  1.00 51.30  ? 77  VAL A CG1 1 
ATOM   306  C  CG2 . VAL A 1 38  ? -1.151  3.203   -9.857  1.00 56.93  ? 77  VAL A CG2 1 
ATOM   307  N  N   . ASN A 1 39  ? 0.314   6.760   -11.314 1.00 53.89  ? 78  ASN A N   1 
ATOM   308  C  CA  . ASN A 1 39  ? 0.467   7.151   -12.744 1.00 50.09  ? 78  ASN A CA  1 
ATOM   309  C  C   . ASN A 1 39  ? 1.164   6.025   -13.494 1.00 45.20  ? 78  ASN A C   1 
ATOM   310  O  O   . ASN A 1 39  ? 2.150   5.511   -12.972 1.00 40.74  ? 78  ASN A O   1 
ATOM   311  C  CB  . ASN A 1 39  ? 1.289   8.430   -12.888 1.00 50.12  ? 78  ASN A CB  1 
ATOM   312  C  CG  . ASN A 1 39  ? 0.642   9.539   -12.095 1.00 59.92  ? 78  ASN A CG  1 
ATOM   313  O  OD1 . ASN A 1 39  ? -0.584  9.655   -12.113 1.00 54.68  ? 78  ASN A OD1 1 
ATOM   314  N  ND2 . ASN A 1 39  ? 1.434   10.291  -11.342 1.00 66.25  ? 78  ASN A ND2 1 
ATOM   315  N  N   . VAL A 1 40  ? 0.641   5.658   -14.666 1.00 46.02  ? 79  VAL A N   1 
ATOM   316  C  CA  . VAL A 1 40  ? 1.076   4.455   -15.425 1.00 41.35  ? 79  VAL A CA  1 
ATOM   317  C  C   . VAL A 1 40  ? 1.061   4.794   -16.905 1.00 45.30  ? 79  VAL A C   1 
ATOM   318  O  O   . VAL A 1 40  ? -0.024  4.911   -17.460 1.00 52.55  ? 79  VAL A O   1 
ATOM   319  C  CB  . VAL A 1 40  ? 0.154   3.261   -15.117 1.00 44.63  ? 79  VAL A CB  1 
ATOM   320  C  CG1 . VAL A 1 40  ? 0.275   2.157   -16.148 1.00 45.03  ? 79  VAL A CG1 1 
ATOM   321  C  CG2 . VAL A 1 40  ? 0.408   2.704   -13.728 1.00 46.05  ? 79  VAL A CG2 1 
ATOM   322  N  N   . SER A 1 41  ? 2.230   4.896   -17.519 1.00 48.87  ? 80  SER A N   1 
ATOM   323  C  CA  . SER A 1 41  ? 2.368   5.030   -18.984 1.00 49.27  ? 80  SER A CA  1 
ATOM   324  C  C   . SER A 1 41  ? 3.074   3.789   -19.520 1.00 49.20  ? 80  SER A C   1 
ATOM   325  O  O   . SER A 1 41  ? 3.613   2.990   -18.707 1.00 46.26  ? 80  SER A O   1 
ATOM   326  C  CB  . SER A 1 41  ? 3.083   6.302   -19.364 1.00 52.98  ? 80  SER A CB  1 
ATOM   327  O  OG  . SER A 1 41  ? 4.027   6.692   -18.377 1.00 63.61  ? 80  SER A OG  1 
ATOM   328  N  N   . GLY A 1 42  ? 3.027   3.611   -20.838 1.00 42.01  ? 81  GLY A N   1 
ATOM   329  C  CA  . GLY A 1 42  ? 3.816   2.582   -21.526 1.00 43.15  ? 81  GLY A CA  1 
ATOM   330  C  C   . GLY A 1 42  ? 3.072   1.273   -21.540 1.00 42.71  ? 81  GLY A C   1 
ATOM   331  O  O   . GLY A 1 42  ? 3.665   0.258   -21.911 1.00 45.49  ? 81  GLY A O   1 
ATOM   332  N  N   . LEU A 1 43  ? 1.794   1.277   -21.183 1.00 47.68  ? 82  LEU A N   1 
ATOM   333  C  CA  . LEU A 1 43  ? 0.961   0.068   -21.404 1.00 52.62  ? 82  LEU A CA  1 
ATOM   334  C  C   . LEU A 1 43  ? 0.586   0.005   -22.887 1.00 47.29  ? 82  LEU A C   1 
ATOM   335  O  O   . LEU A 1 43  ? 0.759   1.002   -23.600 1.00 53.58  ? 82  LEU A O   1 
ATOM   336  C  CB  . LEU A 1 43  ? -0.276  0.095   -20.501 1.00 55.30  ? 82  LEU A CB  1 
ATOM   337  C  CG  . LEU A 1 43  ? 0.008   0.095   -19.002 1.00 52.14  ? 82  LEU A CG  1 
ATOM   338  C  CD1 . LEU A 1 43  ? -1.262  -0.206  -18.233 1.00 51.06  ? 82  LEU A CD1 1 
ATOM   339  C  CD2 . LEU A 1 43  ? 1.068   -0.937  -18.651 1.00 57.94  ? 82  LEU A CD2 1 
ATOM   340  N  N   . ASP A 1 44  ? 0.181   -1.176  -23.328 1.00 53.41  ? 83  ASP A N   1 
ATOM   341  C  CA  . ASP A 1 44  ? -0.532  -1.401  -24.603 1.00 53.84  ? 83  ASP A CA  1 
ATOM   342  C  C   . ASP A 1 44  ? -1.968  -0.938  -24.395 1.00 47.30  ? 83  ASP A C   1 
ATOM   343  O  O   . ASP A 1 44  ? -2.699  -1.557  -23.624 1.00 39.59  ? 83  ASP A O   1 
ATOM   344  C  CB  . ASP A 1 44  ? -0.463  -2.874  -25.001 1.00 56.44  ? 83  ASP A CB  1 
ATOM   345  C  CG  . ASP A 1 44  ? -0.883  -3.095  -26.441 1.00 52.39  ? 83  ASP A CG  1 
ATOM   346  O  OD1 . ASP A 1 44  ? -1.906  -2.508  -26.847 1.00 47.84  ? 83  ASP A OD1 1 
ATOM   347  O  OD2 . ASP A 1 44  ? -0.143  -3.796  -27.143 1.00 49.36  ? 83  ASP A OD2 1 
ATOM   348  N  N   . PRO A 1 45  ? -2.414  0.148   -25.069 1.00 47.17  ? 84  PRO A N   1 
ATOM   349  C  CA  . PRO A 1 45  ? -3.768  0.676   -24.869 1.00 49.60  ? 84  PRO A CA  1 
ATOM   350  C  C   . PRO A 1 45  ? -4.855  -0.398  -25.023 1.00 53.69  ? 84  PRO A C   1 
ATOM   351  O  O   . PRO A 1 45  ? -5.879  -0.283  -24.364 1.00 61.84  ? 84  PRO A O   1 
ATOM   352  C  CB  . PRO A 1 45  ? -3.945  1.733   -25.969 1.00 48.37  ? 84  PRO A CB  1 
ATOM   353  C  CG  . PRO A 1 45  ? -2.525  2.125   -26.370 1.00 44.56  ? 84  PRO A CG  1 
ATOM   354  C  CD  . PRO A 1 45  ? -1.656  0.910   -26.075 1.00 48.13  ? 84  PRO A CD  1 
ATOM   355  N  N   . ASN A 1 46  ? -4.592  -1.421  -25.844 1.00 47.67  ? 85  ASN A N   1 
ATOM   356  C  CA  . ASN A 1 46  ? -5.608  -2.403  -26.277 1.00 52.85  ? 85  ASN A CA  1 
ATOM   357  C  C   . ASN A 1 46  ? -5.399  -3.711  -25.527 1.00 55.79  ? 85  ASN A C   1 
ATOM   358  O  O   . ASN A 1 46  ? -6.312  -4.554  -25.593 1.00 63.01  ? 85  ASN A O   1 
ATOM   359  C  CB  . ASN A 1 46  ? -5.624  -2.535  -27.807 1.00 56.29  ? 85  ASN A CB  1 
ATOM   360  C  CG  . ASN A 1 46  ? -6.144  -1.262  -28.443 1.00 59.21  ? 85  ASN A CG  1 
ATOM   361  O  OD1 . ASN A 1 46  ? -7.251  -0.833  -28.141 1.00 72.54  ? 85  ASN A OD1 1 
ATOM   362  N  ND2 . ASN A 1 46  ? -5.345  -0.607  -29.268 1.00 64.45  ? 85  ASN A ND2 1 
ATOM   363  N  N   . ALA A 1 47  ? -4.304  -3.867  -24.780 1.00 51.30  ? 86  ALA A N   1 
ATOM   364  C  CA  . ALA A 1 47  ? -4.089  -5.070  -23.945 1.00 43.98  ? 86  ALA A CA  1 
ATOM   365  C  C   . ALA A 1 47  ? -4.949  -4.985  -22.677 1.00 39.19  ? 86  ALA A C   1 
ATOM   366  O  O   . ALA A 1 47  ? -5.455  -3.909  -22.378 1.00 41.82  ? 86  ALA A O   1 
ATOM   367  C  CB  . ALA A 1 47  ? -2.625  -5.274  -23.635 1.00 45.44  ? 86  ALA A CB  1 
ATOM   368  N  N   . MET A 1 48  ? -5.051  -6.116  -21.972 1.00 44.76  ? 87  MET A N   1 
ATOM   369  C  CA  . MET A 1 48  ? -5.806  -6.366  -20.717 1.00 51.28  ? 87  MET A CA  1 
ATOM   370  C  C   . MET A 1 48  ? -4.842  -6.527  -19.522 1.00 47.78  ? 87  MET A C   1 
ATOM   371  O  O   . MET A 1 48  ? -3.915  -7.385  -19.572 1.00 36.64  ? 87  MET A O   1 
ATOM   372  C  CB  . MET A 1 48  ? -6.604  -7.662  -20.879 1.00 58.08  ? 87  MET A CB  1 
ATOM   373  C  CG  . MET A 1 48  ? -7.416  -7.729  -22.178 1.00 65.92  ? 87  MET A CG  1 
ATOM   374  S  SD  . MET A 1 48  ? -9.124  -7.199  -21.945 1.00 59.76  ? 87  MET A SD  1 
ATOM   375  C  CE  . MET A 1 48  ? -8.913  -5.958  -20.665 1.00 56.91  ? 87  MET A CE  1 
ATOM   376  N  N   . TYR A 1 49  ? -5.075  -5.760  -18.464 1.00 44.33  ? 88  TYR A N   1 
ATOM   377  C  CA  . TYR A 1 49  ? -4.228  -5.750  -17.246 1.00 45.15  ? 88  TYR A CA  1 
ATOM   378  C  C   . TYR A 1 49  ? -5.165  -5.885  -16.047 1.00 39.30  ? 88  TYR A C   1 
ATOM   379  O  O   . TYR A 1 49  ? -6.245  -5.295  -16.102 1.00 44.55  ? 88  TYR A O   1 
ATOM   380  C  CB  . TYR A 1 49  ? -3.387  -4.466  -17.218 1.00 47.52  ? 88  TYR A CB  1 
ATOM   381  C  CG  . TYR A 1 49  ? -2.506  -4.266  -18.430 1.00 49.96  ? 88  TYR A CG  1 
ATOM   382  C  CD1 . TYR A 1 49  ? -1.187  -4.699  -18.428 1.00 53.84  ? 88  TYR A CD1 1 
ATOM   383  C  CD2 . TYR A 1 49  ? -2.985  -3.674  -19.594 1.00 57.19  ? 88  TYR A CD2 1 
ATOM   384  C  CE1 . TYR A 1 49  ? -0.364  -4.554  -19.534 1.00 53.00  ? 88  TYR A CE1 1 
ATOM   385  C  CE2 . TYR A 1 49  ? -2.170  -3.510  -20.712 1.00 53.31  ? 88  TYR A CE2 1 
ATOM   386  C  CZ  . TYR A 1 49  ? -0.861  -3.963  -20.685 1.00 52.65  ? 88  TYR A CZ  1 
ATOM   387  O  OH  . TYR A 1 49  ? -0.045  -3.831  -21.769 1.00 49.42  ? 88  TYR A OH  1 
ATOM   388  N  N   . SER A 1 50  ? -4.773  -6.633  -15.019 1.00 40.70  ? 89  SER A N   1 
ATOM   389  C  CA  . SER A 1 50  ? -5.321  -6.530  -13.634 1.00 40.95  ? 89  SER A CA  1 
ATOM   390  C  C   . SER A 1 50  ? -4.305  -5.829  -12.712 1.00 40.01  ? 89  SER A C   1 
ATOM   391  O  O   . SER A 1 50  ? -3.130  -6.146  -12.796 1.00 43.75  ? 89  SER A O   1 
ATOM   392  C  CB  . SER A 1 50  ? -5.665  -7.878  -13.128 1.00 42.85  ? 89  SER A CB  1 
ATOM   393  O  OG  . SER A 1 50  ? -6.786  -8.384  -13.829 1.00 48.89  ? 89  SER A OG  1 
ATOM   394  N  N   . PHE A 1 51  ? -4.728  -4.868  -11.888 1.00 40.43  ? 90  PHE A N   1 
ATOM   395  C  CA  . PHE A 1 51  ? -3.858  -4.173  -10.894 1.00 36.92  ? 90  PHE A CA  1 
ATOM   396  C  C   . PHE A 1 51  ? -4.022  -4.825  -9.529  1.00 40.85  ? 90  PHE A C   1 
ATOM   397  O  O   . PHE A 1 51  ? -5.189  -4.773  -8.991  1.00 35.83  ? 90  PHE A O   1 
ATOM   398  C  CB  . PHE A 1 51  ? -4.167  -2.685  -10.787 1.00 34.06  ? 90  PHE A CB  1 
ATOM   399  C  CG  . PHE A 1 51  ? -3.444  -1.896  -11.842 1.00 37.54  ? 90  PHE A CG  1 
ATOM   400  C  CD1 . PHE A 1 51  ? -2.620  -0.862  -11.493 1.00 33.76  ? 90  PHE A CD1 1 
ATOM   401  C  CD2 . PHE A 1 51  ? -3.574  -2.217  -13.192 1.00 39.17  ? 90  PHE A CD2 1 
ATOM   402  C  CE1 . PHE A 1 51  ? -1.957  -0.147  -12.473 1.00 38.91  ? 90  PHE A CE1 1 
ATOM   403  C  CE2 . PHE A 1 51  ? -2.918  -1.492  -14.168 1.00 36.73  ? 90  PHE A CE2 1 
ATOM   404  C  CZ  . PHE A 1 51  ? -2.121  -0.446  -13.804 1.00 38.85  ? 90  PHE A CZ  1 
ATOM   405  N  N   . LEU A 1 52  ? -2.927  -5.450  -9.040  1.00 37.78  ? 91  LEU A N   1 
ATOM   406  C  CA  . LEU A 1 52  ? -2.845  -6.069  -7.695  1.00 35.83  ? 91  LEU A CA  1 
ATOM   407  C  C   . LEU A 1 52  ? -2.052  -5.149  -6.755  1.00 37.31  ? 91  LEU A C   1 
ATOM   408  O  O   . LEU A 1 52  ? -1.027  -4.586  -7.198  1.00 38.78  ? 91  LEU A O   1 
ATOM   409  C  CB  . LEU A 1 52  ? -2.190  -7.442  -7.827  1.00 39.49  ? 91  LEU A CB  1 
ATOM   410  C  CG  . LEU A 1 52  ? -3.129  -8.564  -8.253  1.00 41.95  ? 91  LEU A CG  1 
ATOM   411  C  CD1 . LEU A 1 52  ? -4.061  -8.087  -9.354  1.00 44.89  ? 91  LEU A CD1 1 
ATOM   412  C  CD2 . LEU A 1 52  ? -2.345  -9.773  -8.712  1.00 44.03  ? 91  LEU A CD2 1 
ATOM   413  N  N   . LEU A 1 53  ? -2.510  -5.010  -5.503  1.00 35.58  ? 92  LEU A N   1 
ATOM   414  C  CA  . LEU A 1 53  ? -1.828  -4.265  -4.418  1.00 35.81  ? 92  LEU A CA  1 
ATOM   415  C  C   . LEU A 1 53  ? -1.471  -5.240  -3.300  1.00 36.48  ? 92  LEU A C   1 
ATOM   416  O  O   . LEU A 1 53  ? -2.271  -6.139  -2.991  1.00 37.66  ? 92  LEU A O   1 
ATOM   417  C  CB  . LEU A 1 53  ? -2.702  -3.134  -3.888  1.00 36.99  ? 92  LEU A CB  1 
ATOM   418  C  CG  . LEU A 1 53  ? -2.177  -2.474  -2.617  1.00 39.37  ? 92  LEU A CG  1 
ATOM   419  C  CD1 . LEU A 1 53  ? -0.857  -1.764  -2.891  1.00 42.12  ? 92  LEU A CD1 1 
ATOM   420  C  CD2 . LEU A 1 53  ? -3.194  -1.502  -2.027  1.00 37.12  ? 92  LEU A CD2 1 
ATOM   421  N  N   . ASP A 1 54  ? -0.270  -5.092  -2.747  1.00 34.75  ? 93  ASP A N   1 
ATOM   422  C  CA  . ASP A 1 54  ? 0.118   -5.837  -1.523  1.00 37.11  ? 93  ASP A CA  1 
ATOM   423  C  C   . ASP A 1 54  ? 1.218   -5.057  -0.787  1.00 37.62  ? 93  ASP A C   1 
ATOM   424  O  O   . ASP A 1 54  ? 1.564   -3.930  -1.202  1.00 34.97  ? 93  ASP A O   1 
ATOM   425  C  CB  . ASP A 1 54  ? 0.451   -7.293  -1.844  1.00 33.28  ? 93  ASP A CB  1 
ATOM   426  C  CG  . ASP A 1 54  ? 1.736   -7.480  -2.631  1.00 34.43  ? 93  ASP A CG  1 
ATOM   427  O  OD1 . ASP A 1 54  ? 2.495   -6.514  -2.773  1.00 34.16  ? 93  ASP A OD1 1 
ATOM   428  O  OD2 . ASP A 1 54  ? 1.990   -8.613  -3.047  1.00 34.24  ? 93  ASP A OD2 1 
ATOM   429  N  N   . PHE A 1 55  ? 1.682   -5.631  0.313   1.00 38.90  ? 94  PHE A N   1 
ATOM   430  C  CA  . PHE A 1 55  ? 2.327   -4.918  1.445   1.00 39.36  ? 94  PHE A CA  1 
ATOM   431  C  C   . PHE A 1 55  ? 3.428   -5.822  2.000   1.00 36.65  ? 94  PHE A C   1 
ATOM   432  O  O   . PHE A 1 55  ? 3.100   -6.860  2.606   1.00 33.78  ? 94  PHE A O   1 
ATOM   433  C  CB  . PHE A 1 55  ? 1.301   -4.560  2.521   1.00 37.73  ? 94  PHE A CB  1 
ATOM   434  C  CG  . PHE A 1 55  ? 0.226   -3.589  2.107   1.00 37.51  ? 94  PHE A CG  1 
ATOM   435  C  CD1 . PHE A 1 55  ? 0.390   -2.230  2.273   1.00 32.85  ? 94  PHE A CD1 1 
ATOM   436  C  CD2 . PHE A 1 55  ? -0.994  -4.056  1.630   1.00 41.92  ? 94  PHE A CD2 1 
ATOM   437  C  CE1 . PHE A 1 55  ? -0.595  -1.343  1.865   1.00 32.37  ? 94  PHE A CE1 1 
ATOM   438  C  CE2 . PHE A 1 55  ? -2.009  -3.176  1.300   1.00 35.65  ? 94  PHE A CE2 1 
ATOM   439  C  CZ  . PHE A 1 55  ? -1.793  -1.818  1.402   1.00 36.89  ? 94  PHE A CZ  1 
ATOM   440  N  N   . VAL A 1 56  ? 4.669   -5.472  1.675   1.00 38.89  ? 95  VAL A N   1 
ATOM   441  C  CA  . VAL A 1 56  ? 5.922   -6.210  2.009   1.00 37.91  ? 95  VAL A CA  1 
ATOM   442  C  C   . VAL A 1 56  ? 6.357   -5.677  3.383   1.00 35.15  ? 95  VAL A C   1 
ATOM   443  O  O   . VAL A 1 56  ? 6.456   -4.440  3.541   1.00 29.92  ? 95  VAL A O   1 
ATOM   444  C  CB  . VAL A 1 56  ? 7.016   -5.942  0.941   1.00 41.17  ? 95  VAL A CB  1 
ATOM   445  C  CG1 . VAL A 1 56  ? 8.292   -6.719  1.206   1.00 40.23  ? 95  VAL A CG1 1 
ATOM   446  C  CG2 . VAL A 1 56  ? 6.545   -6.195  -0.487  1.00 44.30  ? 95  VAL A CG2 1 
ATOM   447  N  N   . ALA A 1 57  ? 6.580   -6.567  4.341   1.00 36.71  ? 96  ALA A N   1 
ATOM   448  C  CA  . ALA A 1 57  ? 7.239   -6.240  5.618   1.00 37.72  ? 96  ALA A CA  1 
ATOM   449  C  C   . ALA A 1 57  ? 8.648   -5.715  5.296   1.00 37.83  ? 96  ALA A C   1 
ATOM   450  O  O   . ALA A 1 57  ? 9.477   -6.557  4.909   1.00 34.78  ? 96  ALA A O   1 
ATOM   451  C  CB  . ALA A 1 57  ? 7.272   -7.480  6.473   1.00 33.41  ? 96  ALA A CB  1 
ATOM   452  N  N   . ALA A 1 58  ? 8.880   -4.397  5.424   1.00 32.88  ? 97  ALA A N   1 
ATOM   453  C  CA  . ALA A 1 58  ? 10.143  -3.701  5.069   1.00 33.07  ? 97  ALA A CA  1 
ATOM   454  C  C   . ALA A 1 58  ? 11.329  -4.231  5.915   1.00 31.25  ? 97  ALA A C   1 
ATOM   455  O  O   . ALA A 1 58  ? 12.463  -4.130  5.470   1.00 26.18  ? 97  ALA A O   1 
ATOM   456  C  CB  . ALA A 1 58  ? 9.964   -2.210  5.182   1.00 36.32  ? 97  ALA A CB  1 
ATOM   457  N  N   . ASP A 1 59  ? 11.064  -4.876  7.040   1.00 30.74  ? 98  ASP A N   1 
ATOM   458  C  CA  . ASP A 1 59  ? 12.073  -5.645  7.808   1.00 34.89  ? 98  ASP A CA  1 
ATOM   459  C  C   . ASP A 1 59  ? 11.279  -6.661  8.608   1.00 36.14  ? 98  ASP A C   1 
ATOM   460  O  O   . ASP A 1 59  ? 10.010  -6.599  8.562   1.00 36.86  ? 98  ASP A O   1 
ATOM   461  C  CB  . ASP A 1 59  ? 12.894  -4.758  8.753   1.00 35.68  ? 98  ASP A CB  1 
ATOM   462  C  CG  . ASP A 1 59  ? 11.990  -3.972  9.682   1.00 38.85  ? 98  ASP A CG  1 
ATOM   463  O  OD1 . ASP A 1 59  ? 11.448  -4.589  10.637  1.00 39.29  ? 98  ASP A OD1 1 
ATOM   464  O  OD2 . ASP A 1 59  ? 11.753  -2.769  9.390   1.00 40.70  ? 98  ASP A OD2 1 
ATOM   465  N  N   . ASN A 1 60  ? 11.994  -7.508  9.330   1.00 37.57  ? 99  ASN A N   1 
ATOM   466  C  CA  . ASN A 1 60  ? 11.453  -8.737  9.953   1.00 41.04  ? 99  ASN A CA  1 
ATOM   467  C  C   . ASN A 1 60  ? 11.230  -8.492  11.447  1.00 39.26  ? 99  ASN A C   1 
ATOM   468  O  O   . ASN A 1 60  ? 11.116  -9.481  12.185  1.00 49.96  ? 99  ASN A O   1 
ATOM   469  C  CB  . ASN A 1 60  ? 12.351  -9.916  9.565   1.00 37.97  ? 99  ASN A CB  1 
ATOM   470  C  CG  . ASN A 1 60  ? 12.068  -10.365 8.147   1.00 42.77  ? 99  ASN A CG  1 
ATOM   471  O  OD1 . ASN A 1 60  ? 12.953  -10.853 7.464   1.00 43.63  ? 99  ASN A OD1 1 
ATOM   472  N  ND2 . ASN A 1 60  ? 10.828  -10.215 7.682   1.00 39.42  ? 99  ASN A ND2 1 
ATOM   473  N  N   . HIS A 1 61  ? 11.136  -7.227  11.866  1.00 43.78  ? 100 HIS A N   1 
ATOM   474  C  CA  . HIS A 1 61  ? 11.119  -6.809  13.295  1.00 43.26  ? 100 HIS A CA  1 
ATOM   475  C  C   . HIS A 1 61  ? 9.738   -6.280  13.704  1.00 47.30  ? 100 HIS A C   1 
ATOM   476  O  O   . HIS A 1 61  ? 9.025   -5.644  12.870  1.00 38.25  ? 100 HIS A O   1 
ATOM   477  C  CB  . HIS A 1 61  ? 12.203  -5.756  13.555  1.00 48.82  ? 100 HIS A CB  1 
ATOM   478  C  CG  . HIS A 1 61  ? 13.587  -6.299  13.638  1.00 53.39  ? 100 HIS A CG  1 
ATOM   479  N  ND1 . HIS A 1 61  ? 14.098  -6.824  14.807  1.00 52.19  ? 100 HIS A ND1 1 
ATOM   480  C  CD2 . HIS A 1 61  ? 14.564  -6.404  12.709  1.00 62.96  ? 100 HIS A CD2 1 
ATOM   481  C  CE1 . HIS A 1 61  ? 15.333  -7.232  14.597  1.00 65.18  ? 100 HIS A CE1 1 
ATOM   482  N  NE2 . HIS A 1 61  ? 15.651  -7.000  13.315  1.00 63.24  ? 100 HIS A NE2 1 
ATOM   483  N  N   . ARG A 1 62  ? 9.369   -6.518  14.966  1.00 51.45  ? 101 ARG A N   1 
ATOM   484  C  CA  . ARG A 1 62  ? 8.186   -5.878  15.593  1.00 52.34  ? 101 ARG A CA  1 
ATOM   485  C  C   . ARG A 1 62  ? 8.674   -4.553  16.182  1.00 51.50  ? 101 ARG A C   1 
ATOM   486  O  O   . ARG A 1 62  ? 9.776   -4.560  16.791  1.00 44.53  ? 101 ARG A O   1 
ATOM   487  C  CB  . ARG A 1 62  ? 7.478   -6.837  16.559  1.00 60.21  ? 101 ARG A CB  1 
ATOM   488  C  CG  . ARG A 1 62  ? 8.002   -6.872  17.992  1.00 82.87  ? 101 ARG A CG  1 
ATOM   489  C  CD  . ARG A 1 62  ? 7.196   -7.809  18.886  1.00 87.25  ? 101 ARG A CD  1 
ATOM   490  N  NE  . ARG A 1 62  ? 5.811   -7.912  18.425  1.00 92.37  ? 101 ARG A NE  1 
ATOM   491  C  CZ  . ARG A 1 62  ? 4.865   -6.986  18.586  1.00 90.38  ? 101 ARG A CZ  1 
ATOM   492  N  NH1 . ARG A 1 62  ? 5.124   -5.861  19.226  1.00 91.27  ? 101 ARG A NH1 1 
ATOM   493  N  NH2 . ARG A 1 62  ? 3.651   -7.187  18.100  1.00 90.60  ? 101 ARG A NH2 1 
ATOM   494  N  N   . TRP A 1 63  ? 7.923   -3.463  15.926  1.00 47.48  ? 102 TRP A N   1 
ATOM   495  C  CA  . TRP A 1 63  ? 8.269   -2.055  16.267  1.00 43.06  ? 102 TRP A CA  1 
ATOM   496  C  C   . TRP A 1 63  ? 7.408   -1.613  17.458  1.00 55.65  ? 102 TRP A C   1 
ATOM   497  O  O   . TRP A 1 63  ? 6.249   -2.095  17.591  1.00 49.09  ? 102 TRP A O   1 
ATOM   498  C  CB  . TRP A 1 63  ? 8.077   -1.110  15.059  1.00 41.24  ? 102 TRP A CB  1 
ATOM   499  C  CG  . TRP A 1 63  ? 9.037   -1.292  13.917  1.00 38.88  ? 102 TRP A CG  1 
ATOM   500  C  CD1 . TRP A 1 63  ? 9.069   -2.313  13.009  1.00 35.93  ? 102 TRP A CD1 1 
ATOM   501  C  CD2 . TRP A 1 63  ? 10.101  -0.387  13.539  1.00 37.63  ? 102 TRP A CD2 1 
ATOM   502  N  NE1 . TRP A 1 63  ? 10.112  -2.127  12.128  1.00 41.93  ? 102 TRP A NE1 1 
ATOM   503  C  CE2 . TRP A 1 63  ? 10.756  -0.950  12.426  1.00 36.73  ? 102 TRP A CE2 1 
ATOM   504  C  CE3 . TRP A 1 63  ? 10.579  0.818   14.050  1.00 38.09  ? 102 TRP A CE3 1 
ATOM   505  C  CZ2 . TRP A 1 63  ? 11.867  -0.348  11.839  1.00 41.63  ? 102 TRP A CZ2 1 
ATOM   506  C  CZ3 . TRP A 1 63  ? 11.675  1.416   13.463  1.00 38.40  ? 102 TRP A CZ3 1 
ATOM   507  C  CH2 . TRP A 1 63  ? 12.304  0.843   12.364  1.00 39.56  ? 102 TRP A CH2 1 
ATOM   508  N  N   . LYS A 1 64  ? 7.916   -0.663  18.251  1.00 63.32  ? 103 LYS A N   1 
ATOM   509  C  CA  . LYS A 1 64  ? 7.236   -0.121  19.457  1.00 61.90  ? 103 LYS A CA  1 
ATOM   510  C  C   . LYS A 1 64  ? 7.546   1.373   19.594  1.00 57.94  ? 103 LYS A C   1 
ATOM   511  O  O   . LYS A 1 64  ? 8.597   1.816   19.084  1.00 59.03  ? 103 LYS A O   1 
ATOM   512  C  CB  . LYS A 1 64  ? 7.666   -0.915  20.692  1.00 67.63  ? 103 LYS A CB  1 
ATOM   513  C  CG  . LYS A 1 64  ? 8.842   -1.855  20.473  1.00 70.54  ? 103 LYS A CG  1 
ATOM   514  C  CD  . LYS A 1 64  ? 9.787   -1.879  21.646  1.00 76.91  ? 103 LYS A CD  1 
ATOM   515  C  CE  . LYS A 1 64  ? 11.155  -2.419  21.297  1.00 72.37  ? 103 LYS A CE  1 
ATOM   516  N  NZ  . LYS A 1 64  ? 12.059  -2.336  22.466  1.00 71.57  ? 103 LYS A NZ  1 
ATOM   517  N  N   . TYR A 1 65  ? 6.628   2.122   20.211  1.00 55.20  ? 104 TYR A N   1 
ATOM   518  C  CA  . TYR A 1 65  ? 6.745   3.585   20.432  1.00 51.09  ? 104 TYR A CA  1 
ATOM   519  C  C   . TYR A 1 65  ? 7.303   3.804   21.838  1.00 49.47  ? 104 TYR A C   1 
ATOM   520  O  O   . TYR A 1 65  ? 6.671   3.365   22.837  1.00 43.81  ? 104 TYR A O   1 
ATOM   521  C  CB  . TYR A 1 65  ? 5.407   4.292   20.226  1.00 48.01  ? 104 TYR A CB  1 
ATOM   522  C  CG  . TYR A 1 65  ? 5.533   5.748   19.860  1.00 49.77  ? 104 TYR A CG  1 
ATOM   523  C  CD1 . TYR A 1 65  ? 6.178   6.134   18.702  1.00 44.67  ? 104 TYR A CD1 1 
ATOM   524  C  CD2 . TYR A 1 65  ? 5.030   6.754   20.676  1.00 54.10  ? 104 TYR A CD2 1 
ATOM   525  C  CE1 . TYR A 1 65  ? 6.295   7.469   18.345  1.00 49.23  ? 104 TYR A CE1 1 
ATOM   526  C  CE2 . TYR A 1 65  ? 5.120   8.094   20.325  1.00 45.68  ? 104 TYR A CE2 1 
ATOM   527  C  CZ  . TYR A 1 65  ? 5.751   8.452   19.150  1.00 48.87  ? 104 TYR A CZ  1 
ATOM   528  O  OH  . TYR A 1 65  ? 5.877   9.765   18.793  1.00 57.53  ? 104 TYR A OH  1 
ATOM   529  N  N   . VAL A 1 66  ? 8.480   4.425   21.898  1.00 52.93  ? 105 VAL A N   1 
ATOM   530  C  CA  . VAL A 1 66  ? 9.317   4.576   23.131  1.00 47.96  ? 105 VAL A CA  1 
ATOM   531  C  C   . VAL A 1 66  ? 9.932   5.980   23.125  1.00 46.63  ? 105 VAL A C   1 
ATOM   532  O  O   . VAL A 1 66  ? 10.551  6.345   22.120  1.00 44.14  ? 105 VAL A O   1 
ATOM   533  C  CB  . VAL A 1 66  ? 10.389  3.469   23.162  1.00 49.44  ? 105 VAL A CB  1 
ATOM   534  C  CG1 . VAL A 1 66  ? 11.468  3.720   24.215  1.00 54.16  ? 105 VAL A CG1 1 
ATOM   535  C  CG2 . VAL A 1 66  ? 9.761   2.101   23.350  1.00 43.51  ? 105 VAL A CG2 1 
ATOM   536  N  N   . ASN A 1 67  ? 9.784   6.741   24.210  1.00 55.18  ? 106 ASN A N   1 
ATOM   537  C  CA  . ASN A 1 67  ? 10.339  8.118   24.347  1.00 55.48  ? 106 ASN A CA  1 
ATOM   538  C  C   . ASN A 1 67  ? 10.025  8.940   23.093  1.00 56.22  ? 106 ASN A C   1 
ATOM   539  O  O   . ASN A 1 67  ? 10.937  9.639   22.606  1.00 57.71  ? 106 ASN A O   1 
ATOM   540  C  CB  . ASN A 1 67  ? 11.843  8.085   24.620  1.00 56.00  ? 106 ASN A CB  1 
ATOM   541  C  CG  . ASN A 1 67  ? 12.179  7.182   25.789  1.00 66.07  ? 106 ASN A CG  1 
ATOM   542  O  OD1 . ASN A 1 67  ? 11.356  6.957   26.683  1.00 65.65  ? 106 ASN A OD1 1 
ATOM   543  N  ND2 . ASN A 1 67  ? 13.387  6.648   25.788  1.00 71.34  ? 106 ASN A ND2 1 
ATOM   544  N  N   . GLY A 1 68  ? 8.777   8.863   22.614  1.00 61.79  ? 107 GLY A N   1 
ATOM   545  C  CA  . GLY A 1 68  ? 8.269   9.576   21.418  1.00 59.57  ? 107 GLY A CA  1 
ATOM   546  C  C   . GLY A 1 68  ? 9.039   9.241   20.145  1.00 52.65  ? 107 GLY A C   1 
ATOM   547  O  O   . GLY A 1 68  ? 9.321   10.150  19.372  1.00 51.56  ? 107 GLY A O   1 
ATOM   548  N  N   . GLU A 1 69  ? 9.437   7.988   19.947  1.00 54.25  ? 108 GLU A N   1 
ATOM   549  C  CA  . GLU A 1 69  ? 10.044  7.551   18.664  1.00 63.26  ? 108 GLU A CA  1 
ATOM   550  C  C   . GLU A 1 69  ? 9.818   6.044   18.504  1.00 54.93  ? 108 GLU A C   1 
ATOM   551  O  O   . GLU A 1 69  ? 9.661   5.329   19.546  1.00 43.04  ? 108 GLU A O   1 
ATOM   552  C  CB  . GLU A 1 69  ? 11.514  7.979   18.539  1.00 68.28  ? 108 GLU A CB  1 
ATOM   553  C  CG  . GLU A 1 69  ? 12.420  7.448   19.638  1.00 80.51  ? 108 GLU A CG  1 
ATOM   554  C  CD  . GLU A 1 69  ? 13.902  7.299   19.301  1.00 92.66  ? 108 GLU A CD  1 
ATOM   555  O  OE1 . GLU A 1 69  ? 14.366  7.877   18.282  1.00 92.71  ? 108 GLU A OE1 1 
ATOM   556  O  OE2 . GLU A 1 69  ? 14.603  6.600   20.072  1.00 88.51  ? 108 GLU A OE2 1 
ATOM   557  N  N   . TRP A 1 70  ? 9.734   5.616   17.236  1.00 44.45  ? 109 TRP A N   1 
ATOM   558  C  CA  . TRP A 1 70  ? 9.596   4.192   16.827  1.00 46.50  ? 109 TRP A CA  1 
ATOM   559  C  C   . TRP A 1 70  ? 10.974  3.513   16.771  1.00 41.61  ? 109 TRP A C   1 
ATOM   560  O  O   . TRP A 1 70  ? 11.903  4.104   16.231  1.00 43.30  ? 109 TRP A O   1 
ATOM   561  C  CB  . TRP A 1 70  ? 8.881   4.090   15.475  1.00 46.73  ? 109 TRP A CB  1 
ATOM   562  C  CG  . TRP A 1 70  ? 7.429   4.450   15.518  1.00 47.75  ? 109 TRP A CG  1 
ATOM   563  C  CD1 . TRP A 1 70  ? 6.868   5.622   15.086  1.00 48.35  ? 109 TRP A CD1 1 
ATOM   564  C  CD2 . TRP A 1 70  ? 6.345   3.616   15.967  1.00 45.80  ? 109 TRP A CD2 1 
ATOM   565  N  NE1 . TRP A 1 70  ? 5.508   5.580   15.253  1.00 50.34  ? 109 TRP A NE1 1 
ATOM   566  C  CE2 . TRP A 1 70  ? 5.154   4.363   15.789  1.00 49.67  ? 109 TRP A CE2 1 
ATOM   567  C  CE3 . TRP A 1 70  ? 6.253   2.330   16.528  1.00 52.06  ? 109 TRP A CE3 1 
ATOM   568  C  CZ2 . TRP A 1 70  ? 3.897   3.862   16.161  1.00 52.22  ? 109 TRP A CZ2 1 
ATOM   569  C  CZ3 . TRP A 1 70  ? 5.009   1.834   16.884  1.00 53.26  ? 109 TRP A CZ3 1 
ATOM   570  C  CH2 . TRP A 1 70  ? 3.842   2.586   16.688  1.00 50.17  ? 109 TRP A CH2 1 
ATOM   571  N  N   . VAL A 1 71  ? 11.088  2.302   17.307  1.00 39.38  ? 110 VAL A N   1 
ATOM   572  C  CA  . VAL A 1 71  ? 12.337  1.503   17.298  1.00 40.38  ? 110 VAL A CA  1 
ATOM   573  C  C   . VAL A 1 71  ? 11.962  0.040   17.127  1.00 41.48  ? 110 VAL A C   1 
ATOM   574  O  O   . VAL A 1 71  ? 10.895  -0.407  17.546  1.00 45.08  ? 110 VAL A O   1 
ATOM   575  C  CB  . VAL A 1 71  ? 13.186  1.748   18.554  1.00 43.33  ? 110 VAL A CB  1 
ATOM   576  C  CG1 . VAL A 1 71  ? 13.667  3.187   18.593  1.00 48.54  ? 110 VAL A CG1 1 
ATOM   577  C  CG2 . VAL A 1 71  ? 12.463  1.380   19.834  1.00 44.11  ? 110 VAL A CG2 1 
ATOM   578  N  N   . PRO A 1 72  ? 12.827  -0.736  16.456  1.00 42.89  ? 111 PRO A N   1 
ATOM   579  C  CA  . PRO A 1 72  ? 12.564  -2.154  16.262  1.00 47.79  ? 111 PRO A CA  1 
ATOM   580  C  C   . PRO A 1 72  ? 12.859  -2.938  17.533  1.00 43.08  ? 111 PRO A C   1 
ATOM   581  O  O   . PRO A 1 72  ? 13.812  -2.590  18.176  1.00 43.74  ? 111 PRO A O   1 
ATOM   582  C  CB  . PRO A 1 72  ? 13.541  -2.558  15.166  1.00 45.24  ? 111 PRO A CB  1 
ATOM   583  C  CG  . PRO A 1 72  ? 14.699  -1.574  15.335  1.00 46.94  ? 111 PRO A CG  1 
ATOM   584  C  CD  . PRO A 1 72  ? 14.083  -0.286  15.837  1.00 43.99  ? 111 PRO A CD  1 
ATOM   585  N  N   . GLY A 1 73  ? 11.996  -3.909  17.831  1.00 51.68  ? 112 GLY A N   1 
ATOM   586  C  CA  . GLY A 1 73  ? 12.232  -5.051  18.738  1.00 59.82  ? 112 GLY A CA  1 
ATOM   587  C  C   . GLY A 1 73  ? 13.515  -5.802  18.409  1.00 63.60  ? 112 GLY A C   1 
ATOM   588  O  O   . GLY A 1 73  ? 14.280  -5.342  17.531  1.00 71.15  ? 112 GLY A O   1 
ATOM   589  N  N   . GLY A 1 74  ? 13.780  -6.898  19.121  1.00 62.48  ? 113 GLY A N   1 
ATOM   590  C  CA  . GLY A 1 74  ? 15.082  -7.591  19.086  1.00 67.39  ? 113 GLY A CA  1 
ATOM   591  C  C   . GLY A 1 74  ? 14.925  -9.048  18.694  1.00 72.62  ? 113 GLY A C   1 
ATOM   592  O  O   . GLY A 1 74  ? 15.850  -9.845  19.015  1.00 73.05  ? 113 GLY A O   1 
ATOM   593  N  N   . LYS A 1 75  ? 13.808  -9.394  18.041  1.00 60.01  ? 114 LYS A N   1 
ATOM   594  C  CA  . LYS A 1 75  ? 13.445  -10.802 17.745  1.00 67.62  ? 114 LYS A CA  1 
ATOM   595  C  C   . LYS A 1 75  ? 12.815  -10.876 16.364  1.00 61.82  ? 114 LYS A C   1 
ATOM   596  O  O   . LYS A 1 75  ? 11.604  -10.966 16.269  1.00 56.57  ? 114 LYS A O   1 
ATOM   597  C  CB  . LYS A 1 75  ? 12.464  -11.353 18.788  1.00 73.14  ? 114 LYS A CB  1 
ATOM   598  C  CG  . LYS A 1 75  ? 12.864  -12.692 19.397  1.00 81.27  ? 114 LYS A CG  1 
ATOM   599  C  CD  . LYS A 1 75  ? 14.201  -12.609 20.131  1.00 94.40  ? 114 LYS A CD  1 
ATOM   600  C  CE  . LYS A 1 75  ? 14.234  -13.305 21.477  1.00 95.87  ? 114 LYS A CE  1 
ATOM   601  N  NZ  . LYS A 1 75  ? 14.811  -14.666 21.376  1.00 98.43  ? 114 LYS A NZ  1 
ATOM   602  N  N   . PRO A 1 76  ? 13.600  -10.856 15.264  1.00 57.97  ? 115 PRO A N   1 
ATOM   603  C  CA  . PRO A 1 76  ? 13.042  -11.031 13.923  1.00 61.17  ? 115 PRO A CA  1 
ATOM   604  C  C   . PRO A 1 76  ? 12.279  -12.352 13.687  1.00 59.60  ? 115 PRO A C   1 
ATOM   605  O  O   . PRO A 1 76  ? 12.771  -13.417 14.016  1.00 56.65  ? 115 PRO A O   1 
ATOM   606  C  CB  . PRO A 1 76  ? 14.283  -10.950 13.022  1.00 58.89  ? 115 PRO A CB  1 
ATOM   607  C  CG  . PRO A 1 76  ? 15.396  -11.362 13.932  1.00 59.87  ? 115 PRO A CG  1 
ATOM   608  C  CD  . PRO A 1 76  ? 15.052  -10.671 15.235  1.00 58.62  ? 115 PRO A CD  1 
ATOM   609  N  N   . GLU A 1 77  ? 11.067  -12.242 13.155  1.00 51.90  ? 116 GLU A N   1 
ATOM   610  C  CA  . GLU A 1 77  ? 10.319  -13.359 12.527  1.00 58.54  ? 116 GLU A CA  1 
ATOM   611  C  C   . GLU A 1 77  ? 10.331  -13.086 11.038  1.00 52.42  ? 116 GLU A C   1 
ATOM   612  O  O   . GLU A 1 77  ? 10.084  -11.950 10.618  1.00 46.80  ? 116 GLU A O   1 
ATOM   613  C  CB  . GLU A 1 77  ? 8.840   -13.423 12.928  1.00 67.13  ? 116 GLU A CB  1 
ATOM   614  C  CG  . GLU A 1 77  ? 8.531   -14.315 14.118  1.00 70.61  ? 116 GLU A CG  1 
ATOM   615  C  CD  . GLU A 1 77  ? 8.495   -13.587 15.449  1.00 67.23  ? 116 GLU A CD  1 
ATOM   616  O  OE1 . GLU A 1 77  ? 7.442   -13.638 16.143  1.00 75.26  ? 116 GLU A OE1 1 
ATOM   617  O  OE2 . GLU A 1 77  ? 9.518   -12.977 15.786  1.00 61.25  ? 116 GLU A OE2 1 
ATOM   618  N  N   . PRO A 1 78  ? 10.616  -14.099 10.199  1.00 48.14  ? 117 PRO A N   1 
ATOM   619  C  CA  . PRO A 1 78  ? 10.379  -13.939 8.769   1.00 47.18  ? 117 PRO A CA  1 
ATOM   620  C  C   . PRO A 1 78  ? 8.896   -13.576 8.573   1.00 43.52  ? 117 PRO A C   1 
ATOM   621  O  O   . PRO A 1 78  ? 8.035   -14.211 9.171   1.00 45.69  ? 117 PRO A O   1 
ATOM   622  C  CB  . PRO A 1 78  ? 10.809  -15.268 8.130   1.00 44.16  ? 117 PRO A CB  1 
ATOM   623  C  CG  . PRO A 1 78  ? 11.037  -16.231 9.288   1.00 45.44  ? 117 PRO A CG  1 
ATOM   624  C  CD  . PRO A 1 78  ? 11.153  -15.416 10.563  1.00 46.76  ? 117 PRO A CD  1 
ATOM   625  N  N   . GLN A 1 79  ? 8.643   -12.527 7.789   1.00 45.28  ? 118 GLN A N   1 
ATOM   626  C  CA  . GLN A 1 79  ? 7.278   -12.025 7.469   1.00 46.13  ? 118 GLN A CA  1 
ATOM   627  C  C   . GLN A 1 79  ? 6.814   -12.546 6.088   1.00 43.07  ? 118 GLN A C   1 
ATOM   628  O  O   . GLN A 1 79  ? 7.515   -12.362 5.071   1.00 42.98  ? 118 GLN A O   1 
ATOM   629  C  CB  . GLN A 1 79  ? 7.251   -10.500 7.557   1.00 42.27  ? 118 GLN A CB  1 
ATOM   630  C  CG  . GLN A 1 79  ? 7.614   -9.937  8.945   1.00 45.26  ? 118 GLN A CG  1 
ATOM   631  C  CD  . GLN A 1 79  ? 6.730   -10.415 10.079  1.00 44.98  ? 118 GLN A CD  1 
ATOM   632  O  OE1 . GLN A 1 79  ? 5.560   -10.043 10.191  1.00 42.23  ? 118 GLN A OE1 1 
ATOM   633  N  NE2 . GLN A 1 79  ? 7.289   -11.254 10.943  1.00 48.95  ? 118 GLN A NE2 1 
ATOM   634  N  N   . ALA A 1 80  ? 5.636   -13.157 6.039   1.00 41.85  ? 119 ALA A N   1 
ATOM   635  C  CA  . ALA A 1 80  ? 4.899   -13.417 4.780   1.00 48.56  ? 119 ALA A CA  1 
ATOM   636  C  C   . ALA A 1 80  ? 4.422   -12.085 4.213   1.00 45.69  ? 119 ALA A C   1 
ATOM   637  O  O   . ALA A 1 80  ? 4.017   -11.209 4.992   1.00 42.44  ? 119 ALA A O   1 
ATOM   638  C  CB  . ALA A 1 80  ? 3.728   -14.336 5.059   1.00 52.87  ? 119 ALA A CB  1 
ATOM   639  N  N   . PRO A 1 81  ? 4.375   -11.897 2.870   1.00 41.61  ? 120 PRO A N   1 
ATOM   640  C  CA  . PRO A 1 81  ? 3.731   -10.705 2.311   1.00 41.63  ? 120 PRO A CA  1 
ATOM   641  C  C   . PRO A 1 81  ? 2.216   -10.760 2.606   1.00 40.16  ? 120 PRO A C   1 
ATOM   642  O  O   . PRO A 1 81  ? 1.612   -11.848 2.765   1.00 34.00  ? 120 PRO A O   1 
ATOM   643  C  CB  . PRO A 1 81  ? 4.059   -10.804 0.820   1.00 44.28  ? 120 PRO A CB  1 
ATOM   644  C  CG  . PRO A 1 81  ? 4.110   -12.309 0.582   1.00 49.16  ? 120 PRO A CG  1 
ATOM   645  C  CD  . PRO A 1 81  ? 4.758   -12.868 1.837   1.00 47.82  ? 120 PRO A CD  1 
ATOM   646  N  N   . SER A 1 82  ? 1.580   -9.602  2.722   1.00 39.16  ? 121 SER A N   1 
ATOM   647  C  CA  . SER A 1 82  ? 0.095   -9.534  2.777   1.00 34.64  ? 121 SER A CA  1 
ATOM   648  C  C   . SER A 1 82  ? -0.524  -10.358 1.640   1.00 36.24  ? 121 SER A C   1 
ATOM   649  O  O   . SER A 1 82  ? 0.137   -10.573 0.588   1.00 30.65  ? 121 SER A O   1 
ATOM   650  C  CB  . SER A 1 82  ? -0.384  -8.141  2.676   1.00 35.54  ? 121 SER A CB  1 
ATOM   651  O  OG  . SER A 1 82  ? -0.178  -7.665  1.359   1.00 36.24  ? 121 SER A OG  1 
ATOM   652  N  N   . CYS A 1 83  ? -1.788  -10.756 1.815   1.00 40.11  ? 122 CYS A N   1 
ATOM   653  C  CA  . CYS A 1 83  ? -2.651  -11.154 0.674   1.00 45.07  ? 122 CYS A CA  1 
ATOM   654  C  C   . CYS A 1 83  ? -2.784  -9.971  -0.299  1.00 38.34  ? 122 CYS A C   1 
ATOM   655  O  O   . CYS A 1 83  ? -2.444  -8.834  0.035   1.00 32.41  ? 122 CYS A O   1 
ATOM   656  C  CB  . CYS A 1 83  ? -4.001  -11.670 1.157   1.00 46.07  ? 122 CYS A CB  1 
ATOM   657  S  SG  . CYS A 1 83  ? -3.866  -13.198 2.136   1.00 53.44  ? 122 CYS A SG  1 
ATOM   658  N  N   . VAL A 1 84  ? -3.205  -10.282 -1.515  1.00 41.87  ? 123 VAL A N   1 
ATOM   659  C  CA  . VAL A 1 84  ? -3.328  -9.331  -2.648  1.00 37.23  ? 123 VAL A CA  1 
ATOM   660  C  C   . VAL A 1 84  ? -4.759  -8.781  -2.633  1.00 36.93  ? 123 VAL A C   1 
ATOM   661  O  O   . VAL A 1 84  ? -5.740  -9.517  -2.285  1.00 34.18  ? 123 VAL A O   1 
ATOM   662  C  CB  . VAL A 1 84  ? -2.898  -10.044 -3.943  1.00 39.92  ? 123 VAL A CB  1 
ATOM   663  C  CG1 . VAL A 1 84  ? -3.892  -9.924  -5.069  1.00 39.88  ? 123 VAL A CG1 1 
ATOM   664  C  CG2 . VAL A 1 84  ? -1.524  -9.573  -4.394  1.00 42.57  ? 123 VAL A CG2 1 
ATOM   665  N  N   . TYR A 1 85  ? -4.874  -7.482  -2.845  1.00 36.50  ? 124 TYR A N   1 
ATOM   666  C  CA  . TYR A 1 85  ? -6.159  -6.783  -3.070  1.00 33.90  ? 124 TYR A CA  1 
ATOM   667  C  C   . TYR A 1 85  ? -6.221  -6.421  -4.561  1.00 33.09  ? 124 TYR A C   1 
ATOM   668  O  O   . TYR A 1 85  ? -5.335  -5.758  -5.033  1.00 33.99  ? 124 TYR A O   1 
ATOM   669  C  CB  . TYR A 1 85  ? -6.293  -5.548  -2.167  1.00 35.90  ? 124 TYR A CB  1 
ATOM   670  C  CG  . TYR A 1 85  ? -7.321  -4.536  -2.620  1.00 37.87  ? 124 TYR A CG  1 
ATOM   671  C  CD1 . TYR A 1 85  ? -8.629  -4.602  -2.166  1.00 35.87  ? 124 TYR A CD1 1 
ATOM   672  C  CD2 . TYR A 1 85  ? -7.004  -3.543  -3.540  1.00 38.56  ? 124 TYR A CD2 1 
ATOM   673  C  CE1 . TYR A 1 85  ? -9.583  -3.694  -2.590  1.00 34.40  ? 124 TYR A CE1 1 
ATOM   674  C  CE2 . TYR A 1 85  ? -7.947  -2.627  -3.978  1.00 36.65  ? 124 TYR A CE2 1 
ATOM   675  C  CZ  . TYR A 1 85  ? -9.245  -2.710  -3.499  1.00 34.97  ? 124 TYR A CZ  1 
ATOM   676  O  OH  . TYR A 1 85  ? -10.185 -1.820  -3.924  1.00 35.09  ? 124 TYR A OH  1 
ATOM   677  N  N   . ILE A 1 86  ? -7.248  -6.878  -5.266  1.00 33.19  ? 125 ILE A N   1 
ATOM   678  C  CA  . ILE A 1 86  ? -7.439  -6.665  -6.719  1.00 32.86  ? 125 ILE A CA  1 
ATOM   679  C  C   . ILE A 1 86  ? -8.150  -5.350  -6.893  1.00 31.68  ? 125 ILE A C   1 
ATOM   680  O  O   . ILE A 1 86  ? -9.263  -5.249  -6.418  1.00 35.37  ? 125 ILE A O   1 
ATOM   681  C  CB  . ILE A 1 86  ? -8.217  -7.837  -7.336  1.00 35.33  ? 125 ILE A CB  1 
ATOM   682  C  CG1 . ILE A 1 86  ? -7.418  -9.137  -7.167  1.00 38.15  ? 125 ILE A CG1 1 
ATOM   683  C  CG2 . ILE A 1 86  ? -8.543  -7.526  -8.792  1.00 36.95  ? 125 ILE A CG2 1 
ATOM   684  C  CD1 . ILE A 1 86  ? -8.101  -10.391 -7.712  1.00 42.62  ? 125 ILE A CD1 1 
ATOM   685  N  N   . HIS A 1 87  ? -7.548  -4.385  -7.575  1.00 33.26  ? 126 HIS A N   1 
ATOM   686  C  CA  . HIS A 1 87  ? -8.279  -3.139  -7.909  1.00 36.22  ? 126 HIS A CA  1 
ATOM   687  C  C   . HIS A 1 87  ? -9.588  -3.520  -8.626  1.00 34.98  ? 126 HIS A C   1 
ATOM   688  O  O   . HIS A 1 87  ? -9.594  -4.331  -9.548  1.00 33.84  ? 126 HIS A O   1 
ATOM   689  C  CB  . HIS A 1 87  ? -7.393  -2.180  -8.699  1.00 37.07  ? 126 HIS A CB  1 
ATOM   690  C  CG  . HIS A 1 87  ? -7.979  -0.821  -8.832  1.00 37.89  ? 126 HIS A CG  1 
ATOM   691  N  ND1 . HIS A 1 87  ? -8.910  -0.500  -9.804  1.00 42.47  ? 126 HIS A ND1 1 
ATOM   692  C  CD2 . HIS A 1 87  ? -7.788  0.300   -8.117  1.00 43.66  ? 126 HIS A CD2 1 
ATOM   693  C  CE1 . HIS A 1 87  ? -9.235  0.773   -9.700  1.00 40.57  ? 126 HIS A CE1 1 
ATOM   694  N  NE2 . HIS A 1 87  ? -8.556  1.286   -8.691  1.00 41.17  ? 126 HIS A NE2 1 
ATOM   695  N  N   . PRO A 1 88  ? -10.733 -2.946  -8.210  1.00 40.31  ? 127 PRO A N   1 
ATOM   696  C  CA  . PRO A 1 88  ? -12.055 -3.332  -8.739  1.00 41.59  ? 127 PRO A CA  1 
ATOM   697  C  C   . PRO A 1 88  ? -12.387 -3.007  -10.212 1.00 41.79  ? 127 PRO A C   1 
ATOM   698  O  O   . PRO A 1 88  ? -13.190 -3.731  -10.821 1.00 37.57  ? 127 PRO A O   1 
ATOM   699  C  CB  . PRO A 1 88  ? -13.040 -2.600  -7.821  1.00 38.65  ? 127 PRO A CB  1 
ATOM   700  C  CG  . PRO A 1 88  ? -12.268 -1.455  -7.214  1.00 44.69  ? 127 PRO A CG  1 
ATOM   701  C  CD  . PRO A 1 88  ? -10.810 -1.873  -7.198  1.00 42.20  ? 127 PRO A CD  1 
ATOM   702  N  N   . ASP A 1 89  ? -11.705 -2.013  -10.786 1.00 37.32  ? 128 ASP A N   1 
ATOM   703  C  CA  . ASP A 1 89  ? -11.673 -1.755  -12.245 1.00 36.21  ? 128 ASP A CA  1 
ATOM   704  C  C   . ASP A 1 89  ? -11.022 -2.911  -13.012 1.00 40.77  ? 128 ASP A C   1 
ATOM   705  O  O   . ASP A 1 89  ? -11.102 -2.868  -14.242 1.00 42.63  ? 128 ASP A O   1 
ATOM   706  C  CB  . ASP A 1 89  ? -10.914 -0.473  -12.557 1.00 33.49  ? 128 ASP A CB  1 
ATOM   707  C  CG  . ASP A 1 89  ? -11.601 0.759   -12.034 1.00 34.50  ? 128 ASP A CG  1 
ATOM   708  O  OD1 . ASP A 1 89  ? -12.632 0.612   -11.362 1.00 38.35  ? 128 ASP A OD1 1 
ATOM   709  O  OD2 . ASP A 1 89  ? -11.084 1.847   -12.277 1.00 40.17  ? 128 ASP A OD2 1 
ATOM   710  N  N   . SER A 1 90  ? -10.409 -3.894  -12.332 1.00 39.39  ? 129 SER A N   1 
ATOM   711  C  CA  . SER A 1 90  ? -9.749  -5.073  -12.949 1.00 38.57  ? 129 SER A CA  1 
ATOM   712  C  C   . SER A 1 90  ? -10.775 -6.089  -13.449 1.00 39.71  ? 129 SER A C   1 
ATOM   713  O  O   . SER A 1 90  ? -11.805 -6.303  -12.824 1.00 47.26  ? 129 SER A O   1 
ATOM   714  C  CB  . SER A 1 90  ? -8.806  -5.741  -11.962 1.00 38.35  ? 129 SER A CB  1 
ATOM   715  O  OG  . SER A 1 90  ? -7.798  -4.828  -11.524 1.00 41.20  ? 129 SER A OG  1 
ATOM   716  N  N   . PRO A 1 91  ? -10.502 -6.827  -14.540 1.00 37.28  ? 130 PRO A N   1 
ATOM   717  C  CA  . PRO A 1 91  ? -9.469  -6.473  -15.513 1.00 38.45  ? 130 PRO A CA  1 
ATOM   718  C  C   . PRO A 1 91  ? -9.992  -5.388  -16.449 1.00 40.65  ? 130 PRO A C   1 
ATOM   719  O  O   . PRO A 1 91  ? -11.206 -5.210  -16.545 1.00 47.19  ? 130 PRO A O   1 
ATOM   720  C  CB  . PRO A 1 91  ? -9.253  -7.769  -16.274 1.00 39.70  ? 130 PRO A CB  1 
ATOM   721  C  CG  . PRO A 1 91  ? -10.622 -8.390  -16.223 1.00 40.46  ? 130 PRO A CG  1 
ATOM   722  C  CD  . PRO A 1 91  ? -11.129 -8.114  -14.829 1.00 37.49  ? 130 PRO A CD  1 
ATOM   723  N  N   . ASN A 1 92  ? -9.071  -4.667  -17.073 1.00 39.05  ? 131 ASN A N   1 
ATOM   724  C  CA  . ASN A 1 92  ? -9.384  -3.475  -17.889 1.00 37.80  ? 131 ASN A CA  1 
ATOM   725  C  C   . ASN A 1 92  ? -8.237  -3.235  -18.864 1.00 45.42  ? 131 ASN A C   1 
ATOM   726  O  O   . ASN A 1 92  ? -7.131  -3.882  -18.703 1.00 43.02  ? 131 ASN A O   1 
ATOM   727  C  CB  . ASN A 1 92  ? -9.707  -2.260  -17.029 1.00 40.84  ? 131 ASN A CB  1 
ATOM   728  C  CG  . ASN A 1 92  ? -10.964 -1.554  -17.516 1.00 41.10  ? 131 ASN A CG  1 
ATOM   729  O  OD1 . ASN A 1 92  ? -10.961 -1.038  -18.612 1.00 38.10  ? 131 ASN A OD1 1 
ATOM   730  N  ND2 . ASN A 1 92  ? -12.035 -1.508  -16.729 1.00 34.99  ? 131 ASN A ND2 1 
ATOM   731  N  N   . PHE A 1 93  ? -8.521  -2.396  -19.862 1.00 46.45  ? 132 PHE A N   1 
ATOM   732  C  CA  . PHE A 1 93  ? -7.663  -2.182  -21.050 1.00 48.33  ? 132 PHE A CA  1 
ATOM   733  C  C   . PHE A 1 93  ? -6.535  -1.250  -20.654 1.00 44.66  ? 132 PHE A C   1 
ATOM   734  O  O   . PHE A 1 93  ? -6.788  -0.383  -19.806 1.00 49.27  ? 132 PHE A O   1 
ATOM   735  C  CB  . PHE A 1 93  ? -8.455  -1.553  -22.205 1.00 48.57  ? 132 PHE A CB  1 
ATOM   736  C  CG  . PHE A 1 93  ? -9.457  -2.474  -22.845 1.00 42.93  ? 132 PHE A CG  1 
ATOM   737  C  CD1 . PHE A 1 93  ? -9.046  -3.509  -23.659 1.00 43.43  ? 132 PHE A CD1 1 
ATOM   738  C  CD2 . PHE A 1 93  ? -10.805 -2.326  -22.593 1.00 43.09  ? 132 PHE A CD2 1 
ATOM   739  C  CE1 . PHE A 1 93  ? -9.965  -4.363  -24.239 1.00 43.11  ? 132 PHE A CE1 1 
ATOM   740  C  CE2 . PHE A 1 93  ? -11.724 -3.179  -23.167 1.00 39.03  ? 132 PHE A CE2 1 
ATOM   741  C  CZ  . PHE A 1 93  ? -11.304 -4.184  -24.000 1.00 43.49  ? 132 PHE A CZ  1 
ATOM   742  N  N   . GLY A 1 94  ? -5.375  -1.377  -21.290 1.00 48.32  ? 133 GLY A N   1 
ATOM   743  C  CA  . GLY A 1 94  ? -4.297  -0.377  -21.143 1.00 52.57  ? 133 GLY A CA  1 
ATOM   744  C  C   . GLY A 1 94  ? -4.862  1.025   -20.969 1.00 50.98  ? 133 GLY A C   1 
ATOM   745  O  O   . GLY A 1 94  ? -4.504  1.692   -19.978 1.00 56.96  ? 133 GLY A O   1 
ATOM   746  N  N   . ALA A 1 95  ? -5.747  1.439   -21.883 1.00 54.36  ? 134 ALA A N   1 
ATOM   747  C  CA  . ALA A 1 95  ? -6.297  2.810   -22.019 1.00 46.94  ? 134 ALA A CA  1 
ATOM   748  C  C   . ALA A 1 95  ? -7.117  3.194   -20.779 1.00 42.10  ? 134 ALA A C   1 
ATOM   749  O  O   . ALA A 1 95  ? -7.175  4.372   -20.444 1.00 39.79  ? 134 ALA A O   1 
ATOM   750  C  CB  . ALA A 1 95  ? -7.129  2.890   -23.283 1.00 46.99  ? 134 ALA A CB  1 
ATOM   751  N  N   . HIS A 1 96  ? -7.777  2.255   -20.112 1.00 41.20  ? 135 HIS A N   1 
ATOM   752  C  CA  . HIS A 1 96  ? -8.492  2.593   -18.854 1.00 40.75  ? 135 HIS A CA  1 
ATOM   753  C  C   . HIS A 1 96  ? -7.440  2.987   -17.794 1.00 40.83  ? 135 HIS A C   1 
ATOM   754  O  O   . HIS A 1 96  ? -7.554  4.087   -17.154 1.00 35.27  ? 135 HIS A O   1 
ATOM   755  C  CB  . HIS A 1 96  ? -9.434  1.449   -18.434 1.00 40.50  ? 135 HIS A CB  1 
ATOM   756  C  CG  . HIS A 1 96  ? -10.054 1.608   -17.068 1.00 42.21  ? 135 HIS A CG  1 
ATOM   757  N  ND1 . HIS A 1 96  ? -11.410 1.699   -16.866 1.00 44.25  ? 135 HIS A ND1 1 
ATOM   758  C  CD2 . HIS A 1 96  ? -9.517  1.611   -15.825 1.00 48.45  ? 135 HIS A CD2 1 
ATOM   759  C  CE1 . HIS A 1 96  ? -11.687 1.796   -15.581 1.00 42.98  ? 135 HIS A CE1 1 
ATOM   760  N  NE2 . HIS A 1 96  ? -10.532 1.766   -14.914 1.00 44.15  ? 135 HIS A NE2 1 
ATOM   761  N  N   . TRP A 1 97  ? -6.453  2.118   -17.583 1.00 37.93  ? 136 TRP A N   1 
ATOM   762  C  CA  . TRP A 1 97  ? -5.459  2.311   -16.492 1.00 43.37  ? 136 TRP A CA  1 
ATOM   763  C  C   . TRP A 1 97  ? -4.629  3.576   -16.767 1.00 46.70  ? 136 TRP A C   1 
ATOM   764  O  O   . TRP A 1 97  ? -4.308  4.267   -15.785 1.00 46.10  ? 136 TRP A O   1 
ATOM   765  C  CB  . TRP A 1 97  ? -4.572  1.077   -16.320 1.00 39.75  ? 136 TRP A CB  1 
ATOM   766  C  CG  . TRP A 1 97  ? -5.324  -0.178  -16.028 1.00 34.46  ? 136 TRP A CG  1 
ATOM   767  C  CD1 . TRP A 1 97  ? -5.430  -1.285  -16.810 1.00 33.33  ? 136 TRP A CD1 1 
ATOM   768  C  CD2 . TRP A 1 97  ? -6.062  -0.459  -14.833 1.00 38.47  ? 136 TRP A CD2 1 
ATOM   769  N  NE1 . TRP A 1 97  ? -6.188  -2.229  -16.183 1.00 33.29  ? 136 TRP A NE1 1 
ATOM   770  C  CE2 . TRP A 1 97  ? -6.560  -1.766  -14.960 1.00 34.80  ? 136 TRP A CE2 1 
ATOM   771  C  CE3 . TRP A 1 97  ? -6.318  0.257   -13.661 1.00 39.17  ? 136 TRP A CE3 1 
ATOM   772  C  CZ2 . TRP A 1 97  ? -7.345  -2.354  -13.978 1.00 38.97  ? 136 TRP A CZ2 1 
ATOM   773  C  CZ3 . TRP A 1 97  ? -7.086  -0.330  -12.686 1.00 40.49  ? 136 TRP A CZ3 1 
ATOM   774  C  CH2 . TRP A 1 97  ? -7.598  -1.616  -12.850 1.00 39.51  ? 136 TRP A CH2 1 
ATOM   775  N  N   . MET A 1 98  ? -4.383  3.923   -18.042 1.00 45.80  ? 137 MET A N   1 
ATOM   776  C  CA  . MET A 1 98  ? -3.521  5.086   -18.403 1.00 46.03  ? 137 MET A CA  1 
ATOM   777  C  C   . MET A 1 98  ? -4.305  6.402   -18.438 1.00 49.33  ? 137 MET A C   1 
ATOM   778  O  O   . MET A 1 98  ? -3.616  7.428   -18.461 1.00 47.56  ? 137 MET A O   1 
ATOM   779  C  CB  . MET A 1 98  ? -2.818  4.876   -19.747 1.00 44.90  ? 137 MET A CB  1 
ATOM   780  C  CG  . MET A 1 98  ? -1.853  3.722   -19.699 1.00 44.18  ? 137 MET A CG  1 
ATOM   781  S  SD  . MET A 1 98  ? -0.693  3.691   -21.046 1.00 49.65  ? 137 MET A SD  1 
ATOM   782  C  CE  . MET A 1 98  ? -1.696  2.961   -22.344 1.00 48.69  ? 137 MET A CE  1 
ATOM   783  N  N   . LYS A 1 99  ? -5.650  6.414   -18.414 1.00 46.30  ? 138 LYS A N   1 
ATOM   784  C  CA  . LYS A 1 99  ? -6.385  7.672   -18.721 1.00 51.35  ? 138 LYS A CA  1 
ATOM   785  C  C   . LYS A 1 99  ? -6.440  8.587   -17.486 1.00 49.81  ? 138 LYS A C   1 
ATOM   786  O  O   . LYS A 1 99  ? -6.566  9.814   -17.672 1.00 52.78  ? 138 LYS A O   1 
ATOM   787  C  CB  . LYS A 1 99  ? -7.748  7.392   -19.364 1.00 51.48  ? 138 LYS A CB  1 
ATOM   788  C  CG  . LYS A 1 99  ? -8.912  7.179   -18.417 1.00 55.92  ? 138 LYS A CG  1 
ATOM   789  C  CD  . LYS A 1 99  ? -10.021 6.337   -19.044 1.00 69.35  ? 138 LYS A CD  1 
ATOM   790  C  CE  . LYS A 1 99  ? -10.738 5.427   -18.056 1.00 72.96  ? 138 LYS A CE  1 
ATOM   791  N  NZ  . LYS A 1 99  ? -11.797 6.117   -17.271 1.00 71.71  ? 138 LYS A NZ  1 
ATOM   792  N  N   . ALA A 1 100 ? -6.330  8.041   -16.275 1.00 51.78  ? 139 ALA A N   1 
ATOM   793  C  CA  . ALA A 1 100 ? -6.341  8.813   -15.008 1.00 54.48  ? 139 ALA A CA  1 
ATOM   794  C  C   . ALA A 1 100 ? -5.457  8.106   -13.987 1.00 56.27  ? 139 ALA A C   1 
ATOM   795  O  O   . ALA A 1 100 ? -5.072  6.961   -14.209 1.00 61.27  ? 139 ALA A O   1 
ATOM   796  C  CB  . ALA A 1 100 ? -7.745  8.959   -14.501 1.00 54.28  ? 139 ALA A CB  1 
ATOM   797  N  N   . PRO A 1 101 ? -5.055  8.760   -12.871 1.00 52.64  ? 140 PRO A N   1 
ATOM   798  C  CA  . PRO A 1 101 ? -4.291  8.063   -11.833 1.00 47.86  ? 140 PRO A CA  1 
ATOM   799  C  C   . PRO A 1 101 ? -5.078  6.835   -11.354 1.00 44.68  ? 140 PRO A C   1 
ATOM   800  O  O   . PRO A 1 101 ? -6.261  6.903   -11.382 1.00 44.61  ? 140 PRO A O   1 
ATOM   801  C  CB  . PRO A 1 101 ? -4.094  9.139   -10.755 1.00 47.37  ? 140 PRO A CB  1 
ATOM   802  C  CG  . PRO A 1 101 ? -4.156  10.440  -11.531 1.00 49.01  ? 140 PRO A CG  1 
ATOM   803  C  CD  . PRO A 1 101 ? -5.215  10.196  -12.590 1.00 50.44  ? 140 PRO A CD  1 
ATOM   804  N  N   . VAL A 1 102 ? -4.416  5.741   -10.972 1.00 39.39  ? 141 VAL A N   1 
ATOM   805  C  CA  . VAL A 1 102 ? -5.116  4.534   -10.446 1.00 39.19  ? 141 VAL A CA  1 
ATOM   806  C  C   . VAL A 1 102 ? -5.144  4.637   -8.919  1.00 42.98  ? 141 VAL A C   1 
ATOM   807  O  O   . VAL A 1 102 ? -4.062  4.628   -8.296  1.00 39.18  ? 141 VAL A O   1 
ATOM   808  C  CB  . VAL A 1 102 ? -4.458  3.243   -10.942 1.00 36.78  ? 141 VAL A CB  1 
ATOM   809  C  CG1 . VAL A 1 102 ? -5.199  2.005   -10.481 1.00 39.61  ? 141 VAL A CG1 1 
ATOM   810  C  CG2 . VAL A 1 102 ? -4.319  3.251   -12.443 1.00 37.16  ? 141 VAL A CG2 1 
ATOM   811  N  N   . SER A 1 103 ? -6.350  4.754   -8.349  1.00 45.69  ? 142 SER A N   1 
ATOM   812  C  CA  . SER A 1 103 ? -6.579  4.935   -6.894  1.00 43.25  ? 142 SER A CA  1 
ATOM   813  C  C   . SER A 1 103 ? -6.918  3.601   -6.273  1.00 39.88  ? 142 SER A C   1 
ATOM   814  O  O   . SER A 1 103 ? -7.810  2.920   -6.800  1.00 38.30  ? 142 SER A O   1 
ATOM   815  C  CB  . SER A 1 103 ? -7.669  5.923   -6.586  1.00 46.29  ? 142 SER A CB  1 
ATOM   816  O  OG  . SER A 1 103 ? -7.109  7.139   -6.104  1.00 47.18  ? 142 SER A OG  1 
ATOM   817  N  N   . PHE A 1 104 ? -6.287  3.306   -5.143  1.00 38.25  ? 143 PHE A N   1 
ATOM   818  C  CA  . PHE A 1 104 ? -6.653  2.158   -4.279  1.00 38.99  ? 143 PHE A CA  1 
ATOM   819  C  C   . PHE A 1 104 ? -7.328  2.705   -3.032  1.00 41.03  ? 143 PHE A C   1 
ATOM   820  O  O   . PHE A 1 104 ? -7.053  2.229   -1.919  1.00 44.25  ? 143 PHE A O   1 
ATOM   821  C  CB  . PHE A 1 104 ? -5.424  1.302   -3.992  1.00 40.08  ? 143 PHE A CB  1 
ATOM   822  C  CG  . PHE A 1 104 ? -4.777  0.651   -5.197  1.00 35.93  ? 143 PHE A CG  1 
ATOM   823  C  CD1 . PHE A 1 104 ? -4.975  -0.693  -5.469  1.00 34.35  ? 143 PHE A CD1 1 
ATOM   824  C  CD2 . PHE A 1 104 ? -3.852  1.337   -5.972  1.00 36.71  ? 143 PHE A CD2 1 
ATOM   825  C  CE1 . PHE A 1 104 ? -4.347  -1.319  -6.535  1.00 31.81  ? 143 PHE A CE1 1 
ATOM   826  C  CE2 . PHE A 1 104 ? -3.220  0.707   -7.035  1.00 36.68  ? 143 PHE A CE2 1 
ATOM   827  C  CZ  . PHE A 1 104 ? -3.455  -0.623  -7.303  1.00 32.76  ? 143 PHE A CZ  1 
ATOM   828  N  N   . SER A 1 105 ? -8.208  3.689   -3.241  1.00 42.14  ? 144 SER A N   1 
ATOM   829  C  CA  . SER A 1 105 ? -9.016  4.363   -2.191  1.00 43.30  ? 144 SER A CA  1 
ATOM   830  C  C   . SER A 1 105 ? -9.832  3.362   -1.341  1.00 42.17  ? 144 SER A C   1 
ATOM   831  O  O   . SER A 1 105 ? -10.065 3.700   -0.166  1.00 44.97  ? 144 SER A O   1 
ATOM   832  C  CB  . SER A 1 105 ? -9.906  5.424   -2.799  1.00 41.41  ? 144 SER A CB  1 
ATOM   833  O  OG  . SER A 1 105 ? -10.664 4.889   -3.862  1.00 39.89  ? 144 SER A OG  1 
ATOM   834  N  N   . LYS A 1 106 ? -10.244 2.191   -1.864  1.00 36.31  ? 145 LYS A N   1 
ATOM   835  C  CA  . LYS A 1 106 ? -11.196 1.252   -1.173  1.00 36.84  ? 145 LYS A CA  1 
ATOM   836  C  C   . LYS A 1 106 ? -10.507 0.092   -0.413  1.00 38.56  ? 145 LYS A C   1 
ATOM   837  O  O   . LYS A 1 106 ? -11.217 -0.679  0.279   1.00 31.91  ? 145 LYS A O   1 
ATOM   838  C  CB  . LYS A 1 106 ? -12.141 0.634   -2.214  1.00 36.12  ? 145 LYS A CB  1 
ATOM   839  C  CG  . LYS A 1 106 ? -12.943 1.649   -3.018  1.00 36.35  ? 145 LYS A CG  1 
ATOM   840  C  CD  . LYS A 1 106 ? -13.591 2.712   -2.143  1.00 39.74  ? 145 LYS A CD  1 
ATOM   841  C  CE  . LYS A 1 106 ? -14.795 3.368   -2.795  1.00 44.05  ? 145 LYS A CE  1 
ATOM   842  N  NZ  . LYS A 1 106 ? -15.460 4.323   -1.870  1.00 48.12  ? 145 LYS A NZ  1 
ATOM   843  N  N   . VAL A 1 107 ? -9.189  -0.089  -0.542  1.00 39.38  ? 146 VAL A N   1 
ATOM   844  C  CA  . VAL A 1 107 ? -8.458  -1.154  0.202   1.00 40.23  ? 146 VAL A CA  1 
ATOM   845  C  C   . VAL A 1 107 ? -8.684  -0.867  1.680   1.00 33.96  ? 146 VAL A C   1 
ATOM   846  O  O   . VAL A 1 107 ? -8.687  0.277   2.044   1.00 39.42  ? 146 VAL A O   1 
ATOM   847  C  CB  . VAL A 1 107 ? -6.966  -1.245  -0.190  1.00 40.67  ? 146 VAL A CB  1 
ATOM   848  C  CG1 . VAL A 1 107 ? -6.165  -0.032  0.243   1.00 41.66  ? 146 VAL A CG1 1 
ATOM   849  C  CG2 . VAL A 1 107 ? -6.312  -2.517  0.328   1.00 40.62  ? 146 VAL A CG2 1 
ATOM   850  N  N   . LYS A 1 108 ? -8.941  -1.901  2.465   1.00 38.81  ? 147 LYS A N   1 
ATOM   851  C  CA  . LYS A 1 108 ? -9.172  -1.834  3.931   1.00 37.25  ? 147 LYS A CA  1 
ATOM   852  C  C   . LYS A 1 108 ? -8.130  -2.670  4.671   1.00 36.71  ? 147 LYS A C   1 
ATOM   853  O  O   . LYS A 1 108 ? -7.959  -3.833  4.341   1.00 37.66  ? 147 LYS A O   1 
ATOM   854  C  CB  . LYS A 1 108 ? -10.550 -2.410  4.236   1.00 36.05  ? 147 LYS A CB  1 
ATOM   855  C  CG  . LYS A 1 108 ? -11.693 -1.431  4.029   1.00 40.40  ? 147 LYS A CG  1 
ATOM   856  C  CD  . LYS A 1 108 ? -13.005 -2.117  4.113   1.00 45.04  ? 147 LYS A CD  1 
ATOM   857  C  CE  . LYS A 1 108 ? -14.164 -1.153  4.081   1.00 51.34  ? 147 LYS A CE  1 
ATOM   858  N  NZ  . LYS A 1 108 ? -15.325 -1.766  4.759   1.00 50.45  ? 147 LYS A NZ  1 
ATOM   859  N  N   . LEU A 1 109 ? -7.458  -2.099  5.654   1.00 39.38  ? 148 LEU A N   1 
ATOM   860  C  CA  . LEU A 1 109 ? -6.373  -2.819  6.361   1.00 36.12  ? 148 LEU A CA  1 
ATOM   861  C  C   . LEU A 1 109 ? -6.926  -3.328  7.679   1.00 36.83  ? 148 LEU A C   1 
ATOM   862  O  O   . LEU A 1 109 ? -7.344  -2.501  8.480   1.00 38.35  ? 148 LEU A O   1 
ATOM   863  C  CB  . LEU A 1 109 ? -5.212  -1.850  6.593   1.00 33.60  ? 148 LEU A CB  1 
ATOM   864  C  CG  . LEU A 1 109 ? -4.705  -1.167  5.332   1.00 33.67  ? 148 LEU A CG  1 
ATOM   865  C  CD1 . LEU A 1 109 ? -3.500  -0.288  5.623   1.00 36.14  ? 148 LEU A CD1 1 
ATOM   866  C  CD2 . LEU A 1 109 ? -4.395  -2.207  4.262   1.00 35.18  ? 148 LEU A CD2 1 
ATOM   867  N  N   . THR A 1 110 ? -6.869  -4.623  7.926   1.00 37.97  ? 149 THR A N   1 
ATOM   868  C  CA  . THR A 1 110 ? -7.372  -5.192  9.195   1.00 36.00  ? 149 THR A CA  1 
ATOM   869  C  C   . THR A 1 110 ? -6.224  -5.862  9.952   1.00 39.88  ? 149 THR A C   1 
ATOM   870  O  O   . THR A 1 110 ? -5.200  -6.193  9.381   1.00 33.44  ? 149 THR A O   1 
ATOM   871  C  CB  . THR A 1 110 ? -8.535  -6.156  8.946   1.00 39.20  ? 149 THR A CB  1 
ATOM   872  O  OG1 . THR A 1 110 ? -8.833  -6.760  10.209  1.00 40.18  ? 149 THR A OG1 1 
ATOM   873  C  CG2 . THR A 1 110 ? -8.215  -7.224  7.919   1.00 41.85  ? 149 THR A CG2 1 
ATOM   874  N  N   . ASN A 1 111 ? -6.436  -6.106  11.232  1.00 46.01  ? 150 ASN A N   1 
ATOM   875  C  CA  . ASN A 1 111 ? -5.497  -6.901  12.055  1.00 47.30  ? 150 ASN A CA  1 
ATOM   876  C  C   . ASN A 1 111 ? -6.165  -8.226  12.445  1.00 48.41  ? 150 ASN A C   1 
ATOM   877  O  O   . ASN A 1 111 ? -5.588  -8.912  13.277  1.00 50.07  ? 150 ASN A O   1 
ATOM   878  C  CB  . ASN A 1 111 ? -5.025  -6.085  13.256  1.00 47.27  ? 150 ASN A CB  1 
ATOM   879  C  CG  . ASN A 1 111 ? -6.151  -5.641  14.165  1.00 47.75  ? 150 ASN A CG  1 
ATOM   880  O  OD1 . ASN A 1 111 ? -5.893  -5.094  15.228  1.00 69.54  ? 150 ASN A OD1 1 
ATOM   881  N  ND2 . ASN A 1 111 ? -7.392  -5.861  13.775  1.00 57.67  ? 150 ASN A ND2 1 
ATOM   882  N  N   . LYS A 1 112 ? -7.307  -8.595  11.849  1.00 52.48  ? 151 LYS A N   1 
ATOM   883  C  CA  . LYS A 1 112 ? -8.051  -9.817  12.251  1.00 62.74  ? 151 LYS A CA  1 
ATOM   884  C  C   . LYS A 1 112 ? -8.178  -10.831 11.102  1.00 67.41  ? 151 LYS A C   1 
ATOM   885  O  O   . LYS A 1 112 ? -8.423  -10.426 9.961   1.00 63.19  ? 151 LYS A O   1 
ATOM   886  C  CB  . LYS A 1 112 ? -9.412  -9.426  12.842  1.00 68.46  ? 151 LYS A CB  1 
ATOM   887  C  CG  . LYS A 1 112 ? -9.350  -8.814  14.240  1.00 69.12  ? 151 LYS A CG  1 
ATOM   888  C  CD  . LYS A 1 112 ? -8.550  -9.647  15.225  1.00 64.71  ? 151 LYS A CD  1 
ATOM   889  C  CE  . LYS A 1 112 ? -8.466  -9.009  16.587  1.00 69.04  ? 151 LYS A CE  1 
ATOM   890  N  NZ  . LYS A 1 112 ? -7.386  -9.638  17.377  1.00 72.05  ? 151 LYS A NZ  1 
ATOM   891  N  N   . LEU A 1 113 ? -7.909  -12.103 11.431  1.00 83.89  ? 152 LEU A N   1 
ATOM   892  C  CA  . LEU A 1 113 ? -8.527  -13.329 10.852  1.00 88.08  ? 152 LEU A CA  1 
ATOM   893  C  C   . LEU A 1 113 ? -9.897  -12.966 10.259  1.00 87.43  ? 152 LEU A C   1 
ATOM   894  O  O   . LEU A 1 113 ? -10.884 -12.951 11.024  1.00 106.48 ? 152 LEU A O   1 
ATOM   895  C  CB  . LEU A 1 113 ? -8.627  -14.445 11.924  1.00 98.55  ? 152 LEU A CB  1 
ATOM   896  C  CG  . LEU A 1 113 ? -8.901  -14.154 13.425  1.00 99.22  ? 152 LEU A CG  1 
ATOM   897  C  CD1 . LEU A 1 113 ? -7.746  -13.437 14.132  1.00 93.41  ? 152 LEU A CD1 1 
ATOM   898  C  CD2 . LEU A 1 113 ? -10.226 -13.442 13.701  1.00 90.56  ? 152 LEU A CD2 1 
ATOM   899  N  N   . ASN A 1 114 ? -9.970  -12.665 8.959   1.00 83.76  ? 153 ASN A N   1 
ATOM   900  C  CA  . ASN A 1 114 ? -11.139 -11.931 8.395   1.00 88.67  ? 153 ASN A CA  1 
ATOM   901  C  C   . ASN A 1 114 ? -11.774 -12.658 7.204   1.00 88.28  ? 153 ASN A C   1 
ATOM   902  O  O   . ASN A 1 114 ? -11.166 -13.597 6.664   1.00 80.73  ? 153 ASN A O   1 
ATOM   903  C  CB  . ASN A 1 114 ? -10.772 -10.483 8.053   1.00 92.69  ? 153 ASN A CB  1 
ATOM   904  C  CG  . ASN A 1 114 ? -10.882 -9.571  9.260   1.00 93.37  ? 153 ASN A CG  1 
ATOM   905  O  OD1 . ASN A 1 114 ? -10.941 -10.047 10.392  1.00 93.64  ? 153 ASN A OD1 1 
ATOM   906  N  ND2 . ASN A 1 114 ? -10.928 -8.267  9.038   1.00 88.38  ? 153 ASN A ND2 1 
ATOM   907  N  N   . GLY A 1 115 ? -12.976 -12.199 6.840   1.00 91.84  ? 154 GLY A N   1 
ATOM   908  C  CA  . GLY A 1 115 ? -13.840 -12.751 5.779   1.00 91.15  ? 154 GLY A CA  1 
ATOM   909  C  C   . GLY A 1 115 ? -13.280 -12.518 4.384   1.00 74.47  ? 154 GLY A C   1 
ATOM   910  O  O   . GLY A 1 115 ? -12.849 -13.497 3.766   1.00 72.06  ? 154 GLY A O   1 
ATOM   911  N  N   . GLY A 1 116 ? -13.324 -11.282 3.885   1.00 67.05  ? 155 GLY A N   1 
ATOM   912  C  CA  . GLY A 1 116 ? -12.873 -10.955 2.517   1.00 68.42  ? 155 GLY A CA  1 
ATOM   913  C  C   . GLY A 1 116 ? -12.923 -9.471  2.205   1.00 63.66  ? 155 GLY A C   1 
ATOM   914  O  O   . GLY A 1 116 ? -13.467 -8.717  3.004   1.00 77.96  ? 155 GLY A O   1 
ATOM   915  N  N   . GLY A 1 117 ? -12.402 -9.066  1.048   1.00 70.43  ? 156 GLY A N   1 
ATOM   916  C  CA  . GLY A 1 117 ? -12.002 -7.673  0.773   1.00 61.70  ? 156 GLY A CA  1 
ATOM   917  C  C   . GLY A 1 117 ? -10.774 -7.323  1.606   1.00 62.06  ? 156 GLY A C   1 
ATOM   918  O  O   . GLY A 1 117 ? -9.654  -7.369  1.055   1.00 55.96  ? 156 GLY A O   1 
ATOM   919  N  N   . GLN A 1 118 ? -10.969 -7.073  2.909   1.00 58.63  ? 157 GLN A N   1 
ATOM   920  C  CA  . GLN A 1 118 ? -9.977  -6.429  3.807   1.00 47.14  ? 157 GLN A CA  1 
ATOM   921  C  C   . GLN A 1 118 ? -8.640  -7.169  3.698   1.00 45.42  ? 157 GLN A C   1 
ATOM   922  O  O   . GLN A 1 118 ? -8.640  -8.411  3.502   1.00 43.54  ? 157 GLN A O   1 
ATOM   923  C  CB  . GLN A 1 118 ? -10.399 -6.436  5.272   1.00 56.03  ? 157 GLN A CB  1 
ATOM   924  C  CG  . GLN A 1 118 ? -11.893 -6.421  5.527   1.00 68.48  ? 157 GLN A CG  1 
ATOM   925  C  CD  . GLN A 1 118 ? -12.394 -7.762  6.008   1.00 74.66  ? 157 GLN A CD  1 
ATOM   926  O  OE1 . GLN A 1 118 ? -12.950 -7.869  7.094   1.00 92.15  ? 157 GLN A OE1 1 
ATOM   927  N  NE2 . GLN A 1 118 ? -12.176 -8.801  5.221   1.00 76.62  ? 157 GLN A NE2 1 
ATOM   928  N  N   . ILE A 1 119 ? -7.538  -6.442  3.848   1.00 37.85  ? 158 ILE A N   1 
ATOM   929  C  CA  . ILE A 1 119 ? -6.168  -7.027  3.842   1.00 36.59  ? 158 ILE A CA  1 
ATOM   930  C  C   . ILE A 1 119 ? -5.671  -7.021  5.272   1.00 35.96  ? 158 ILE A C   1 
ATOM   931  O  O   . ILE A 1 119 ? -5.590  -5.951  5.855   1.00 36.58  ? 158 ILE A O   1 
ATOM   932  C  CB  . ILE A 1 119 ? -5.209  -6.276  2.900   1.00 35.52  ? 158 ILE A CB  1 
ATOM   933  C  CG1 . ILE A 1 119 ? -5.736  -6.258  1.456   1.00 33.87  ? 158 ILE A CG1 1 
ATOM   934  C  CG2 . ILE A 1 119 ? -3.807  -6.867  2.957   1.00 39.91  ? 158 ILE A CG2 1 
ATOM   935  C  CD1 . ILE A 1 119 ? -5.725  -7.598  0.777   1.00 30.28  ? 158 ILE A CD1 1 
ATOM   936  N  N   . MET A 1 120 ? -5.375  -8.200  5.802   1.00 39.68  ? 159 MET A N   1 
ATOM   937  C  CA  . MET A 1 120 ? -4.885  -8.354  7.194   1.00 43.07  ? 159 MET A CA  1 
ATOM   938  C  C   . MET A 1 120 ? -3.384  -8.090  7.154   1.00 41.61  ? 159 MET A C   1 
ATOM   939  O  O   . MET A 1 120 ? -2.721  -8.675  6.267   1.00 39.88  ? 159 MET A O   1 
ATOM   940  C  CB  . MET A 1 120 ? -5.150  -9.741  7.792   1.00 39.90  ? 159 MET A CB  1 
ATOM   941  C  CG  . MET A 1 120 ? -4.231  -10.049 8.941   1.00 49.42  ? 159 MET A CG  1 
ATOM   942  S  SD  . MET A 1 120 ? -4.692  -11.481 9.946   1.00 53.78  ? 159 MET A SD  1 
ATOM   943  C  CE  . MET A 1 120 ? -5.691  -12.447 8.809   1.00 59.54  ? 159 MET A CE  1 
ATOM   944  N  N   . LEU A 1 121 ? -2.932  -7.209  8.039   1.00 35.19  ? 160 LEU A N   1 
ATOM   945  C  CA  . LEU A 1 121 ? -1.518  -6.847  8.253   1.00 41.87  ? 160 LEU A CA  1 
ATOM   946  C  C   . LEU A 1 121 ? -1.148  -7.257  9.684   1.00 44.58  ? 160 LEU A C   1 
ATOM   947  O  O   . LEU A 1 121 ? -2.044  -7.374  10.527  1.00 49.14  ? 160 LEU A O   1 
ATOM   948  C  CB  . LEU A 1 121 ? -1.320  -5.339  8.045   1.00 38.10  ? 160 LEU A CB  1 
ATOM   949  C  CG  . LEU A 1 121 ? -1.544  -4.798  6.639   1.00 38.34  ? 160 LEU A CG  1 
ATOM   950  C  CD1 . LEU A 1 121 ? -1.044  -3.366  6.537   1.00 35.44  ? 160 LEU A CD1 1 
ATOM   951  C  CD2 . LEU A 1 121 ? -0.868  -5.689  5.603   1.00 42.77  ? 160 LEU A CD2 1 
ATOM   952  N  N   . ASN A 1 122 ? 0.142   -7.466  9.901   1.00 45.84  ? 161 ASN A N   1 
ATOM   953  C  CA  . ASN A 1 122 ? 0.782   -7.798  11.198  1.00 52.61  ? 161 ASN A CA  1 
ATOM   954  C  C   . ASN A 1 122 ? 0.980   -6.490  11.985  1.00 46.35  ? 161 ASN A C   1 
ATOM   955  O  O   . ASN A 1 122 ? 1.914   -5.737  11.612  1.00 46.54  ? 161 ASN A O   1 
ATOM   956  C  CB  . ASN A 1 122 ? 2.093   -8.537  10.887  1.00 61.33  ? 161 ASN A CB  1 
ATOM   957  C  CG  . ASN A 1 122 ? 2.434   -9.656  11.840  1.00 66.69  ? 161 ASN A CG  1 
ATOM   958  O  OD1 . ASN A 1 122 ? 1.941   -9.682  12.964  1.00 69.64  ? 161 ASN A OD1 1 
ATOM   959  N  ND2 . ASN A 1 122 ? 3.298   -10.561 11.392  1.00 70.44  ? 161 ASN A ND2 1 
ATOM   960  N  N   . SER A 1 123 ? 0.110   -6.200  12.964  1.00 37.49  ? 162 SER A N   1 
ATOM   961  C  CA  . SER A 1 123 ? 0.202   -5.062  13.922  1.00 42.83  ? 162 SER A CA  1 
ATOM   962  C  C   . SER A 1 123 ? 1.656   -4.711  14.269  1.00 41.14  ? 162 SER A C   1 
ATOM   963  O  O   . SER A 1 123 ? 2.399   -5.598  14.633  1.00 43.57  ? 162 SER A O   1 
ATOM   964  C  CB  . SER A 1 123 ? -0.532  -5.367  15.191  1.00 45.59  ? 162 SER A CB  1 
ATOM   965  O  OG  . SER A 1 123 ? -1.656  -4.515  15.297  1.00 57.99  ? 162 SER A OG  1 
ATOM   966  N  N   . LEU A 1 124 ? 2.048   -3.452  14.165  1.00 41.34  ? 163 LEU A N   1 
ATOM   967  C  CA  . LEU A 1 124 ? 3.347   -2.972  14.701  1.00 47.69  ? 163 LEU A CA  1 
ATOM   968  C  C   . LEU A 1 124 ? 4.523   -3.510  13.874  1.00 49.65  ? 163 LEU A C   1 
ATOM   969  O  O   . LEU A 1 124 ? 5.689   -3.406  14.338  1.00 39.51  ? 163 LEU A O   1 
ATOM   970  C  CB  . LEU A 1 124 ? 3.452   -3.408  16.165  1.00 44.76  ? 163 LEU A CB  1 
ATOM   971  C  CG  . LEU A 1 124 ? 2.500   -2.682  17.114  1.00 50.56  ? 163 LEU A CG  1 
ATOM   972  C  CD1 . LEU A 1 124 ? 2.597   -3.268  18.521  1.00 51.24  ? 163 LEU A CD1 1 
ATOM   973  C  CD2 . LEU A 1 124 ? 2.798   -1.186  17.150  1.00 48.82  ? 163 LEU A CD2 1 
ATOM   974  N  N   . HIS A 1 125 ? 4.244   -4.041  12.681  1.00 45.31  ? 164 HIS A N   1 
ATOM   975  C  CA  . HIS A 1 125 ? 5.275   -4.293  11.653  1.00 39.56  ? 164 HIS A CA  1 
ATOM   976  C  C   . HIS A 1 125 ? 5.176   -3.156  10.664  1.00 38.55  ? 164 HIS A C   1 
ATOM   977  O  O   . HIS A 1 125 ? 4.102   -2.534  10.608  1.00 37.97  ? 164 HIS A O   1 
ATOM   978  C  CB  . HIS A 1 125 ? 5.124   -5.670  11.026  1.00 42.55  ? 164 HIS A CB  1 
ATOM   979  C  CG  . HIS A 1 125 ? 5.513   -6.761  11.968  1.00 52.52  ? 164 HIS A CG  1 
ATOM   980  N  ND1 . HIS A 1 125 ? 4.776   -7.063  13.094  1.00 59.14  ? 164 HIS A ND1 1 
ATOM   981  C  CD2 . HIS A 1 125 ? 6.559   -7.613  11.978  1.00 58.54  ? 164 HIS A CD2 1 
ATOM   982  C  CE1 . HIS A 1 125 ? 5.331   -8.071  13.737  1.00 52.28  ? 164 HIS A CE1 1 
ATOM   983  N  NE2 . HIS A 1 125 ? 6.426   -8.418  13.085  1.00 55.07  ? 164 HIS A NE2 1 
ATOM   984  N  N   . LYS A 1 126 ? 6.286   -2.886  9.976   1.00 37.82  ? 165 LYS A N   1 
ATOM   985  C  CA  . LYS A 1 126 ? 6.413   -1.819  8.957   1.00 34.70  ? 165 LYS A CA  1 
ATOM   986  C  C   . LYS A 1 126 ? 6.234   -2.428  7.565   1.00 36.10  ? 165 LYS A C   1 
ATOM   987  O  O   . LYS A 1 126 ? 6.745   -3.525  7.289   1.00 40.30  ? 165 LYS A O   1 
ATOM   988  C  CB  . LYS A 1 126 ? 7.779   -1.166  9.106   1.00 37.80  ? 165 LYS A CB  1 
ATOM   989  C  CG  . LYS A 1 126 ? 8.087   -0.111  8.060   1.00 37.74  ? 165 LYS A CG  1 
ATOM   990  C  CD  . LYS A 1 126 ? 9.422   0.512   8.277   1.00 36.31  ? 165 LYS A CD  1 
ATOM   991  C  CE  . LYS A 1 126 ? 9.524   1.219   9.602   1.00 35.96  ? 165 LYS A CE  1 
ATOM   992  N  NZ  . LYS A 1 126 ? 10.265  2.491   9.415   1.00 36.90  ? 165 LYS A NZ  1 
ATOM   993  N  N   . TYR A 1 127 ? 5.545   -1.725  6.687   1.00 36.56  ? 166 TYR A N   1 
ATOM   994  C  CA  . TYR A 1 127 ? 5.119   -2.260  5.377   1.00 30.39  ? 166 TYR A CA  1 
ATOM   995  C  C   . TYR A 1 127 ? 5.476   -1.250  4.298   1.00 34.62  ? 166 TYR A C   1 
ATOM   996  O  O   . TYR A 1 127 ? 5.347   -0.007  4.515   1.00 30.30  ? 166 TYR A O   1 
ATOM   997  C  CB  . TYR A 1 127 ? 3.640   -2.622  5.395   1.00 30.58  ? 166 TYR A CB  1 
ATOM   998  C  CG  . TYR A 1 127 ? 3.331   -3.847  6.211   1.00 32.83  ? 166 TYR A CG  1 
ATOM   999  C  CD1 . TYR A 1 127 ? 3.550   -5.103  5.663   1.00 28.02  ? 166 TYR A CD1 1 
ATOM   1000 C  CD2 . TYR A 1 127 ? 2.839   -3.781  7.518   1.00 33.88  ? 166 TYR A CD2 1 
ATOM   1001 C  CE1 . TYR A 1 127 ? 3.276   -6.263  6.375   1.00 30.33  ? 166 TYR A CE1 1 
ATOM   1002 C  CE2 . TYR A 1 127 ? 2.523   -4.939  8.233   1.00 32.24  ? 166 TYR A CE2 1 
ATOM   1003 C  CZ  . TYR A 1 127 ? 2.753   -6.183  7.660   1.00 33.41  ? 166 TYR A CZ  1 
ATOM   1004 O  OH  . TYR A 1 127 ? 2.493   -7.356  8.315   1.00 35.96  ? 166 TYR A OH  1 
ATOM   1005 N  N   . GLU A 1 128 ? 5.998   -1.811  3.203   1.00 33.49  ? 167 GLU A N   1 
ATOM   1006 C  CA  . GLU A 1 128 ? 6.166   -1.148  1.882   1.00 36.77  ? 167 GLU A CA  1 
ATOM   1007 C  C   . GLU A 1 128 ? 5.030   -1.562  0.947   1.00 34.43  ? 167 GLU A C   1 
ATOM   1008 O  O   . GLU A 1 128 ? 4.914   -2.729  0.583   1.00 29.77  ? 167 GLU A O   1 
ATOM   1009 C  CB  . GLU A 1 128 ? 7.485   -1.611  1.260   1.00 31.99  ? 167 GLU A CB  1 
ATOM   1010 C  CG  . GLU A 1 128 ? 7.767   -0.904  -0.001  1.00 31.81  ? 167 GLU A CG  1 
ATOM   1011 C  CD  . GLU A 1 128 ? 9.253   -0.746  -0.208  1.00 36.00  ? 167 GLU A CD  1 
ATOM   1012 O  OE1 . GLU A 1 128 ? 9.908   -1.754  -0.624  1.00 31.60  ? 167 GLU A OE1 1 
ATOM   1013 O  OE2 . GLU A 1 128 ? 9.732   0.348   0.109   1.00 31.44  ? 167 GLU A OE2 1 
ATOM   1014 N  N   . PRO A 1 129 ? 4.111   -0.647  0.577   1.00 37.28  ? 168 PRO A N   1 
ATOM   1015 C  CA  . PRO A 1 129 ? 3.107   -0.980  -0.437  1.00 35.89  ? 168 PRO A CA  1 
ATOM   1016 C  C   . PRO A 1 129 ? 3.795   -1.346  -1.754  1.00 36.62  ? 168 PRO A C   1 
ATOM   1017 O  O   . PRO A 1 129 ? 4.859   -0.832  -2.068  1.00 36.24  ? 168 PRO A O   1 
ATOM   1018 C  CB  . PRO A 1 129 ? 2.238   0.282   -0.515  1.00 37.58  ? 168 PRO A CB  1 
ATOM   1019 C  CG  . PRO A 1 129 ? 2.393   0.889   0.881   1.00 38.36  ? 168 PRO A CG  1 
ATOM   1020 C  CD  . PRO A 1 129 ? 3.858   0.648   1.224   1.00 37.91  ? 168 PRO A CD  1 
ATOM   1021 N  N   . ARG A 1 130 ? 3.142   -2.192  -2.536  1.00 34.77  ? 169 ARG A N   1 
ATOM   1022 C  CA  . ARG A 1 130 ? 3.726   -2.725  -3.796  1.00 32.77  ? 169 ARG A CA  1 
ATOM   1023 C  C   . ARG A 1 130 ? 2.561   -3.068  -4.731  1.00 32.98  ? 169 ARG A C   1 
ATOM   1024 O  O   . ARG A 1 130 ? 1.543   -3.542  -4.225  1.00 38.16  ? 169 ARG A O   1 
ATOM   1025 C  CB  . ARG A 1 130 ? 4.571   -3.955  -3.441  1.00 27.28  ? 169 ARG A CB  1 
ATOM   1026 C  CG  . ARG A 1 130 ? 5.363   -4.542  -4.591  1.00 27.81  ? 169 ARG A CG  1 
ATOM   1027 C  CD  . ARG A 1 130 ? 6.208   -5.677  -4.107  1.00 30.25  ? 169 ARG A CD  1 
ATOM   1028 N  NE  . ARG A 1 130 ? 5.447   -6.812  -3.578  1.00 33.20  ? 169 ARG A NE  1 
ATOM   1029 C  CZ  . ARG A 1 130 ? 5.931   -8.039  -3.392  1.00 33.50  ? 169 ARG A CZ  1 
ATOM   1030 N  NH1 . ARG A 1 130 ? 7.199   -8.311  -3.645  1.00 32.84  ? 169 ARG A NH1 1 
ATOM   1031 N  NH2 . ARG A 1 130 ? 5.135   -9.002  -2.957  1.00 34.46  ? 169 ARG A NH2 1 
ATOM   1032 N  N   . ILE A 1 131 ? 2.675   -2.810  -6.030  1.00 33.55  ? 170 ILE A N   1 
ATOM   1033 C  CA  . ILE A 1 131 ? 1.611   -3.203  -7.002  1.00 38.91  ? 170 ILE A CA  1 
ATOM   1034 C  C   . ILE A 1 131 ? 2.230   -4.130  -8.036  1.00 40.41  ? 170 ILE A C   1 
ATOM   1035 O  O   . ILE A 1 131 ? 3.453   -3.992  -8.326  1.00 35.58  ? 170 ILE A O   1 
ATOM   1036 C  CB  . ILE A 1 131 ? 0.907   -2.001  -7.653  1.00 40.41  ? 170 ILE A CB  1 
ATOM   1037 C  CG1 . ILE A 1 131 ? 1.846   -1.229  -8.586  1.00 43.96  ? 170 ILE A CG1 1 
ATOM   1038 C  CG2 . ILE A 1 131 ? 0.290   -1.083  -6.596  1.00 37.04  ? 170 ILE A CG2 1 
ATOM   1039 C  CD1 . ILE A 1 131 ? 1.147   -0.133  -9.361  1.00 45.54  ? 170 ILE A CD1 1 
ATOM   1040 N  N   . HIS A 1 132 ? 1.413   -5.080  -8.476  1.00 37.87  ? 171 HIS A N   1 
ATOM   1041 C  CA  . HIS A 1 132 ? 1.670   -5.974  -9.625  1.00 37.74  ? 171 HIS A CA  1 
ATOM   1042 C  C   . HIS A 1 132 ? 0.699   -5.624  -10.760 1.00 35.32  ? 171 HIS A C   1 
ATOM   1043 O  O   . HIS A 1 132 ? -0.535  -5.824  -10.615 1.00 33.84  ? 171 HIS A O   1 
ATOM   1044 C  CB  . HIS A 1 132 ? 1.534   -7.420  -9.159  1.00 41.88  ? 171 HIS A CB  1 
ATOM   1045 C  CG  . HIS A 1 132 ? 2.222   -7.700  -7.872  1.00 43.49  ? 171 HIS A CG  1 
ATOM   1046 N  ND1 . HIS A 1 132 ? 3.574   -7.992  -7.814  1.00 40.54  ? 171 HIS A ND1 1 
ATOM   1047 C  CD2 . HIS A 1 132 ? 1.755   -7.742  -6.601  1.00 42.09  ? 171 HIS A CD2 1 
ATOM   1048 C  CE1 . HIS A 1 132 ? 3.906   -8.206  -6.549  1.00 41.02  ? 171 HIS A CE1 1 
ATOM   1049 N  NE2 . HIS A 1 132 ? 2.806   -8.063  -5.782  1.00 38.78  ? 171 HIS A NE2 1 
ATOM   1050 N  N   . ILE A 1 133 ? 1.208   -5.075  -11.845 1.00 35.27  ? 172 ILE A N   1 
ATOM   1051 C  CA  . ILE A 1 133 ? 0.423   -4.983  -13.108 1.00 36.24  ? 172 ILE A CA  1 
ATOM   1052 C  C   . ILE A 1 133 ? 0.540   -6.333  -13.830 1.00 34.48  ? 172 ILE A C   1 
ATOM   1053 O  O   . ILE A 1 133 ? 1.652   -6.641  -14.326 1.00 32.49  ? 172 ILE A O   1 
ATOM   1054 C  CB  . ILE A 1 133 ? 0.870   -3.793  -13.960 1.00 37.67  ? 172 ILE A CB  1 
ATOM   1055 C  CG1 . ILE A 1 133 ? 0.858   -2.504  -13.142 1.00 39.77  ? 172 ILE A CG1 1 
ATOM   1056 C  CG2 . ILE A 1 133 ? -0.016  -3.669  -15.190 1.00 42.64  ? 172 ILE A CG2 1 
ATOM   1057 C  CD1 . ILE A 1 133 ? 1.607   -1.375  -13.759 1.00 35.94  ? 172 ILE A CD1 1 
ATOM   1058 N  N   . VAL A 1 134 ? -0.560  -7.109  -13.834 1.00 33.69  ? 173 VAL A N   1 
ATOM   1059 C  CA  . VAL A 1 134 ? -0.669  -8.462  -14.470 1.00 38.13  ? 173 VAL A CA  1 
ATOM   1060 C  C   . VAL A 1 134 ? -1.357  -8.316  -15.844 1.00 40.90  ? 173 VAL A C   1 
ATOM   1061 O  O   . VAL A 1 134 ? -2.605  -8.185  -15.905 1.00 40.56  ? 173 VAL A O   1 
ATOM   1062 C  CB  . VAL A 1 134 ? -1.402  -9.490  -13.572 1.00 40.67  ? 173 VAL A CB  1 
ATOM   1063 C  CG1 . VAL A 1 134 ? -1.513  -10.852 -14.226 1.00 44.95  ? 173 VAL A CG1 1 
ATOM   1064 C  CG2 . VAL A 1 134 ? -0.772  -9.668  -12.190 1.00 45.31  ? 173 VAL A CG2 1 
ATOM   1065 N  N   . ARG A 1 135 ? -0.586  -8.423  -16.924 1.00 44.41  ? 174 ARG A N   1 
ATOM   1066 C  CA  . ARG A 1 135 ? -1.141  -8.548  -18.303 1.00 52.87  ? 174 ARG A CA  1 
ATOM   1067 C  C   . ARG A 1 135 ? -1.854  -9.899  -18.462 1.00 48.51  ? 174 ARG A C   1 
ATOM   1068 O  O   . ARG A 1 135 ? -1.181  -10.937 -18.361 1.00 46.04  ? 174 ARG A O   1 
ATOM   1069 C  CB  . ARG A 1 135 ? -0.036  -8.442  -19.349 1.00 58.68  ? 174 ARG A CB  1 
ATOM   1070 C  CG  . ARG A 1 135 ? -0.538  -8.700  -20.759 1.00 65.72  ? 174 ARG A CG  1 
ATOM   1071 C  CD  . ARG A 1 135 ? 0.370   -8.034  -21.751 1.00 66.46  ? 174 ARG A CD  1 
ATOM   1072 N  NE  . ARG A 1 135 ? -0.132  -8.246  -23.090 1.00 73.65  ? 174 ARG A NE  1 
ATOM   1073 C  CZ  . ARG A 1 135 ? 0.357   -7.655  -24.171 1.00 73.31  ? 174 ARG A CZ  1 
ATOM   1074 N  NH1 . ARG A 1 135 ? 1.380   -6.822  -24.074 1.00 79.57  ? 174 ARG A NH1 1 
ATOM   1075 N  NH2 . ARG A 1 135 ? -0.173  -7.910  -25.351 1.00 74.34  ? 174 ARG A NH2 1 
ATOM   1076 N  N   . VAL A 1 136 ? -3.154  -9.871  -18.743 1.00 52.22  ? 175 VAL A N   1 
ATOM   1077 C  CA  . VAL A 1 136 ? -4.053  -11.064 -18.793 1.00 56.26  ? 175 VAL A CA  1 
ATOM   1078 C  C   . VAL A 1 136 ? -4.574  -11.251 -20.230 1.00 62.61  ? 175 VAL A C   1 
ATOM   1079 O  O   . VAL A 1 136 ? -4.241  -10.435 -21.098 1.00 65.51  ? 175 VAL A O   1 
ATOM   1080 C  CB  . VAL A 1 136 ? -5.197  -10.883 -17.771 1.00 57.51  ? 175 VAL A CB  1 
ATOM   1081 C  CG1 . VAL A 1 136 ? -4.742  -11.174 -16.344 1.00 55.47  ? 175 VAL A CG1 1 
ATOM   1082 C  CG2 . VAL A 1 136 ? -5.813  -9.493  -17.846 1.00 52.03  ? 175 VAL A CG2 1 
ATOM   1083 N  N   . GLY A 1 137 ? -5.328  -12.318 -20.497 1.00 76.20  ? 176 GLY A N   1 
ATOM   1084 C  CA  . GLY A 1 137 ? -6.099  -12.480 -21.749 1.00 86.54  ? 176 GLY A CA  1 
ATOM   1085 C  C   . GLY A 1 137 ? -5.223  -12.870 -22.924 1.00 98.56  ? 176 GLY A C   1 
ATOM   1086 O  O   . GLY A 1 137 ? -5.608  -13.801 -23.665 1.00 106.03 ? 176 GLY A O   1 
ATOM   1087 N  N   . GLY A 1 138 ? -4.109  -12.154 -23.115 1.00 105.19 ? 177 GLY A N   1 
ATOM   1088 C  CA  . GLY A 1 138 ? -3.041  -12.507 -24.068 1.00 98.93  ? 177 GLY A CA  1 
ATOM   1089 C  C   . GLY A 1 138 ? -2.615  -13.961 -23.895 1.00 93.93  ? 177 GLY A C   1 
ATOM   1090 O  O   . GLY A 1 138 ? -2.887  -14.582 -22.864 1.00 83.71  ? 177 GLY A O   1 
ATOM   1091 N  N   . PRO A 1 139 ? -1.969  -14.555 -24.920 1.00 101.32 ? 178 PRO A N   1 
ATOM   1092 C  CA  . PRO A 1 139 ? -1.489  -15.934 -24.822 1.00 99.97  ? 178 PRO A CA  1 
ATOM   1093 C  C   . PRO A 1 139 ? -0.415  -16.058 -23.729 1.00 101.42 ? 178 PRO A C   1 
ATOM   1094 O  O   . PRO A 1 139 ? -0.497  -17.001 -22.951 1.00 90.82  ? 178 PRO A O   1 
ATOM   1095 C  CB  . PRO A 1 139 ? -0.945  -16.245 -26.225 1.00 98.33  ? 178 PRO A CB  1 
ATOM   1096 C  CG  . PRO A 1 139 ? -0.671  -14.882 -26.844 1.00 100.46 ? 178 PRO A CG  1 
ATOM   1097 C  CD  . PRO A 1 139 ? -1.680  -13.939 -26.224 1.00 103.45 ? 178 PRO A CD  1 
ATOM   1098 N  N   . GLN A 1 140 ? 0.531   -15.106 -23.683 1.00 98.34  ? 179 GLN A N   1 
ATOM   1099 C  CA  . GLN A 1 140 ? 1.579   -15.010 -22.626 1.00 94.40  ? 179 GLN A CA  1 
ATOM   1100 C  C   . GLN A 1 140 ? 1.075   -14.075 -21.514 1.00 76.90  ? 179 GLN A C   1 
ATOM   1101 O  O   . GLN A 1 140 ? 0.954   -12.852 -21.750 1.00 68.02  ? 179 GLN A O   1 
ATOM   1102 C  CB  . GLN A 1 140 ? 2.952   -14.578 -23.177 1.00 94.52  ? 179 GLN A CB  1 
ATOM   1103 C  CG  . GLN A 1 140 ? 2.941   -13.369 -24.113 1.00 99.91  ? 179 GLN A CG  1 
ATOM   1104 C  CD  . GLN A 1 140 ? 4.234   -12.573 -24.126 1.00 107.92 ? 179 GLN A CD  1 
ATOM   1105 O  OE1 . GLN A 1 140 ? 4.842   -12.315 -23.085 1.00 102.93 ? 179 GLN A OE1 1 
ATOM   1106 N  NE2 . GLN A 1 140 ? 4.659   -12.146 -25.312 1.00 92.19  ? 179 GLN A NE2 1 
ATOM   1107 N  N   . ARG A 1 141 ? 0.788   -14.642 -20.341 1.00 65.21  ? 180 ARG A N   1 
ATOM   1108 C  CA  . ARG A 1 141 ? 0.677   -13.876 -19.072 1.00 65.46  ? 180 ARG A CA  1 
ATOM   1109 C  C   . ARG A 1 141 ? 2.031   -13.196 -18.799 1.00 60.81  ? 180 ARG A C   1 
ATOM   1110 O  O   . ARG A 1 141 ? 3.063   -13.851 -19.021 1.00 64.82  ? 180 ARG A O   1 
ATOM   1111 C  CB  . ARG A 1 141 ? 0.252   -14.786 -17.915 1.00 66.68  ? 180 ARG A CB  1 
ATOM   1112 C  CG  . ARG A 1 141 ? 0.345   -14.103 -16.559 1.00 77.22  ? 180 ARG A CG  1 
ATOM   1113 C  CD  . ARG A 1 141 ? -0.046  -14.957 -15.372 1.00 83.04  ? 180 ARG A CD  1 
ATOM   1114 N  NE  . ARG A 1 141 ? -1.461  -14.794 -15.083 1.00 92.99  ? 180 ARG A NE  1 
ATOM   1115 C  CZ  . ARG A 1 141 ? -2.050  -15.159 -13.955 1.00 96.19  ? 180 ARG A CZ  1 
ATOM   1116 N  NH1 . ARG A 1 141 ? -3.352  -14.965 -13.821 1.00 101.32 ? 180 ARG A NH1 1 
ATOM   1117 N  NH2 . ARG A 1 141 ? -1.355  -15.726 -12.980 1.00 93.32  ? 180 ARG A NH2 1 
ATOM   1118 N  N   . MET A 1 142 ? 2.023   -11.925 -18.366 1.00 58.30  ? 181 MET A N   1 
ATOM   1119 C  CA  . MET A 1 142 ? 3.225   -11.157 -17.920 1.00 51.78  ? 181 MET A CA  1 
ATOM   1120 C  C   . MET A 1 142 ? 2.957   -10.410 -16.599 1.00 45.22  ? 181 MET A C   1 
ATOM   1121 O  O   . MET A 1 142 ? 1.814   -9.972  -16.403 1.00 42.12  ? 181 MET A O   1 
ATOM   1122 C  CB  . MET A 1 142 ? 3.648   -10.140 -18.981 1.00 48.68  ? 181 MET A CB  1 
ATOM   1123 C  CG  . MET A 1 142 ? 4.916   -9.392  -18.621 1.00 48.03  ? 181 MET A CG  1 
ATOM   1124 S  SD  . MET A 1 142 ? 6.311   -10.470 -18.117 1.00 47.78  ? 181 MET A SD  1 
ATOM   1125 C  CE  . MET A 1 142 ? 7.617   -9.232  -18.126 1.00 47.29  ? 181 MET A CE  1 
ATOM   1126 N  N   . ILE A 1 143 ? 3.991   -10.243 -15.749 1.00 42.43  ? 182 ILE A N   1 
ATOM   1127 C  CA  . ILE A 1 143 ? 3.945   -9.401  -14.517 1.00 41.61  ? 182 ILE A CA  1 
ATOM   1128 C  C   . ILE A 1 143 ? 5.085   -8.357  -14.502 1.00 43.31  ? 182 ILE A C   1 
ATOM   1129 O  O   . ILE A 1 143 ? 6.275   -8.692  -14.810 1.00 35.18  ? 182 ILE A O   1 
ATOM   1130 C  CB  . ILE A 1 143 ? 3.957   -10.292 -13.267 1.00 46.23  ? 182 ILE A CB  1 
ATOM   1131 C  CG1 . ILE A 1 143 ? 2.653   -11.086 -13.142 1.00 42.24  ? 182 ILE A CG1 1 
ATOM   1132 C  CG2 . ILE A 1 143 ? 4.243   -9.484  -12.010 1.00 41.70  ? 182 ILE A CG2 1 
ATOM   1133 C  CD1 . ILE A 1 143 ? 2.791   -12.333 -12.328 1.00 40.40  ? 182 ILE A CD1 1 
ATOM   1134 N  N   . THR A 1 144 ? 4.718   -7.112  -14.185 1.00 43.37  ? 183 THR A N   1 
ATOM   1135 C  CA  . THR A 1 144 ? 5.635   -6.010  -13.778 1.00 43.74  ? 183 THR A CA  1 
ATOM   1136 C  C   . THR A 1 144 ? 5.217   -5.578  -12.358 1.00 42.12  ? 183 THR A C   1 
ATOM   1137 O  O   . THR A 1 144 ? 4.005   -5.307  -12.145 1.00 39.71  ? 183 THR A O   1 
ATOM   1138 C  CB  . THR A 1 144 ? 5.660   -4.889  -14.826 1.00 44.65  ? 183 THR A CB  1 
ATOM   1139 O  OG1 . THR A 1 144 ? 4.313   -4.468  -14.997 1.00 53.90  ? 183 THR A OG1 1 
ATOM   1140 C  CG2 . THR A 1 144 ? 6.203   -5.306  -16.178 1.00 42.63  ? 183 THR A CG2 1 
ATOM   1141 N  N   . SER A 1 145 ? 6.158   -5.606  -11.407 1.00 35.30  ? 184 SER A N   1 
ATOM   1142 C  CA  . SER A 1 145 ? 5.956   -5.198  -9.994  1.00 31.56  ? 184 SER A CA  1 
ATOM   1143 C  C   . SER A 1 145 ? 6.598   -3.832  -9.747  1.00 31.02  ? 184 SER A C   1 
ATOM   1144 O  O   . SER A 1 145 ? 7.558   -3.481  -10.437 1.00 37.22  ? 184 SER A O   1 
ATOM   1145 C  CB  . SER A 1 145 ? 6.418   -6.239  -9.051  1.00 34.33  ? 184 SER A CB  1 
ATOM   1146 O  OG  . SER A 1 145 ? 5.659   -7.447  -9.237  1.00 39.64  ? 184 SER A OG  1 
ATOM   1147 N  N   . HIS A 1 146 ? 6.006   -3.034  -8.866  1.00 33.14  ? 185 HIS A N   1 
ATOM   1148 C  CA  . HIS A 1 146 ? 6.570   -1.738  -8.420  1.00 35.44  ? 185 HIS A CA  1 
ATOM   1149 C  C   . HIS A 1 146 ? 6.333   -1.575  -6.914  1.00 35.69  ? 185 HIS A C   1 
ATOM   1150 O  O   . HIS A 1 146 ? 5.161   -1.682  -6.467  1.00 38.49  ? 185 HIS A O   1 
ATOM   1151 C  CB  . HIS A 1 146 ? 6.011   -0.579  -9.254  1.00 32.01  ? 185 HIS A CB  1 
ATOM   1152 C  CG  . HIS A 1 146 ? 6.888   0.627   -9.203  1.00 38.16  ? 185 HIS A CG  1 
ATOM   1153 N  ND1 . HIS A 1 146 ? 6.786   1.570   -8.177  1.00 39.67  ? 185 HIS A ND1 1 
ATOM   1154 C  CD2 . HIS A 1 146 ? 7.883   1.055   -10.024 1.00 38.09  ? 185 HIS A CD2 1 
ATOM   1155 C  CE1 . HIS A 1 146 ? 7.695   2.519   -8.356  1.00 36.70  ? 185 HIS A CE1 1 
ATOM   1156 N  NE2 . HIS A 1 146 ? 8.391   2.219   -9.471  1.00 39.99  ? 185 HIS A NE2 1 
ATOM   1157 N  N   A CYS A 1 147 ? 7.403   -1.304  -6.154  0.50 31.89  ? 186 CYS A N   1 
ATOM   1158 N  N   B CYS A 1 147 ? 7.388   -1.280  -6.158  0.50 30.79  ? 186 CYS A N   1 
ATOM   1159 C  CA  A CYS A 1 147 ? 7.343   -0.955  -4.704  0.50 31.11  ? 186 CYS A CA  1 
ATOM   1160 C  CA  B CYS A 1 147 ? 7.299   -0.946  -4.713  0.50 29.32  ? 186 CYS A CA  1 
ATOM   1161 C  C   A CYS A 1 147 ? 7.409   0.565   -4.563  0.50 27.69  ? 186 CYS A C   1 
ATOM   1162 C  C   B CYS A 1 147 ? 7.400   0.567   -4.564  0.50 26.85  ? 186 CYS A C   1 
ATOM   1163 O  O   A CYS A 1 147 ? 7.895   1.224   -5.498  0.50 30.02  ? 186 CYS A O   1 
ATOM   1164 O  O   B CYS A 1 147 ? 7.891   1.222   -5.498  0.50 29.28  ? 186 CYS A O   1 
ATOM   1165 C  CB  A CYS A 1 147 ? 8.454   -1.600  -3.871  0.50 31.39  ? 186 CYS A CB  1 
ATOM   1166 C  CB  B CYS A 1 147 ? 8.393   -1.645  -3.913  0.50 28.56  ? 186 CYS A CB  1 
ATOM   1167 S  SG  A CYS A 1 147 ? 9.085   -3.164  -4.534  0.50 26.45  ? 186 CYS A SG  1 
ATOM   1168 S  SG  B CYS A 1 147 ? 10.020  -1.322  -4.639  0.50 22.05  ? 186 CYS A SG  1 
ATOM   1169 N  N   . PHE A 1 148 ? 6.926   1.088   -3.436  1.00 30.20  ? 187 PHE A N   1 
ATOM   1170 C  CA  . PHE A 1 148 ? 6.773   2.539   -3.169  1.00 33.92  ? 187 PHE A CA  1 
ATOM   1171 C  C   . PHE A 1 148 ? 7.344   2.867   -1.793  1.00 37.05  ? 187 PHE A C   1 
ATOM   1172 O  O   . PHE A 1 148 ? 6.605   2.883   -0.792  1.00 31.61  ? 187 PHE A O   1 
ATOM   1173 C  CB  . PHE A 1 148 ? 5.292   2.926   -3.231  1.00 41.16  ? 187 PHE A CB  1 
ATOM   1174 C  CG  . PHE A 1 148 ? 4.650   2.713   -4.578  1.00 44.21  ? 187 PHE A CG  1 
ATOM   1175 C  CD1 . PHE A 1 148 ? 4.634   3.724   -5.519  1.00 46.91  ? 187 PHE A CD1 1 
ATOM   1176 C  CD2 . PHE A 1 148 ? 4.057   1.505   -4.900  1.00 46.75  ? 187 PHE A CD2 1 
ATOM   1177 C  CE1 . PHE A 1 148 ? 4.048   3.529   -6.764  1.00 50.58  ? 187 PHE A CE1 1 
ATOM   1178 C  CE2 . PHE A 1 148 ? 3.442   1.317   -6.133  1.00 50.68  ? 187 PHE A CE2 1 
ATOM   1179 C  CZ  . PHE A 1 148 ? 3.435   2.331   -7.063  1.00 52.77  ? 187 PHE A CZ  1 
ATOM   1180 N  N   . PRO A 1 149 ? 8.668   3.155   -1.709  1.00 37.82  ? 188 PRO A N   1 
ATOM   1181 C  CA  . PRO A 1 149 ? 9.309   3.515   -0.431  1.00 36.41  ? 188 PRO A CA  1 
ATOM   1182 C  C   . PRO A 1 149 ? 8.630   4.734   0.228   1.00 37.84  ? 188 PRO A C   1 
ATOM   1183 O  O   . PRO A 1 149 ? 8.542   4.815   1.424   1.00 33.29  ? 188 PRO A O   1 
ATOM   1184 C  CB  . PRO A 1 149 ? 10.779  3.859   -0.784  1.00 35.03  ? 188 PRO A CB  1 
ATOM   1185 C  CG  . PRO A 1 149 ? 10.989  3.451   -2.235  1.00 34.44  ? 188 PRO A CG  1 
ATOM   1186 C  CD  . PRO A 1 149 ? 9.620   3.140   -2.838  1.00 37.37  ? 188 PRO A CD  1 
ATOM   1187 N  N   . GLU A 1 150 ? 8.156   5.687   -0.572  1.00 38.23  ? 189 GLU A N   1 
ATOM   1188 C  CA  . GLU A 1 150 ? 7.607   6.967   -0.032  1.00 39.69  ? 189 GLU A CA  1 
ATOM   1189 C  C   . GLU A 1 150 ? 6.347   6.677   0.832   1.00 37.28  ? 189 GLU A C   1 
ATOM   1190 O  O   . GLU A 1 150 ? 6.042   7.477   1.729   1.00 40.25  ? 189 GLU A O   1 
ATOM   1191 C  CB  . GLU A 1 150 ? 7.329   7.900   -1.211  1.00 43.06  ? 189 GLU A CB  1 
ATOM   1192 C  CG  . GLU A 1 150 ? 8.369   7.852   -2.326  1.00 43.04  ? 189 GLU A CG  1 
ATOM   1193 C  CD  . GLU A 1 150 ? 8.038   7.137   -3.652  1.00 43.34  ? 189 GLU A CD  1 
ATOM   1194 O  OE1 . GLU A 1 150 ? 8.279   7.780   -4.693  1.00 57.43  ? 189 GLU A OE1 1 
ATOM   1195 O  OE2 . GLU A 1 150 ? 7.620   5.942   -3.686  1.00 34.45  ? 189 GLU A OE2 1 
ATOM   1196 N  N   . THR A 1 151 ? 5.672   5.540   0.606   1.00 33.32  ? 190 THR A N   1 
ATOM   1197 C  CA  . THR A 1 151 ? 4.371   5.164   1.217   1.00 31.87  ? 190 THR A CA  1 
ATOM   1198 C  C   . THR A 1 151 ? 4.562   4.169   2.367   1.00 29.92  ? 190 THR A C   1 
ATOM   1199 O  O   . THR A 1 151 ? 3.564   3.679   2.857   1.00 32.04  ? 190 THR A O   1 
ATOM   1200 C  CB  . THR A 1 151 ? 3.403   4.621   0.153   1.00 30.60  ? 190 THR A CB  1 
ATOM   1201 O  OG1 . THR A 1 151 ? 3.863   3.374   -0.365  1.00 34.00  ? 190 THR A OG1 1 
ATOM   1202 C  CG2 . THR A 1 151 ? 3.220   5.535   -1.030  1.00 32.48  ? 190 THR A CG2 1 
ATOM   1203 N  N   . GLN A 1 152 ? 5.790   3.881   2.794   1.00 31.26  ? 191 GLN A N   1 
ATOM   1204 C  CA  . GLN A 1 152 ? 6.055   3.049   3.991   1.00 30.02  ? 191 GLN A CA  1 
ATOM   1205 C  C   . GLN A 1 152 ? 5.254   3.572   5.198   1.00 30.10  ? 191 GLN A C   1 
ATOM   1206 O  O   . GLN A 1 152 ? 5.153   4.804   5.425   1.00 26.79  ? 191 GLN A O   1 
ATOM   1207 C  CB  . GLN A 1 152 ? 7.537   3.053   4.338   1.00 32.15  ? 191 GLN A CB  1 
ATOM   1208 C  CG  . GLN A 1 152 ? 8.368   2.302   3.307   1.00 41.45  ? 191 GLN A CG  1 
ATOM   1209 C  CD  . GLN A 1 152 ? 9.767   1.998   3.767   1.00 39.65  ? 191 GLN A CD  1 
ATOM   1210 O  OE1 . GLN A 1 152 ? 10.179  2.360   4.893   1.00 45.19  ? 191 GLN A OE1 1 
ATOM   1211 N  NE2 . GLN A 1 152 ? 10.470  1.291   2.900   1.00 31.51  ? 191 GLN A NE2 1 
ATOM   1212 N  N   . PHE A 1 153 ? 4.801   2.657   6.034   1.00 28.61  ? 192 PHE A N   1 
ATOM   1213 C  CA  . PHE A 1 153 ? 4.041   2.992   7.264   1.00 30.78  ? 192 PHE A CA  1 
ATOM   1214 C  C   . PHE A 1 153 ? 4.222   1.839   8.235   1.00 31.12  ? 192 PHE A C   1 
ATOM   1215 O  O   . PHE A 1 153 ? 4.615   0.753   7.732   1.00 26.57  ? 192 PHE A O   1 
ATOM   1216 C  CB  . PHE A 1 153 ? 2.557   3.194   6.954   1.00 28.14  ? 192 PHE A CB  1 
ATOM   1217 C  CG  . PHE A 1 153 ? 1.835   1.995   6.387   1.00 28.01  ? 192 PHE A CG  1 
ATOM   1218 C  CD1 . PHE A 1 153 ? 1.195   1.082   7.219   1.00 27.64  ? 192 PHE A CD1 1 
ATOM   1219 C  CD2 . PHE A 1 153 ? 1.738   1.810   5.014   1.00 31.30  ? 192 PHE A CD2 1 
ATOM   1220 C  CE1 . PHE A 1 153 ? 0.507   -0.003  6.682   1.00 33.60  ? 192 PHE A CE1 1 
ATOM   1221 C  CE2 . PHE A 1 153 ? 1.033   0.733   4.482   1.00 34.38  ? 192 PHE A CE2 1 
ATOM   1222 C  CZ  . PHE A 1 153 ? 0.428   -0.189  5.310   1.00 30.86  ? 192 PHE A CZ  1 
ATOM   1223 N  N   . ILE A 1 154 ? 3.909   2.063   9.515   1.00 29.32  ? 193 ILE A N   1 
ATOM   1224 C  CA  . ILE A 1 154 ? 3.775   0.995   10.541  1.00 31.40  ? 193 ILE A CA  1 
ATOM   1225 C  C   . ILE A 1 154 ? 2.285   0.770   10.756  1.00 32.69  ? 193 ILE A C   1 
ATOM   1226 O  O   . ILE A 1 154 ? 1.540   1.759   10.804  1.00 36.03  ? 193 ILE A O   1 
ATOM   1227 C  CB  . ILE A 1 154 ? 4.508   1.393   11.836  1.00 35.05  ? 193 ILE A CB  1 
ATOM   1228 C  CG1 . ILE A 1 154 ? 6.019   1.514   11.592  1.00 42.95  ? 193 ILE A CG1 1 
ATOM   1229 C  CG2 . ILE A 1 154 ? 4.193   0.416   12.954  1.00 32.62  ? 193 ILE A CG2 1 
ATOM   1230 C  CD1 . ILE A 1 154 ? 6.799   2.269   12.666  1.00 45.00  ? 193 ILE A CD1 1 
ATOM   1231 N  N   . ALA A 1 155 ? 1.861   -0.487  10.807  1.00 34.19  ? 194 ALA A N   1 
ATOM   1232 C  CA  . ALA A 1 155 ? 0.469   -0.862  11.127  1.00 34.83  ? 194 ALA A CA  1 
ATOM   1233 C  C   . ALA A 1 155 ? 0.259   -0.670  12.631  1.00 40.24  ? 194 ALA A C   1 
ATOM   1234 O  O   . ALA A 1 155 ? 1.024   -1.293  13.444  1.00 41.91  ? 194 ALA A O   1 
ATOM   1235 C  CB  . ALA A 1 155 ? 0.175   -2.271  10.688  1.00 35.76  ? 194 ALA A CB  1 
ATOM   1236 N  N   . VAL A 1 156 ? -0.700  0.189   12.992  1.00 39.49  ? 195 VAL A N   1 
ATOM   1237 C  CA  . VAL A 1 156 ? -1.005  0.569   14.406  1.00 38.96  ? 195 VAL A CA  1 
ATOM   1238 C  C   . VAL A 1 156 ? -2.514  0.414   14.624  1.00 41.74  ? 195 VAL A C   1 
ATOM   1239 O  O   . VAL A 1 156 ? -3.270  0.610   13.640  1.00 40.76  ? 195 VAL A O   1 
ATOM   1240 C  CB  . VAL A 1 156 ? -0.506  1.991   14.743  1.00 35.26  ? 195 VAL A CB  1 
ATOM   1241 C  CG1 . VAL A 1 156 ? 1.002   2.158   14.544  1.00 34.91  ? 195 VAL A CG1 1 
ATOM   1242 C  CG2 . VAL A 1 156 ? -1.236  3.043   13.954  1.00 36.91  ? 195 VAL A CG2 1 
ATOM   1243 N  N   . THR A 1 157 ? -2.942  0.054   15.843  1.00 38.70  ? 196 THR A N   1 
ATOM   1244 C  CA  . THR A 1 157 ? -4.380  0.076   16.225  1.00 39.91  ? 196 THR A CA  1 
ATOM   1245 C  C   . THR A 1 157 ? -4.798  1.508   16.576  1.00 37.61  ? 196 THR A C   1 
ATOM   1246 O  O   . THR A 1 157 ? -5.976  1.803   16.475  1.00 39.61  ? 196 THR A O   1 
ATOM   1247 C  CB  . THR A 1 157 ? -4.682  -0.903  17.351  1.00 38.08  ? 196 THR A CB  1 
ATOM   1248 O  OG1 . THR A 1 157 ? -3.763  -0.540  18.373  1.00 49.20  ? 196 THR A OG1 1 
ATOM   1249 C  CG2 . THR A 1 157 ? -4.481  -2.350  16.967  1.00 40.76  ? 196 THR A CG2 1 
ATOM   1250 N  N   . ALA A 1 158 ? -3.851  2.371   16.935  1.00 43.03  ? 197 ALA A N   1 
ATOM   1251 C  CA  . ALA A 1 158 ? -4.062  3.797   17.290  1.00 41.96  ? 197 ALA A CA  1 
ATOM   1252 C  C   . ALA A 1 158 ? -2.801  4.573   16.958  1.00 38.33  ? 197 ALA A C   1 
ATOM   1253 O  O   . ALA A 1 158 ? -1.724  4.009   17.085  1.00 41.36  ? 197 ALA A O   1 
ATOM   1254 C  CB  . ALA A 1 158 ? -4.381  3.952   18.760  1.00 41.97  ? 197 ALA A CB  1 
ATOM   1255 N  N   . TYR A 1 159 ? -2.939  5.838   16.613  1.00 39.38  ? 198 TYR A N   1 
ATOM   1256 C  CA  . TYR A 1 159 ? -1.794  6.709   16.301  1.00 39.62  ? 198 TYR A CA  1 
ATOM   1257 C  C   . TYR A 1 159 ? -0.992  6.917   17.577  1.00 42.05  ? 198 TYR A C   1 
ATOM   1258 O  O   . TYR A 1 159 ? -1.594  7.100   18.623  1.00 44.89  ? 198 TYR A O   1 
ATOM   1259 C  CB  . TYR A 1 159 ? -2.284  8.014   15.684  1.00 42.63  ? 198 TYR A CB  1 
ATOM   1260 C  CG  . TYR A 1 159 ? -2.884  7.860   14.311  1.00 44.92  ? 198 TYR A CG  1 
ATOM   1261 C  CD1 . TYR A 1 159 ? -2.346  6.985   13.383  1.00 43.55  ? 198 TYR A CD1 1 
ATOM   1262 C  CD2 . TYR A 1 159 ? -3.985  8.605   13.921  1.00 48.74  ? 198 TYR A CD2 1 
ATOM   1263 C  CE1 . TYR A 1 159 ? -2.892  6.839   12.118  1.00 45.25  ? 198 TYR A CE1 1 
ATOM   1264 C  CE2 . TYR A 1 159 ? -4.547  8.472   12.659  1.00 48.82  ? 198 TYR A CE2 1 
ATOM   1265 C  CZ  . TYR A 1 159 ? -3.997  7.591   11.748  1.00 48.87  ? 198 TYR A CZ  1 
ATOM   1266 O  OH  . TYR A 1 159 ? -4.541  7.477   10.499  1.00 46.70  ? 198 TYR A OH  1 
ATOM   1267 N  N   . GLN A 1 160 ? 0.333   6.855   17.472  1.00 43.22  ? 199 GLN A N   1 
ATOM   1268 C  CA  . GLN A 1 160 ? 1.276   7.082   18.590  1.00 42.35  ? 199 GLN A CA  1 
ATOM   1269 C  C   . GLN A 1 160 ? 1.855   8.493   18.458  1.00 39.58  ? 199 GLN A C   1 
ATOM   1270 O  O   . GLN A 1 160 ? 1.877   9.234   19.452  1.00 41.17  ? 199 GLN A O   1 
ATOM   1271 C  CB  . GLN A 1 160 ? 2.338   5.986   18.570  1.00 49.06  ? 199 GLN A CB  1 
ATOM   1272 C  CG  . GLN A 1 160 ? 1.825   4.642   19.076  1.00 50.34  ? 199 GLN A CG  1 
ATOM   1273 C  CD  . GLN A 1 160 ? 1.511   4.724   20.548  1.00 51.62  ? 199 GLN A CD  1 
ATOM   1274 O  OE1 . GLN A 1 160 ? 1.956   5.622   21.255  1.00 60.63  ? 199 GLN A OE1 1 
ATOM   1275 N  NE2 . GLN A 1 160 ? 0.725   3.786   21.029  1.00 62.19  ? 199 GLN A NE2 1 
ATOM   1276 N  N   . ASN A 1 161 ? 2.309   8.853   17.266  1.00 38.90  ? 200 ASN A N   1 
ATOM   1277 C  CA  . ASN A 1 161 ? 2.859   10.200  16.985  1.00 40.33  ? 200 ASN A CA  1 
ATOM   1278 C  C   . ASN A 1 161 ? 1.662   11.102  16.624  1.00 44.22  ? 200 ASN A C   1 
ATOM   1279 O  O   . ASN A 1 161 ? 0.967   10.814  15.639  1.00 43.59  ? 200 ASN A O   1 
ATOM   1280 C  CB  . ASN A 1 161 ? 4.002   10.158  15.967  1.00 33.47  ? 200 ASN A CB  1 
ATOM   1281 C  CG  . ASN A 1 161 ? 4.557   11.537  15.714  1.00 36.25  ? 200 ASN A CG  1 
ATOM   1282 O  OD1 . ASN A 1 161 ? 4.218   12.462  16.435  1.00 33.88  ? 200 ASN A OD1 1 
ATOM   1283 N  ND2 . ASN A 1 161 ? 5.292   11.718  14.632  1.00 35.68  ? 200 ASN A ND2 1 
ATOM   1284 N  N   . GLU A 1 162 ? 1.419   12.122  17.453  1.00 45.20  ? 201 GLU A N   1 
ATOM   1285 C  CA  . GLU A 1 162 ? 0.292   13.075  17.314  1.00 47.53  ? 201 GLU A CA  1 
ATOM   1286 C  C   . GLU A 1 162 ? 0.559   13.912  16.074  1.00 40.58  ? 201 GLU A C   1 
ATOM   1287 O  O   . GLU A 1 162 ? -0.408  14.431  15.500  1.00 38.66  ? 201 GLU A O   1 
ATOM   1288 C  CB  . GLU A 1 162 ? 0.135   13.953  18.557  1.00 51.01  ? 201 GLU A CB  1 
ATOM   1289 C  CG  . GLU A 1 162 ? 1.358   14.804  18.828  1.00 59.31  ? 201 GLU A CG  1 
ATOM   1290 C  CD  . GLU A 1 162 ? 1.163   15.941  19.810  1.00 62.82  ? 201 GLU A CD  1 
ATOM   1291 O  OE1 . GLU A 1 162 ? 0.115   15.947  20.509  1.00 60.73  ? 201 GLU A OE1 1 
ATOM   1292 O  OE2 . GLU A 1 162 ? 2.069   16.821  19.863  1.00 62.23  ? 201 GLU A OE2 1 
ATOM   1293 N  N   . GLU A 1 163 ? 1.821   13.982  15.654  1.00 43.27  ? 202 GLU A N   1 
ATOM   1294 C  CA  . GLU A 1 163 ? 2.226   14.778  14.468  1.00 43.64  ? 202 GLU A CA  1 
ATOM   1295 C  C   . GLU A 1 163 ? 1.635   14.126  13.224  1.00 40.13  ? 202 GLU A C   1 
ATOM   1296 O  O   . GLU A 1 163 ? 1.234   14.849  12.322  1.00 37.97  ? 202 GLU A O   1 
ATOM   1297 C  CB  . GLU A 1 163 ? 3.737   14.915  14.450  1.00 44.82  ? 202 GLU A CB  1 
ATOM   1298 C  CG  . GLU A 1 163 ? 4.206   15.700  15.658  1.00 53.92  ? 202 GLU A CG  1 
ATOM   1299 C  CD  . GLU A 1 163 ? 5.638   16.203  15.649  1.00 53.99  ? 202 GLU A CD  1 
ATOM   1300 O  OE1 . GLU A 1 163 ? 6.247   16.153  14.586  1.00 44.92  ? 202 GLU A OE1 1 
ATOM   1301 O  OE2 . GLU A 1 163 ? 6.121   16.668  16.725  1.00 63.25  ? 202 GLU A OE2 1 
ATOM   1302 N  N   . ILE A 1 164 ? 1.527   12.804  13.237  1.00 39.40  ? 203 ILE A N   1 
ATOM   1303 C  CA  . ILE A 1 164 ? 0.903   12.023  12.139  1.00 42.96  ? 203 ILE A CA  1 
ATOM   1304 C  C   . ILE A 1 164 ? -0.592  12.321  12.148  1.00 44.46  ? 203 ILE A C   1 
ATOM   1305 O  O   . ILE A 1 164 ? -1.120  12.676  11.062  1.00 43.51  ? 203 ILE A O   1 
ATOM   1306 C  CB  . ILE A 1 164 ? 1.225   10.518  12.295  1.00 42.67  ? 203 ILE A CB  1 
ATOM   1307 C  CG1 . ILE A 1 164 ? 2.654   10.234  11.841  1.00 41.38  ? 203 ILE A CG1 1 
ATOM   1308 C  CG2 . ILE A 1 164 ? 0.210   9.627   11.577  1.00 42.00  ? 203 ILE A CG2 1 
ATOM   1309 C  CD1 . ILE A 1 164 ? 2.944   10.608  10.402  1.00 40.84  ? 203 ILE A CD1 1 
ATOM   1310 N  N   . THR A 1 165 ? -1.229  12.168  13.319  1.00 40.76  ? 204 THR A N   1 
ATOM   1311 C  CA  . THR A 1 165 ? -2.680  12.415  13.510  1.00 42.49  ? 204 THR A CA  1 
ATOM   1312 C  C   . THR A 1 165 ? -2.988  13.778  12.878  1.00 46.27  ? 204 THR A C   1 
ATOM   1313 O  O   . THR A 1 165 ? -3.947  13.890  12.066  1.00 43.96  ? 204 THR A O   1 
ATOM   1314 C  CB  . THR A 1 165 ? -3.071  12.331  14.992  1.00 48.61  ? 204 THR A CB  1 
ATOM   1315 O  OG1 . THR A 1 165 ? -2.328  11.279  15.610  1.00 51.76  ? 204 THR A OG1 1 
ATOM   1316 C  CG2 . THR A 1 165 ? -4.546  12.077  15.205  1.00 47.23  ? 204 THR A CG2 1 
ATOM   1317 N  N   . ALA A 1 166 ? -2.151  14.768  13.191  1.00 38.89  ? 205 ALA A N   1 
ATOM   1318 C  CA  . ALA A 1 166 ? -2.370  16.172  12.819  1.00 39.08  ? 205 ALA A CA  1 
ATOM   1319 C  C   . ALA A 1 166 ? -2.416  16.256  11.293  1.00 39.38  ? 205 ALA A C   1 
ATOM   1320 O  O   . ALA A 1 166 ? -3.349  16.859  10.742  1.00 37.16  ? 205 ALA A O   1 
ATOM   1321 C  CB  . ALA A 1 166 ? -1.289  17.030  13.418  1.00 37.56  ? 205 ALA A CB  1 
ATOM   1322 N  N   . LEU A 1 167 ? -1.430  15.638  10.651  1.00 47.87  ? 206 LEU A N   1 
ATOM   1323 C  CA  . LEU A 1 167 ? -1.270  15.619  9.181   1.00 45.57  ? 206 LEU A CA  1 
ATOM   1324 C  C   . LEU A 1 167 ? -2.460  14.875  8.573   1.00 39.66  ? 206 LEU A C   1 
ATOM   1325 O  O   . LEU A 1 167 ? -2.959  15.354  7.574   1.00 38.61  ? 206 LEU A O   1 
ATOM   1326 C  CB  . LEU A 1 167 ? 0.051   14.927  8.817   1.00 49.06  ? 206 LEU A CB  1 
ATOM   1327 C  CG  . LEU A 1 167 ? 1.291   15.807  8.628   1.00 49.28  ? 206 LEU A CG  1 
ATOM   1328 C  CD1 . LEU A 1 167 ? 2.208   15.191  7.585   1.00 49.16  ? 206 LEU A CD1 1 
ATOM   1329 C  CD2 . LEU A 1 167 ? 0.975   17.241  8.231   1.00 47.88  ? 206 LEU A CD2 1 
ATOM   1330 N  N   . LYS A 1 168 ? -2.889  13.760  9.175   1.00 37.07  ? 207 LYS A N   1 
ATOM   1331 C  CA  . LYS A 1 168 ? -3.989  12.920  8.634   1.00 38.57  ? 207 LYS A CA  1 
ATOM   1332 C  C   . LYS A 1 168 ? -5.269  13.763  8.588   1.00 39.66  ? 207 LYS A C   1 
ATOM   1333 O  O   . LYS A 1 168 ? -6.012  13.660  7.610   1.00 39.20  ? 207 LYS A O   1 
ATOM   1334 C  CB  . LYS A 1 168 ? -4.216  11.651  9.458   1.00 36.18  ? 207 LYS A CB  1 
ATOM   1335 C  CG  . LYS A 1 168 ? -3.045  10.678  9.504   1.00 41.36  ? 207 LYS A CG  1 
ATOM   1336 C  CD  . LYS A 1 168 ? -3.004  9.655   8.372   1.00 43.18  ? 207 LYS A CD  1 
ATOM   1337 C  CE  . LYS A 1 168 ? -1.904  8.621   8.526   1.00 41.45  ? 207 LYS A CE  1 
ATOM   1338 N  NZ  . LYS A 1 168 ? -2.392  7.250   8.229   1.00 44.76  ? 207 LYS A NZ  1 
ATOM   1339 N  N   . ILE A 1 169 ? -5.512  14.563  9.617   1.00 42.08  ? 208 ILE A N   1 
ATOM   1340 C  CA  . ILE A 1 169 ? -6.689  15.479  9.673   1.00 48.75  ? 208 ILE A CA  1 
ATOM   1341 C  C   . ILE A 1 169 ? -6.453  16.678  8.745   1.00 48.30  ? 208 ILE A C   1 
ATOM   1342 O  O   . ILE A 1 169 ? -7.409  17.090  8.064   1.00 43.15  ? 208 ILE A O   1 
ATOM   1343 C  CB  . ILE A 1 169 ? -6.991  15.943  11.111  1.00 39.05  ? 208 ILE A CB  1 
ATOM   1344 C  CG1 . ILE A 1 169 ? -7.328  14.769  12.017  1.00 34.77  ? 208 ILE A CG1 1 
ATOM   1345 C  CG2 . ILE A 1 169 ? -8.109  16.959  11.100  1.00 44.33  ? 208 ILE A CG2 1 
ATOM   1346 C  CD1 . ILE A 1 169 ? -6.967  15.010  13.454  1.00 36.98  ? 208 ILE A CD1 1 
ATOM   1347 N  N   . LYS A 1 170 ? -5.255  17.254  8.737   1.00 47.77  ? 209 LYS A N   1 
ATOM   1348 C  CA  . LYS A 1 170 ? -5.009  18.466  7.901   1.00 54.42  ? 209 LYS A CA  1 
ATOM   1349 C  C   . LYS A 1 170 ? -5.391  18.190  6.433   1.00 48.42  ? 209 LYS A C   1 
ATOM   1350 O  O   . LYS A 1 170 ? -6.033  19.047  5.838   1.00 57.89  ? 209 LYS A O   1 
ATOM   1351 C  CB  . LYS A 1 170 ? -3.555  18.923  8.006   1.00 57.64  ? 209 LYS A CB  1 
ATOM   1352 C  CG  . LYS A 1 170 ? -3.298  20.409  7.777   1.00 60.36  ? 209 LYS A CG  1 
ATOM   1353 C  CD  . LYS A 1 170 ? -1.816  20.749  7.925   1.00 67.58  ? 209 LYS A CD  1 
ATOM   1354 C  CE  . LYS A 1 170 ? -1.516  22.099  8.541   1.00 73.50  ? 209 LYS A CE  1 
ATOM   1355 N  NZ  . LYS A 1 170 ? -1.667  23.194  7.556   1.00 80.57  ? 209 LYS A NZ  1 
ATOM   1356 N  N   . TYR A 1 171 ? -5.018  17.035  5.887   1.00 45.25  ? 210 TYR A N   1 
ATOM   1357 C  CA  . TYR A 1 171 ? -5.014  16.732  4.433   1.00 46.92  ? 210 TYR A CA  1 
ATOM   1358 C  C   . TYR A 1 171 ? -6.095  15.712  4.080   1.00 41.94  ? 210 TYR A C   1 
ATOM   1359 O  O   . TYR A 1 171 ? -6.110  15.317  2.915   1.00 45.33  ? 210 TYR A O   1 
ATOM   1360 C  CB  . TYR A 1 171 ? -3.634  16.230  3.974   1.00 51.58  ? 210 TYR A CB  1 
ATOM   1361 C  CG  . TYR A 1 171 ? -2.571  17.294  4.060   1.00 52.64  ? 210 TYR A CG  1 
ATOM   1362 C  CD1 . TYR A 1 171 ? -2.492  18.284  3.100   1.00 54.24  ? 210 TYR A CD1 1 
ATOM   1363 C  CD2 . TYR A 1 171 ? -1.701  17.360  5.142   1.00 52.89  ? 210 TYR A CD2 1 
ATOM   1364 C  CE1 . TYR A 1 171 ? -1.557  19.300  3.196   1.00 59.51  ? 210 TYR A CE1 1 
ATOM   1365 C  CE2 . TYR A 1 171 ? -0.762  18.372  5.256   1.00 54.14  ? 210 TYR A CE2 1 
ATOM   1366 C  CZ  . TYR A 1 171 ? -0.704  19.353  4.286   1.00 56.28  ? 210 TYR A CZ  1 
ATOM   1367 O  OH  . TYR A 1 171 ? 0.202   20.363  4.394   1.00 60.43  ? 210 TYR A OH  1 
ATOM   1368 N  N   . ASN A 1 172 ? -6.990  15.339  4.996   1.00 47.75  ? 211 ASN A N   1 
ATOM   1369 C  CA  . ASN A 1 172 ? -8.085  14.360  4.728   1.00 49.61  ? 211 ASN A CA  1 
ATOM   1370 C  C   . ASN A 1 172 ? -9.232  14.998  3.933   1.00 51.02  ? 211 ASN A C   1 
ATOM   1371 O  O   . ASN A 1 172 ? -9.233  16.186  3.617   1.00 56.85  ? 211 ASN A O   1 
ATOM   1372 C  CB  . ASN A 1 172 ? -8.676  13.792  6.010   1.00 56.91  ? 211 ASN A CB  1 
ATOM   1373 C  CG  . ASN A 1 172 ? -9.554  14.791  6.725   1.00 60.13  ? 211 ASN A CG  1 
ATOM   1374 O  OD1 . ASN A 1 172 ? -10.189 14.457  7.719   1.00 73.63  ? 211 ASN A OD1 1 
ATOM   1375 N  ND2 . ASN A 1 172 ? -9.616  16.006  6.211   1.00 63.88  ? 211 ASN A ND2 1 
HETATM 1376 CD CD  . CD  B 2 .   ? 10.852  -2.908  -2.508  0.50 34.68  ? 301 CD  A CD  1 
HETATM 1377 CD CD  . CD  C 2 .   ? 12.037  -0.399  -0.152  1.00 34.45  ? 302 CD  A CD  1 
HETATM 1378 CD CD  . CD  D 2 .   ? -6.571  -12.921 2.898   1.00 70.77  ? 303 CD  A CD  1 
HETATM 1379 CD CD  . CD  E 2 .   ? 17.222  -7.308  11.579  1.00 44.12  ? 304 CD  A CD  1 
HETATM 1380 CD CD  . CD  F 2 .   ? -4.337  -14.777 0.201   1.00 64.73  ? 305 CD  A CD  1 
HETATM 1381 CD CD  . CD  G 2 .   ? -12.762 2.622   -19.021 1.00 120.05 ? 306 CD  A CD  1 
HETATM 1382 N  N1  . O2A H 3 .   ? 3.510   -13.632 10.172  0.80 38.95  ? 307 O2A A N1  1 
HETATM 1383 C  C4  . O2A H 3 .   ? 1.001   -12.176 10.229  0.80 40.80  ? 307 O2A A C4  1 
HETATM 1384 C  C5  . O2A H 3 .   ? -0.206  -11.482 10.243  0.80 41.30  ? 307 O2A A C5  1 
HETATM 1385 C  C6  . O2A H 3 .   ? -0.631  -10.769 9.159   0.80 37.34  ? 307 O2A A C6  1 
HETATM 1386 C  C7  . O2A H 3 .   ? 0.181   -10.744 8.020   0.80 37.41  ? 307 O2A A C7  1 
HETATM 1387 C  C8  . O2A H 3 .   ? 0.066   -10.121 6.747   0.80 39.43  ? 307 O2A A C8  1 
HETATM 1388 C  C10 . O2A H 3 .   ? 1.394   -11.452 8.015   0.80 35.33  ? 307 O2A A C10 1 
HETATM 1389 C  C1  . O2A H 3 .   ? 4.854   -14.167 10.367  0.80 34.69  ? 307 O2A A C1  1 
HETATM 1390 C  C2  . O2A H 3 .   ? 3.171   -12.889 9.118   0.80 35.78  ? 307 O2A A C2  1 
HETATM 1391 O  O1  . O2A H 3 .   ? 3.990   -12.668 8.226   0.80 39.81  ? 307 O2A A O1  1 
HETATM 1392 C  C3  . O2A H 3 .   ? 1.840   -12.197 9.113   0.80 35.66  ? 307 O2A A C3  1 
HETATM 1393 C  C9  . O2A H 3 .   ? 1.165   -10.472 6.035   0.80 34.62  ? 307 O2A A C9  1 
HETATM 1394 N  N2  . O2A H 3 .   ? 1.973   -11.261 6.799   0.80 37.28  ? 307 O2A A N2  1 
HETATM 1395 O  O   . HOH I 4 .   ? -12.263 -2.307  -2.961  1.00 56.88  ? 401 HOH A O   1 
HETATM 1396 O  O   . HOH I 4 .   ? 1.731   -10.599 -1.788  1.00 56.99  ? 402 HOH A O   1 
HETATM 1397 O  O   . HOH I 4 .   ? -10.815 -3.217  15.498  1.00 56.45  ? 403 HOH A O   1 
HETATM 1398 O  O   . HOH I 4 .   ? -14.125 -4.862  -12.734 1.00 40.79  ? 404 HOH A O   1 
HETATM 1399 O  O   . HOH I 4 .   ? -12.233 2.145   -9.544  1.00 63.33  ? 405 HOH A O   1 
HETATM 1400 O  O   . HOH I 4 .   ? -2.009  -7.269  13.396  1.00 59.48  ? 406 HOH A O   1 
HETATM 1401 O  O   . HOH I 4 .   ? -5.747  2.241   7.717   1.00 40.87  ? 407 HOH A O   1 
HETATM 1402 O  O   . HOH I 4 .   ? 12.751  -1.083  7.909   1.00 27.92  ? 408 HOH A O   1 
HETATM 1403 O  O   . HOH I 4 .   ? -2.909  -10.618 4.018   1.00 61.90  ? 409 HOH A O   1 
HETATM 1404 O  O   . HOH I 4 .   ? 10.333  -4.052  -1.502  0.34 1.06   ? 410 HOH A O   1 
HETATM 1405 O  O   . HOH I 4 .   ? 5.061   8.377   13.585  1.00 38.47  ? 411 HOH A O   1 
HETATM 1406 O  O   . HOH I 4 .   ? 2.268   -4.848  -21.736 1.00 40.56  ? 412 HOH A O   1 
HETATM 1407 O  O   . HOH I 4 .   ? -9.681  0.668   -3.983  1.00 35.33  ? 413 HOH A O   1 
HETATM 1408 O  O   . HOH I 4 .   ? 1.792   17.356  12.097  1.00 44.48  ? 414 HOH A O   1 
HETATM 1409 O  O   . HOH I 4 .   ? 6.977   5.972   6.851   1.00 38.73  ? 415 HOH A O   1 
HETATM 1410 O  O   . HOH I 4 .   ? 1.108   14.806  -7.629  1.00 50.38  ? 416 HOH A O   1 
HETATM 1411 O  O   . HOH I 4 .   ? 4.835   7.095   4.206   1.00 34.38  ? 417 HOH A O   1 
HETATM 1412 O  O   . HOH I 4 .   ? -2.423  5.934   -15.017 1.00 45.72  ? 418 HOH A O   1 
HETATM 1413 O  O   . HOH I 4 .   ? -0.623  8.495   -4.016  1.00 35.34  ? 419 HOH A O   1 
HETATM 1414 O  O   . HOH I 4 .   ? -7.819  2.883   1.338   1.00 31.89  ? 420 HOH A O   1 
HETATM 1415 O  O   . HOH I 4 .   ? 8.513   -4.582  10.389  1.00 38.84  ? 421 HOH A O   1 
HETATM 1416 O  O   . HOH I 4 .   ? -2.778  10.169  -2.812  1.00 47.55  ? 422 HOH A O   1 
HETATM 1417 O  O   . HOH I 4 .   ? -12.576 4.145   -11.994 1.00 60.49  ? 423 HOH A O   1 
HETATM 1418 O  O   . HOH I 4 .   ? 10.017  7.553   15.257  1.00 42.80  ? 424 HOH A O   1 
HETATM 1419 O  O   . HOH I 4 .   ? 6.401   16.782  19.495  1.00 47.09  ? 425 HOH A O   1 
HETATM 1420 O  O   . HOH I 4 .   ? -8.538  4.037   -9.935  1.00 43.09  ? 426 HOH A O   1 
HETATM 1421 O  O   . HOH I 4 .   ? -13.766 -4.678  -15.546 0.50 35.66  ? 427 HOH A O   1 
HETATM 1422 O  O   . HOH I 4 .   ? -4.630  3.089   -0.772  1.00 34.69  ? 428 HOH A O   1 
HETATM 1423 O  O   . HOH I 4 .   ? 8.141   -8.621  -12.693 1.00 33.49  ? 429 HOH A O   1 
HETATM 1424 O  O   . HOH I 4 .   ? 8.328   2.521   -13.708 1.00 37.28  ? 430 HOH A O   1 
HETATM 1425 O  O   . HOH I 4 .   ? 9.427   -6.627  -4.183  1.00 24.84  ? 431 HOH A O   1 
HETATM 1426 O  O   . HOH I 4 .   ? 3.013   -6.396  -16.858 1.00 54.44  ? 432 HOH A O   1 
HETATM 1427 O  O   . HOH I 4 .   ? 2.672   12.038  20.082  1.00 40.56  ? 433 HOH A O   1 
HETATM 1428 O  O   . HOH I 4 .   ? 14.909  -7.444  9.210   1.00 40.51  ? 434 HOH A O   1 
HETATM 1429 O  O   . HOH I 4 .   ? -17.266 2.877   -0.084  1.00 46.71  ? 435 HOH A O   1 
HETATM 1430 O  O   . HOH I 4 .   ? 10.189  -2.251  -10.807 1.00 45.14  ? 436 HOH A O   1 
HETATM 1431 O  O   . HOH I 4 .   ? 12.484  0.952   6.039   1.00 68.42  ? 437 HOH A O   1 
HETATM 1432 O  O   . HOH I 4 .   ? -0.840  -0.732  18.140  1.00 34.98  ? 438 HOH A O   1 
HETATM 1433 O  O   . HOH I 4 .   ? -8.378  3.006   -12.193 1.00 41.58  ? 439 HOH A O   1 
HETATM 1434 O  O   . HOH I 4 .   ? -10.091 -4.443  1.237   1.00 38.16  ? 440 HOH A O   1 
HETATM 1435 O  O   . HOH I 4 .   ? -7.475  4.611   -14.219 1.00 41.84  ? 441 HOH A O   1 
HETATM 1436 O  O   . HOH I 4 .   ? -12.750 2.868   6.470   1.00 42.40  ? 442 HOH A O   1 
HETATM 1437 O  O   . HOH I 4 .   ? 11.154  -8.010  16.908  1.00 30.87  ? 443 HOH A O   1 
HETATM 1438 O  O   . HOH I 4 .   ? -5.968  6.430   16.706  1.00 39.56  ? 444 HOH A O   1 
HETATM 1439 O  O   . HOH I 4 .   ? -6.139  -10.937 4.558   1.00 33.51  ? 445 HOH A O   1 
HETATM 1440 O  O   . HOH I 4 .   ? 4.008   0.711   21.137  1.00 37.27  ? 446 HOH A O   1 
HETATM 1441 O  O   . HOH I 4 .   ? -4.170  -13.342 -1.926  1.00 30.69  ? 447 HOH A O   1 
HETATM 1442 O  O   . HOH I 4 .   ? 3.312   16.063  -5.204  1.00 52.39  ? 448 HOH A O   1 
HETATM 1443 O  O   . HOH I 4 .   ? 10.342  -1.539  -7.782  1.00 19.56  ? 449 HOH A O   1 
HETATM 1444 O  O   . HOH I 4 .   ? -4.652  11.136  -1.232  1.00 46.06  ? 450 HOH A O   1 
HETATM 1445 O  O   . HOH I 4 .   ? -7.549  -10.628 0.353   1.00 40.15  ? 451 HOH A O   1 
HETATM 1446 O  O   . HOH I 4 .   ? -10.995 1.790   -6.359  1.00 40.03  ? 452 HOH A O   1 
HETATM 1447 O  O   . HOH I 4 .   ? 17.143  -9.262  11.115  1.00 18.04  ? 453 HOH A O   1 
HETATM 1448 O  O   . HOH I 4 .   ? -1.958  -12.875 -11.025 1.00 22.51  ? 454 HOH A O   1 
HETATM 1449 O  O   . HOH I 4 .   ? 11.470  1.151   -5.311  1.00 44.99  ? 455 HOH A O   1 
HETATM 1450 O  O   . HOH I 4 .   ? -10.919 1.550   -21.982 1.00 51.02  ? 456 HOH A O   1 
HETATM 1451 O  O   . HOH I 4 .   ? 8.751   -4.750  -6.693  1.00 15.41  ? 457 HOH A O   1 
HETATM 1452 O  O   . HOH I 4 .   ? -1.155  -13.503 4.700   1.00 46.91  ? 458 HOH A O   1 
HETATM 1453 O  O   . HOH I 4 .   ? -3.468  21.892  4.502   1.00 66.09  ? 459 HOH A O   1 
HETATM 1454 O  O   . HOH I 4 .   ? -6.874  20.442  10.145  1.00 40.64  ? 460 HOH A O   1 
HETATM 1455 O  O   . HOH I 4 .   ? 11.417  7.686   -0.055  1.00 45.08  ? 461 HOH A O   1 
HETATM 1456 O  O   . HOH I 4 .   ? 1.178   -10.730 -9.199  1.00 27.32  ? 462 HOH A O   1 
HETATM 1457 O  O   . HOH I 4 .   ? -0.216  19.377  10.788  1.00 32.65  ? 463 HOH A O   1 
HETATM 1458 O  O   . HOH I 4 .   ? -18.246 1.381   -1.533  1.00 44.23  ? 464 HOH A O   1 
HETATM 1459 O  O   . HOH I 4 .   ? -5.310  -11.978 -11.730 1.00 41.14  ? 465 HOH A O   1 
HETATM 1460 O  O   . HOH I 4 .   ? 4.505   19.918  14.569  1.00 46.02  ? 466 HOH A O   1 
HETATM 1461 O  O   . HOH I 4 .   ? -5.820  23.129  4.896   1.00 55.02  ? 467 HOH A O   1 
HETATM 1462 O  O   . HOH I 4 .   ? 3.031   -6.561  -19.706 1.00 32.08  ? 468 HOH A O   1 
HETATM 1463 O  O   . HOH I 4 .   ? -7.597  11.305  13.918  1.00 47.25  ? 469 HOH A O   1 
HETATM 1464 O  O   . HOH I 4 .   ? -15.073 -0.600  -3.355  1.00 49.20  ? 470 HOH A O   1 
HETATM 1465 O  O   . HOH I 4 .   ? -7.124  -14.453 0.991   1.00 40.56  ? 471 HOH A O   1 
# 
